data_7TMD
#
_entry.id   7TMD
#
_cell.length_a   95.093
_cell.length_b   154.714
_cell.length_c   150.557
_cell.angle_alpha   90.000
_cell.angle_beta   91.040
_cell.angle_gamma   90.000
#
_symmetry.space_group_name_H-M   'I 1 2 1'
#
loop_
_entity.id
_entity.type
_entity.pdbx_description
1 polymer 'Ornithine carbamoyltransferase'
2 non-polymer 'IODIDE ION'
3 non-polymer 'BROMIDE ION'
4 water water
#
_entity_poly.entity_id   1
_entity_poly.type   'polypeptide(L)'
_entity_poly.pdbx_seq_one_letter_code
;MAHHHHHHMSAFYQKHFLKLLDFTPAEITALLELAAKLKADKKNGIEVQKLAGKNIALIFEKDSTRTRCSFEVAAYDQGA
RVTYLGPSGSQIGHKESIKDTARVLGRMYDGIQYRGHGQEVVETLAQYAGVPVWNGLTNEFHPTQLLADLLTMKEHLPGK
AFNQMTLVYAGDARNNMGNSMLEAAALTGLDLRLVAPSACWPEAALVETCTALAKQQGGNITLTEDIAAGVKGADFIYTD
VWVSMGEAKEKWAERIALLRDYQVNSAMLALTGNPQVKFLHCLPAFHDDQTTLGKQMAADYGLHGGMEVTDEVFESAASV
VFDQAENRMHTIKAVMVATLSR
;
_entity_poly.pdbx_strand_id   A,B,C,D,E,F
#
# COMPACT_ATOMS: atom_id res chain seq x y z
N ALA A 11 -16.58 -12.43 -26.07
CA ALA A 11 -17.53 -11.83 -27.00
C ALA A 11 -18.80 -11.34 -26.29
N PHE A 12 -18.62 -10.86 -25.05
CA PHE A 12 -19.54 -9.92 -24.43
C PHE A 12 -18.90 -8.53 -24.37
N TYR A 13 -17.65 -8.43 -24.80
CA TYR A 13 -16.89 -7.20 -24.69
C TYR A 13 -17.63 -6.04 -25.37
N GLN A 14 -17.88 -4.99 -24.58
CA GLN A 14 -18.50 -3.73 -24.99
C GLN A 14 -19.96 -3.89 -25.40
N LYS A 15 -20.60 -4.99 -25.06
CA LYS A 15 -22.03 -5.19 -25.29
C LYS A 15 -22.82 -4.88 -24.02
N HIS A 16 -24.12 -4.68 -24.20
CA HIS A 16 -25.02 -4.32 -23.12
C HIS A 16 -25.66 -5.59 -22.54
N PHE A 17 -26.31 -5.46 -21.37
CA PHE A 17 -27.05 -6.57 -20.75
C PHE A 17 -28.46 -6.09 -20.42
N LEU A 18 -29.34 -6.11 -21.43
CA LEU A 18 -30.65 -5.49 -21.34
C LEU A 18 -31.79 -6.47 -21.06
N LYS A 19 -31.69 -7.70 -21.58
CA LYS A 19 -32.65 -8.77 -21.34
C LYS A 19 -31.98 -10.09 -21.73
N LEU A 20 -32.59 -11.20 -21.31
CA LEU A 20 -31.91 -12.47 -21.49
C LEU A 20 -31.87 -12.91 -22.95
N LEU A 21 -32.95 -12.63 -23.70
CA LEU A 21 -33.04 -13.09 -25.07
C LEU A 21 -32.24 -12.26 -26.05
N ASP A 22 -31.46 -11.29 -25.59
CA ASP A 22 -30.45 -10.75 -26.47
C ASP A 22 -29.25 -11.68 -26.60
N PHE A 23 -29.23 -12.83 -25.89
CA PHE A 23 -28.12 -13.77 -25.94
C PHE A 23 -28.62 -15.15 -26.35
N THR A 24 -27.68 -16.00 -26.77
CA THR A 24 -28.00 -17.40 -27.03
C THR A 24 -27.88 -18.21 -25.75
N PRO A 25 -28.38 -19.45 -25.76
CA PRO A 25 -28.15 -20.32 -24.60
C PRO A 25 -26.68 -20.50 -24.28
N ALA A 26 -25.81 -20.63 -25.28
CA ALA A 26 -24.42 -20.91 -24.97
C ALA A 26 -23.72 -19.70 -24.37
N GLU A 27 -24.14 -18.50 -24.76
CA GLU A 27 -23.59 -17.29 -24.16
C GLU A 27 -24.05 -17.18 -22.72
N ILE A 28 -25.34 -17.35 -22.46
CA ILE A 28 -25.79 -17.35 -21.07
C ILE A 28 -25.05 -18.43 -20.28
N THR A 29 -24.87 -19.61 -20.87
CA THR A 29 -24.11 -20.64 -20.19
C THR A 29 -22.69 -20.18 -19.90
N ALA A 30 -22.06 -19.50 -20.88
CA ALA A 30 -20.70 -18.97 -20.66
C ALA A 30 -20.70 -17.96 -19.51
N LEU A 31 -21.76 -17.18 -19.39
CA LEU A 31 -21.85 -16.18 -18.36
C LEU A 31 -22.04 -16.80 -16.99
N LEU A 32 -22.86 -17.85 -16.90
CA LEU A 32 -23.06 -18.54 -15.62
C LEU A 32 -21.77 -19.20 -15.14
N GLU A 33 -21.01 -19.83 -16.05
CA GLU A 33 -19.77 -20.47 -15.65
C GLU A 33 -18.73 -19.46 -15.20
N LEU A 34 -18.83 -18.23 -15.71
CA LEU A 34 -17.94 -17.16 -15.26
C LEU A 34 -18.30 -16.73 -13.85
N ALA A 35 -19.60 -16.52 -13.59
CA ALA A 35 -20.09 -16.26 -12.26
C ALA A 35 -19.59 -17.31 -11.26
N ALA A 36 -19.71 -18.59 -11.63
CA ALA A 36 -19.22 -19.69 -10.77
C ALA A 36 -17.73 -19.56 -10.50
N LYS A 37 -16.95 -19.24 -11.52
CA LYS A 37 -15.51 -19.12 -11.34
C LYS A 37 -15.18 -17.94 -10.43
N LEU A 38 -15.84 -16.80 -10.65
CA LEU A 38 -15.57 -15.64 -9.81
C LEU A 38 -16.10 -15.85 -8.39
N LYS A 39 -17.16 -16.64 -8.21
CA LYS A 39 -17.57 -16.99 -6.86
C LYS A 39 -16.51 -17.84 -6.17
N ALA A 40 -16.04 -18.88 -6.87
CA ALA A 40 -15.02 -19.75 -6.28
C ALA A 40 -13.72 -19.00 -6.05
N ASP A 41 -13.30 -18.15 -6.99
CA ASP A 41 -12.06 -17.40 -6.80
C ASP A 41 -12.11 -16.51 -5.56
N LYS A 42 -13.27 -15.93 -5.25
CA LYS A 42 -13.38 -15.11 -4.06
C LYS A 42 -13.48 -15.96 -2.80
N LYS A 43 -14.25 -17.03 -2.84
CA LYS A 43 -14.28 -17.91 -1.68
C LYS A 43 -12.89 -18.44 -1.34
N ASN A 44 -12.06 -18.72 -2.34
CA ASN A 44 -10.73 -19.25 -2.06
C ASN A 44 -9.68 -18.16 -1.91
N GLY A 45 -10.08 -16.88 -1.96
CA GLY A 45 -9.15 -15.81 -1.70
C GLY A 45 -8.16 -15.57 -2.82
N ILE A 46 -8.55 -15.84 -4.07
CA ILE A 46 -7.64 -15.71 -5.19
C ILE A 46 -8.36 -15.00 -6.34
N GLU A 47 -9.21 -14.03 -5.98
CA GLU A 47 -9.88 -13.22 -6.99
C GLU A 47 -8.87 -12.33 -7.69
N VAL A 48 -8.99 -12.22 -9.01
CA VAL A 48 -8.13 -11.38 -9.83
C VAL A 48 -8.91 -10.14 -10.25
N GLN A 49 -8.49 -8.97 -9.78
CA GLN A 49 -9.18 -7.74 -10.11
C GLN A 49 -8.97 -7.42 -11.59
N LYS A 50 -10.06 -7.46 -12.37
CA LYS A 50 -10.03 -7.11 -13.80
C LYS A 50 -10.51 -5.69 -14.08
N LEU A 51 -11.20 -5.04 -13.16
CA LEU A 51 -11.84 -3.75 -13.42
C LEU A 51 -11.12 -2.59 -12.74
N ALA A 52 -9.87 -2.77 -12.35
CA ALA A 52 -9.14 -1.67 -11.72
C ALA A 52 -8.99 -0.54 -12.71
N GLY A 53 -9.16 0.69 -12.23
CA GLY A 53 -9.17 1.86 -13.07
C GLY A 53 -10.51 2.16 -13.71
N LYS A 54 -11.50 1.27 -13.57
CA LYS A 54 -12.82 1.50 -14.16
C LYS A 54 -13.69 2.26 -13.17
N ASN A 55 -14.51 3.16 -13.70
CA ASN A 55 -15.54 3.87 -12.95
C ASN A 55 -16.90 3.51 -13.50
N ILE A 56 -17.82 3.19 -12.60
CA ILE A 56 -19.14 2.70 -12.95
C ILE A 56 -20.16 3.61 -12.29
N ALA A 57 -21.22 3.93 -13.02
CA ALA A 57 -22.29 4.77 -12.51
C ALA A 57 -23.56 3.94 -12.34
N LEU A 58 -24.21 4.07 -11.20
CA LEU A 58 -25.40 3.30 -10.87
C LEU A 58 -26.60 4.25 -10.84
N ILE A 59 -27.42 4.19 -11.88
CA ILE A 59 -28.62 5.02 -11.97
C ILE A 59 -29.77 4.26 -11.30
N PHE A 60 -30.23 4.76 -10.16
CA PHE A 60 -31.39 4.19 -9.47
C PHE A 60 -32.51 5.24 -9.46
N GLU A 61 -33.44 5.11 -10.39
CA GLU A 61 -34.65 5.92 -10.32
C GLU A 61 -35.63 5.34 -9.34
N LYS A 62 -35.50 4.06 -9.01
CA LYS A 62 -36.22 3.44 -7.90
C LYS A 62 -35.22 2.71 -7.03
N ASP A 63 -35.45 2.77 -5.73
CA ASP A 63 -34.57 2.13 -4.78
C ASP A 63 -34.68 0.60 -4.83
N SER A 64 -33.53 -0.05 -4.59
CA SER A 64 -33.48 -1.48 -4.31
C SER A 64 -32.12 -1.75 -3.71
N THR A 65 -32.09 -1.98 -2.40
CA THR A 65 -30.82 -2.18 -1.73
C THR A 65 -30.13 -3.46 -2.17
N ARG A 66 -30.90 -4.51 -2.48
CA ARG A 66 -30.29 -5.76 -2.92
C ARG A 66 -29.52 -5.55 -4.22
N THR A 67 -30.08 -4.79 -5.16
CA THR A 67 -29.41 -4.57 -6.43
C THR A 67 -28.26 -3.58 -6.27
N ARG A 68 -28.46 -2.52 -5.49
CA ARG A 68 -27.36 -1.58 -5.26
C ARG A 68 -26.14 -2.28 -4.64
N CYS A 69 -26.36 -3.02 -3.57
CA CYS A 69 -25.21 -3.66 -2.90
C CYS A 69 -24.55 -4.69 -3.80
N SER A 70 -25.34 -5.47 -4.55
CA SER A 70 -24.75 -6.43 -5.47
C SER A 70 -23.85 -5.73 -6.48
N PHE A 71 -24.29 -4.60 -7.02
CA PHE A 71 -23.44 -3.88 -7.98
C PHE A 71 -22.23 -3.25 -7.30
N GLU A 72 -22.42 -2.67 -6.10
CA GLU A 72 -21.30 -2.03 -5.41
C GLU A 72 -20.23 -3.05 -5.04
N VAL A 73 -20.63 -4.16 -4.42
CA VAL A 73 -19.65 -5.13 -3.95
C VAL A 73 -18.94 -5.82 -5.12
N ALA A 74 -19.68 -6.11 -6.19
CA ALA A 74 -19.03 -6.76 -7.33
C ALA A 74 -18.01 -5.82 -7.96
N ALA A 75 -18.41 -4.56 -8.16
CA ALA A 75 -17.47 -3.53 -8.61
C ALA A 75 -16.26 -3.48 -7.72
N TYR A 76 -16.48 -3.29 -6.41
CA TYR A 76 -15.38 -3.13 -5.48
C TYR A 76 -14.48 -4.35 -5.47
N ASP A 77 -15.08 -5.55 -5.45
CA ASP A 77 -14.27 -6.78 -5.52
C ASP A 77 -13.37 -6.75 -6.76
N GLN A 78 -13.87 -6.27 -7.88
CA GLN A 78 -13.09 -6.23 -9.12
C GLN A 78 -12.21 -4.99 -9.25
N GLY A 79 -12.07 -4.19 -8.19
CA GLY A 79 -11.20 -3.04 -8.24
C GLY A 79 -11.79 -1.77 -8.83
N ALA A 80 -13.07 -1.75 -9.17
CA ALA A 80 -13.66 -0.56 -9.77
C ALA A 80 -14.15 0.39 -8.69
N ARG A 81 -14.53 1.60 -9.10
CA ARG A 81 -15.18 2.55 -8.21
C ARG A 81 -16.57 2.88 -8.77
N VAL A 82 -17.48 3.26 -7.87
CA VAL A 82 -18.87 3.42 -8.25
C VAL A 82 -19.34 4.79 -7.79
N THR A 83 -20.32 5.32 -8.51
CA THR A 83 -21.03 6.51 -8.10
C THR A 83 -22.51 6.14 -8.09
N TYR A 84 -23.12 6.20 -6.92
CA TYR A 84 -24.51 5.79 -6.76
C TYR A 84 -25.39 7.01 -6.94
N LEU A 85 -26.20 7.00 -8.00
CA LEU A 85 -27.13 8.08 -8.31
C LEU A 85 -28.54 7.64 -7.92
N GLY A 86 -28.89 7.92 -6.66
CA GLY A 86 -30.15 7.49 -6.13
C GLY A 86 -31.32 8.26 -6.73
N PRO A 87 -32.52 7.88 -6.36
CA PRO A 87 -33.70 8.64 -6.80
C PRO A 87 -33.56 10.11 -6.45
N SER A 88 -33.80 10.97 -7.43
CA SER A 88 -33.55 12.41 -7.26
C SER A 88 -34.50 13.16 -8.17
N GLY A 89 -35.55 13.73 -7.58
CA GLY A 89 -36.43 14.60 -8.31
C GLY A 89 -37.05 13.92 -9.51
N SER A 90 -36.89 14.54 -10.68
CA SER A 90 -37.61 14.16 -11.89
C SER A 90 -36.86 13.07 -12.65
N GLN A 91 -37.59 12.02 -13.02
CA GLN A 91 -36.99 10.88 -13.67
C GLN A 91 -36.42 11.28 -15.03
N ILE A 92 -35.48 10.45 -15.51
CA ILE A 92 -34.78 10.73 -16.74
C ILE A 92 -35.75 10.75 -17.92
N GLY A 93 -35.68 11.81 -18.73
CA GLY A 93 -36.58 12.01 -19.84
C GLY A 93 -37.75 12.93 -19.55
N HIS A 94 -37.90 13.39 -18.31
CA HIS A 94 -38.95 14.34 -17.99
C HIS A 94 -38.55 15.74 -18.43
N LYS A 95 -37.45 16.26 -17.88
CA LYS A 95 -36.90 17.56 -18.17
C LYS A 95 -35.72 17.48 -19.12
N GLU A 96 -34.87 16.47 -18.95
CA GLU A 96 -33.65 16.28 -19.73
C GLU A 96 -33.74 14.98 -20.50
N SER A 97 -33.34 15.05 -21.77
CA SER A 97 -33.34 13.90 -22.66
C SER A 97 -32.57 12.72 -22.08
N ILE A 98 -33.10 11.52 -22.29
CA ILE A 98 -32.34 10.31 -22.02
C ILE A 98 -31.03 10.33 -22.78
N LYS A 99 -31.08 10.69 -24.08
CA LYS A 99 -29.86 10.76 -24.90
C LYS A 99 -28.79 11.62 -24.25
N ASP A 100 -29.18 12.76 -23.67
CA ASP A 100 -28.20 13.66 -23.11
C ASP A 100 -27.58 13.09 -21.85
N THR A 101 -28.41 12.51 -20.98
CA THR A 101 -27.89 11.84 -19.79
C THR A 101 -26.91 10.74 -20.19
N ALA A 102 -27.30 9.91 -21.17
CA ALA A 102 -26.41 8.87 -21.69
C ALA A 102 -25.05 9.45 -22.09
N ARG A 103 -25.06 10.44 -22.96
CA ARG A 103 -23.80 10.87 -23.56
C ARG A 103 -22.90 11.58 -22.57
N VAL A 104 -23.46 12.33 -21.62
CA VAL A 104 -22.65 12.94 -20.58
C VAL A 104 -22.02 11.87 -19.68
N LEU A 105 -22.81 10.88 -19.25
CA LEU A 105 -22.26 9.81 -18.41
C LEU A 105 -21.21 9.00 -19.15
N GLY A 106 -21.45 8.71 -20.43
CA GLY A 106 -20.51 7.91 -21.19
C GLY A 106 -19.15 8.55 -21.38
N ARG A 107 -19.09 9.89 -21.38
CA ARG A 107 -17.83 10.60 -21.50
C ARG A 107 -16.96 10.46 -20.26
N MET A 108 -17.56 10.10 -19.14
CA MET A 108 -16.93 10.09 -17.82
C MET A 108 -16.84 8.69 -17.20
N TYR A 109 -17.78 7.79 -17.49
CA TYR A 109 -17.84 6.48 -16.89
C TYR A 109 -17.59 5.40 -17.94
N ASP A 110 -17.09 4.27 -17.47
CA ASP A 110 -16.80 3.10 -18.31
C ASP A 110 -17.96 2.13 -18.41
N GLY A 111 -18.96 2.24 -17.55
CA GLY A 111 -20.17 1.45 -17.66
C GLY A 111 -21.25 2.02 -16.77
N ILE A 112 -22.49 1.73 -17.13
CA ILE A 112 -23.65 2.35 -16.50
C ILE A 112 -24.67 1.28 -16.17
N GLN A 113 -25.13 1.24 -14.92
CA GLN A 113 -26.25 0.38 -14.52
C GLN A 113 -27.50 1.24 -14.45
N TYR A 114 -28.59 0.76 -15.05
CA TYR A 114 -29.87 1.42 -14.97
C TYR A 114 -30.89 0.55 -14.25
N ARG A 115 -31.70 1.20 -13.42
CA ARG A 115 -32.81 0.56 -12.73
C ARG A 115 -33.92 1.60 -12.59
N GLY A 116 -35.11 1.28 -13.06
CA GLY A 116 -36.20 2.18 -12.78
C GLY A 116 -37.48 1.87 -13.51
N HIS A 117 -37.61 2.40 -14.73
CA HIS A 117 -38.89 2.43 -15.42
C HIS A 117 -38.84 1.62 -16.71
N GLY A 118 -39.30 2.21 -17.83
CA GLY A 118 -39.51 1.42 -19.03
C GLY A 118 -38.24 0.87 -19.63
N GLN A 119 -38.42 -0.25 -20.34
CA GLN A 119 -37.32 -0.85 -21.10
C GLN A 119 -36.81 0.09 -22.17
N GLU A 120 -37.66 1.00 -22.63
CA GLU A 120 -37.23 1.95 -23.66
C GLU A 120 -36.21 2.94 -23.09
N VAL A 121 -36.26 3.22 -21.79
CA VAL A 121 -35.26 4.08 -21.15
C VAL A 121 -33.89 3.43 -21.23
N VAL A 122 -33.78 2.18 -20.78
CA VAL A 122 -32.47 1.53 -20.78
C VAL A 122 -32.03 1.21 -22.21
N GLU A 123 -32.97 1.03 -23.13
CA GLU A 123 -32.61 0.85 -24.54
C GLU A 123 -31.96 2.12 -25.11
N THR A 124 -32.56 3.27 -24.81
CA THR A 124 -32.01 4.53 -25.30
C THR A 124 -30.64 4.79 -24.69
N LEU A 125 -30.52 4.62 -23.36
CA LEU A 125 -29.24 4.82 -22.70
C LEU A 125 -28.16 4.00 -23.37
N ALA A 126 -28.51 2.79 -23.79
CA ALA A 126 -27.51 1.90 -24.36
C ALA A 126 -27.16 2.31 -25.77
N GLN A 127 -28.13 2.89 -26.48
CA GLN A 127 -27.86 3.32 -27.84
C GLN A 127 -26.89 4.50 -27.87
N TYR A 128 -26.93 5.38 -26.86
CA TYR A 128 -26.20 6.63 -26.91
C TYR A 128 -25.05 6.77 -25.92
N ALA A 129 -24.87 5.84 -24.98
CA ALA A 129 -23.83 6.00 -23.97
C ALA A 129 -22.41 5.75 -24.52
N GLY A 130 -22.25 4.84 -25.48
CA GLY A 130 -20.92 4.44 -25.94
C GLY A 130 -20.16 3.54 -24.99
N VAL A 131 -20.74 3.19 -23.85
CA VAL A 131 -20.16 2.23 -22.92
C VAL A 131 -21.24 1.21 -22.56
N PRO A 132 -20.87 0.06 -22.04
CA PRO A 132 -21.89 -0.94 -21.72
C PRO A 132 -22.89 -0.41 -20.72
N VAL A 133 -24.14 -0.81 -20.91
CA VAL A 133 -25.26 -0.45 -20.05
C VAL A 133 -25.95 -1.75 -19.65
N TRP A 134 -26.21 -1.90 -18.36
CA TRP A 134 -26.75 -3.12 -17.78
C TRP A 134 -28.09 -2.80 -17.12
N ASN A 135 -29.13 -3.54 -17.50
CA ASN A 135 -30.47 -3.38 -16.94
C ASN A 135 -30.57 -4.03 -15.58
N GLY A 136 -30.54 -3.22 -14.52
CA GLY A 136 -30.71 -3.72 -13.16
C GLY A 136 -32.15 -3.94 -12.74
N LEU A 137 -33.10 -3.54 -13.61
CA LEU A 137 -34.54 -3.80 -13.52
C LEU A 137 -35.32 -2.71 -14.27
N THR A 138 -36.19 -3.13 -15.19
CA THR A 138 -37.21 -2.27 -15.76
C THR A 138 -38.59 -2.84 -15.47
N ASN A 139 -39.62 -2.06 -15.80
CA ASN A 139 -40.99 -2.56 -15.74
C ASN A 139 -41.16 -3.88 -16.49
N GLU A 140 -40.42 -4.07 -17.58
CA GLU A 140 -40.66 -5.22 -18.45
C GLU A 140 -39.74 -6.40 -18.19
N PHE A 141 -38.48 -6.18 -17.78
CA PHE A 141 -37.53 -7.27 -17.65
C PHE A 141 -36.58 -7.04 -16.47
N HIS A 142 -36.05 -8.16 -15.98
CA HIS A 142 -35.21 -8.17 -14.79
C HIS A 142 -34.16 -9.27 -14.97
N PRO A 143 -33.25 -9.10 -15.93
CA PRO A 143 -32.38 -10.23 -16.31
C PRO A 143 -31.37 -10.62 -15.25
N THR A 144 -30.81 -9.67 -14.49
CA THR A 144 -29.77 -10.03 -13.52
C THR A 144 -30.33 -10.90 -12.41
N GLN A 145 -31.59 -10.68 -12.03
CA GLN A 145 -32.23 -11.57 -11.06
C GLN A 145 -32.28 -12.99 -11.59
N LEU A 146 -32.70 -13.17 -12.83
CA LEU A 146 -32.82 -14.52 -13.37
C LEU A 146 -31.45 -15.16 -13.56
N LEU A 147 -30.41 -14.37 -13.80
CA LEU A 147 -29.08 -14.94 -13.79
C LEU A 147 -28.78 -15.58 -12.45
N ALA A 148 -29.11 -14.88 -11.36
CA ALA A 148 -28.83 -15.40 -10.04
C ALA A 148 -29.63 -16.66 -9.78
N ASP A 149 -30.90 -16.67 -10.21
CA ASP A 149 -31.76 -17.82 -9.92
C ASP A 149 -31.27 -19.08 -10.65
N LEU A 150 -30.87 -18.94 -11.91
CA LEU A 150 -30.34 -20.07 -12.66
C LEU A 150 -29.08 -20.64 -12.02
N LEU A 151 -28.15 -19.79 -11.61
CA LEU A 151 -26.94 -20.29 -10.96
C LEU A 151 -27.28 -20.93 -9.62
N THR A 152 -28.26 -20.35 -8.90
CA THR A 152 -28.71 -20.94 -7.65
C THR A 152 -29.33 -22.32 -7.90
N MET A 153 -30.16 -22.43 -8.93
CA MET A 153 -30.75 -23.70 -9.29
C MET A 153 -29.69 -24.72 -9.66
N LYS A 154 -28.67 -24.31 -10.43
CA LYS A 154 -27.64 -25.28 -10.80
C LYS A 154 -26.88 -25.76 -9.58
N GLU A 155 -26.64 -24.87 -8.62
CA GLU A 155 -25.83 -25.27 -7.47
C GLU A 155 -26.57 -26.27 -6.59
N HIS A 156 -27.90 -26.14 -6.48
CA HIS A 156 -28.70 -26.98 -5.63
C HIS A 156 -29.20 -28.24 -6.32
N LEU A 157 -29.07 -28.34 -7.64
CA LEU A 157 -29.29 -29.59 -8.38
C LEU A 157 -28.13 -29.81 -9.35
N PRO A 158 -26.93 -30.07 -8.84
CA PRO A 158 -25.73 -29.94 -9.67
C PRO A 158 -25.60 -31.03 -10.72
N GLY A 159 -26.29 -32.15 -10.56
CA GLY A 159 -26.28 -33.23 -11.53
C GLY A 159 -27.27 -33.11 -12.66
N LYS A 160 -28.20 -32.16 -12.59
CA LYS A 160 -29.26 -32.01 -13.57
C LYS A 160 -28.95 -30.87 -14.52
N ALA A 161 -29.31 -31.05 -15.78
CA ALA A 161 -29.42 -29.96 -16.74
C ALA A 161 -30.70 -29.18 -16.51
N PHE A 162 -30.69 -27.92 -16.94
CA PHE A 162 -31.87 -27.08 -16.80
C PHE A 162 -33.08 -27.70 -17.48
N ASN A 163 -32.90 -28.31 -18.65
CA ASN A 163 -34.04 -28.93 -19.33
C ASN A 163 -34.44 -30.26 -18.70
N GLN A 164 -33.88 -30.61 -17.56
CA GLN A 164 -34.36 -31.67 -16.70
C GLN A 164 -35.02 -31.16 -15.42
N MET A 165 -35.17 -29.85 -15.26
CA MET A 165 -35.69 -29.23 -14.05
C MET A 165 -37.10 -28.69 -14.28
N THR A 166 -37.92 -28.73 -13.24
CA THR A 166 -39.27 -28.14 -13.27
C THR A 166 -39.28 -26.96 -12.31
N LEU A 167 -39.64 -25.77 -12.81
CA LEU A 167 -39.71 -24.58 -11.96
C LEU A 167 -41.11 -24.03 -11.93
N VAL A 168 -41.64 -23.87 -10.71
CA VAL A 168 -42.93 -23.25 -10.49
C VAL A 168 -42.71 -21.82 -10.04
N TYR A 169 -43.35 -20.89 -10.71
CA TYR A 169 -43.47 -19.52 -10.25
C TYR A 169 -44.94 -19.31 -9.91
N ALA A 170 -45.21 -18.93 -8.67
CA ALA A 170 -46.57 -18.85 -8.15
C ALA A 170 -46.85 -17.40 -7.79
N GLY A 171 -48.11 -17.00 -7.92
CA GLY A 171 -48.48 -15.63 -7.61
C GLY A 171 -48.88 -14.81 -8.81
N ASP A 172 -48.32 -13.62 -8.96
CA ASP A 172 -48.67 -12.70 -10.04
C ASP A 172 -47.50 -12.64 -11.01
N ALA A 173 -47.74 -13.02 -12.27
CA ALA A 173 -46.70 -13.05 -13.28
C ALA A 173 -46.88 -12.00 -14.39
N ARG A 174 -47.83 -11.10 -14.27
CA ARG A 174 -48.01 -10.04 -15.28
C ARG A 174 -47.11 -8.85 -14.94
N ASN A 175 -45.81 -9.07 -15.10
CA ASN A 175 -44.82 -8.11 -14.62
C ASN A 175 -43.44 -8.55 -15.10
N ASN A 176 -42.41 -7.81 -14.66
CA ASN A 176 -41.05 -8.09 -15.11
C ASN A 176 -40.59 -9.49 -14.69
N MET A 177 -41.06 -9.97 -13.55
CA MET A 177 -40.67 -11.31 -13.12
C MET A 177 -41.30 -12.38 -14.01
N GLY A 178 -42.59 -12.26 -14.31
CA GLY A 178 -43.20 -13.22 -15.22
C GLY A 178 -42.53 -13.22 -16.58
N ASN A 179 -42.27 -12.03 -17.13
CA ASN A 179 -41.57 -11.88 -18.40
C ASN A 179 -40.18 -12.51 -18.37
N SER A 180 -39.47 -12.38 -17.25
CA SER A 180 -38.10 -12.91 -17.19
C SER A 180 -38.09 -14.42 -16.98
N MET A 181 -39.06 -14.95 -16.25
CA MET A 181 -39.24 -16.40 -16.20
C MET A 181 -39.39 -16.97 -17.60
N LEU A 182 -40.23 -16.34 -18.42
CA LEU A 182 -40.42 -16.80 -19.80
C LEU A 182 -39.11 -16.78 -20.57
N GLU A 183 -38.40 -15.65 -20.51
CA GLU A 183 -37.09 -15.56 -21.16
C GLU A 183 -36.18 -16.69 -20.73
N ALA A 184 -36.04 -16.87 -19.41
CA ALA A 184 -35.15 -17.90 -18.89
C ALA A 184 -35.56 -19.29 -19.37
N ALA A 185 -36.86 -19.57 -19.38
CA ALA A 185 -37.32 -20.86 -19.89
C ALA A 185 -36.97 -21.01 -21.36
N ALA A 186 -37.07 -19.92 -22.12
CA ALA A 186 -36.76 -19.95 -23.54
C ALA A 186 -35.33 -20.37 -23.81
N LEU A 187 -34.39 -19.98 -22.93
CA LEU A 187 -32.97 -20.20 -23.16
C LEU A 187 -32.45 -21.49 -22.55
N THR A 188 -33.11 -22.03 -21.53
CA THR A 188 -32.58 -23.15 -20.76
C THR A 188 -33.32 -24.45 -20.97
N GLY A 189 -34.55 -24.42 -21.48
CA GLY A 189 -35.34 -25.63 -21.55
C GLY A 189 -36.02 -26.03 -20.27
N LEU A 190 -36.07 -25.13 -19.27
CA LEU A 190 -36.83 -25.40 -18.07
C LEU A 190 -38.24 -25.85 -18.40
N ASP A 191 -38.81 -26.69 -17.52
CA ASP A 191 -40.23 -27.01 -17.53
C ASP A 191 -40.89 -26.01 -16.59
N LEU A 192 -41.47 -24.95 -17.15
CA LEU A 192 -41.89 -23.78 -16.40
C LEU A 192 -43.41 -23.75 -16.26
N ARG A 193 -43.89 -23.70 -15.01
CA ARG A 193 -45.30 -23.52 -14.71
C ARG A 193 -45.49 -22.17 -14.04
N LEU A 194 -46.28 -21.31 -14.67
CA LEU A 194 -46.78 -20.11 -14.00
C LEU A 194 -48.11 -20.45 -13.36
N VAL A 195 -48.13 -20.51 -12.05
CA VAL A 195 -49.31 -20.88 -11.28
C VAL A 195 -49.87 -19.61 -10.68
N ALA A 196 -50.94 -19.12 -11.26
CA ALA A 196 -51.42 -17.77 -11.01
C ALA A 196 -52.85 -17.70 -11.47
N PRO A 197 -53.64 -16.74 -10.96
CA PRO A 197 -54.93 -16.46 -11.57
C PRO A 197 -54.72 -16.01 -13.00
N SER A 198 -55.76 -16.19 -13.83
CA SER A 198 -55.63 -15.94 -15.25
C SER A 198 -55.49 -14.45 -15.60
N ALA A 199 -55.95 -13.55 -14.75
CA ALA A 199 -55.69 -12.14 -14.99
C ALA A 199 -54.24 -11.76 -14.69
N CYS A 200 -53.43 -12.69 -14.18
CA CYS A 200 -52.07 -12.42 -13.75
C CYS A 200 -51.03 -13.12 -14.61
N TRP A 201 -51.36 -13.40 -15.82
CA TRP A 201 -50.41 -14.04 -16.71
C TRP A 201 -49.70 -12.99 -17.56
N PRO A 202 -48.50 -13.28 -18.03
CA PRO A 202 -47.78 -12.31 -18.89
C PRO A 202 -48.40 -12.22 -20.28
N GLU A 203 -48.00 -11.18 -21.02
CA GLU A 203 -48.57 -10.91 -22.33
C GLU A 203 -48.51 -12.14 -23.24
N ALA A 204 -49.63 -12.42 -23.90
CA ALA A 204 -49.76 -13.61 -24.72
C ALA A 204 -48.67 -13.69 -25.78
N ALA A 205 -48.35 -12.56 -26.39
CA ALA A 205 -47.33 -12.57 -27.45
C ALA A 205 -46.01 -13.08 -26.91
N LEU A 206 -45.54 -12.51 -25.80
CA LEU A 206 -44.28 -12.98 -25.23
C LEU A 206 -44.39 -14.44 -24.79
N VAL A 207 -45.55 -14.84 -24.24
CA VAL A 207 -45.74 -16.24 -23.87
C VAL A 207 -45.53 -17.14 -25.08
N GLU A 208 -46.18 -16.81 -26.20
CA GLU A 208 -46.09 -17.62 -27.41
C GLU A 208 -44.64 -17.73 -27.88
N THR A 209 -43.94 -16.60 -27.96
CA THR A 209 -42.56 -16.61 -28.44
C THR A 209 -41.67 -17.48 -27.57
N CYS A 210 -41.74 -17.30 -26.25
CA CYS A 210 -40.83 -18.05 -25.39
C CYS A 210 -41.22 -19.53 -25.31
N THR A 211 -42.52 -19.84 -25.41
CA THR A 211 -42.92 -21.25 -25.32
C THR A 211 -42.32 -22.07 -26.48
N ALA A 212 -42.33 -21.50 -27.70
CA ALA A 212 -41.74 -22.22 -28.84
C ALA A 212 -40.25 -22.43 -28.64
N LEU A 213 -39.55 -21.41 -28.10
CA LEU A 213 -38.12 -21.54 -27.85
C LEU A 213 -37.85 -22.54 -26.73
N ALA A 214 -38.59 -22.46 -25.62
CA ALA A 214 -38.42 -23.44 -24.55
C ALA A 214 -38.57 -24.86 -25.06
N LYS A 215 -39.55 -25.10 -25.94
CA LYS A 215 -39.77 -26.45 -26.45
C LYS A 215 -38.56 -26.95 -27.23
N GLN A 216 -37.87 -26.05 -27.96
CA GLN A 216 -36.72 -26.47 -28.75
C GLN A 216 -35.52 -26.76 -27.86
N GLN A 217 -35.36 -26.00 -26.78
CA GLN A 217 -34.31 -26.31 -25.81
C GLN A 217 -34.67 -27.50 -24.93
N GLY A 218 -35.79 -28.17 -25.19
CA GLY A 218 -36.17 -29.33 -24.43
C GLY A 218 -37.10 -29.07 -23.27
N GLY A 219 -37.87 -27.98 -23.30
CA GLY A 219 -38.63 -27.55 -22.15
C GLY A 219 -40.09 -27.31 -22.45
N ASN A 220 -40.75 -26.50 -21.62
CA ASN A 220 -42.17 -26.23 -21.75
C ASN A 220 -42.53 -25.03 -20.88
N ILE A 221 -43.64 -24.40 -21.22
CA ILE A 221 -44.22 -23.33 -20.43
C ILE A 221 -45.71 -23.59 -20.33
N THR A 222 -46.20 -23.75 -19.10
CA THR A 222 -47.61 -24.01 -18.82
C THR A 222 -48.12 -22.92 -17.88
N LEU A 223 -49.24 -22.31 -18.24
CA LEU A 223 -49.90 -21.31 -17.41
C LEU A 223 -51.21 -21.91 -16.92
N THR A 224 -51.44 -21.86 -15.61
CA THR A 224 -52.60 -22.52 -15.02
C THR A 224 -52.95 -21.92 -13.67
N GLU A 225 -54.24 -21.86 -13.39
CA GLU A 225 -54.76 -21.52 -12.08
C GLU A 225 -54.86 -22.73 -11.16
N ASP A 226 -54.52 -23.92 -11.66
CA ASP A 226 -54.69 -25.17 -10.91
C ASP A 226 -53.40 -25.44 -10.15
N ILE A 227 -53.42 -25.18 -8.84
CA ILE A 227 -52.20 -25.29 -8.03
C ILE A 227 -51.68 -26.71 -8.02
N ALA A 228 -52.58 -27.67 -7.71
CA ALA A 228 -52.16 -29.06 -7.52
C ALA A 228 -51.48 -29.61 -8.76
N ALA A 229 -52.10 -29.41 -9.93
CA ALA A 229 -51.46 -29.87 -11.15
C ALA A 229 -50.24 -29.02 -11.48
N GLY A 230 -50.32 -27.71 -11.19
CA GLY A 230 -49.20 -26.82 -11.50
C GLY A 230 -47.91 -27.20 -10.80
N VAL A 231 -48.00 -27.61 -9.53
CA VAL A 231 -46.80 -27.82 -8.72
C VAL A 231 -46.33 -29.27 -8.70
N LYS A 232 -47.14 -30.22 -9.21
CA LYS A 232 -46.69 -31.60 -9.34
C LYS A 232 -45.30 -31.67 -9.96
N GLY A 233 -44.37 -32.28 -9.24
CA GLY A 233 -43.03 -32.51 -9.76
C GLY A 233 -42.03 -31.40 -9.53
N ALA A 234 -42.42 -30.26 -8.96
CA ALA A 234 -41.54 -29.09 -8.89
C ALA A 234 -40.21 -29.42 -8.23
N ASP A 235 -39.12 -29.05 -8.89
CA ASP A 235 -37.84 -29.02 -8.21
C ASP A 235 -37.69 -27.76 -7.38
N PHE A 236 -38.27 -26.66 -7.85
CA PHE A 236 -38.23 -25.35 -7.20
C PHE A 236 -39.60 -24.70 -7.28
N ILE A 237 -40.00 -24.02 -6.20
CA ILE A 237 -41.12 -23.10 -6.18
C ILE A 237 -40.59 -21.71 -5.87
N TYR A 238 -41.08 -20.72 -6.63
CA TYR A 238 -40.60 -19.35 -6.65
C TYR A 238 -41.79 -18.43 -6.43
N THR A 239 -41.62 -17.36 -5.67
CA THR A 239 -42.71 -16.39 -5.58
C THR A 239 -42.15 -14.98 -5.31
N ASP A 240 -43.06 -14.02 -5.24
CA ASP A 240 -42.74 -12.61 -5.01
C ASP A 240 -43.95 -11.97 -4.33
N VAL A 241 -43.78 -10.73 -3.86
CA VAL A 241 -44.84 -10.05 -3.12
C VAL A 241 -45.98 -9.72 -4.07
N TRP A 242 -47.22 -9.79 -3.55
CA TRP A 242 -48.42 -9.52 -4.32
C TRP A 242 -48.69 -8.03 -4.54
N VAL A 243 -48.12 -7.17 -3.72
CA VAL A 243 -48.49 -5.77 -3.65
C VAL A 243 -47.24 -4.92 -3.77
N SER A 244 -47.37 -3.78 -4.43
CA SER A 244 -46.32 -2.76 -4.46
C SER A 244 -46.67 -1.66 -3.46
N MET A 245 -45.69 -1.26 -2.66
CA MET A 245 -45.93 -0.20 -1.68
C MET A 245 -46.24 1.11 -2.41
N GLY A 246 -47.15 1.90 -1.83
CA GLY A 246 -47.57 3.15 -2.42
C GLY A 246 -48.88 3.06 -3.20
N GLU A 247 -49.38 1.85 -3.48
CA GLU A 247 -50.66 1.69 -4.14
C GLU A 247 -51.81 1.76 -3.13
N ALA A 248 -52.98 2.13 -3.63
CA ALA A 248 -54.13 2.42 -2.78
C ALA A 248 -54.50 1.21 -1.90
N LYS A 249 -55.22 1.49 -0.82
CA LYS A 249 -55.66 0.43 0.09
C LYS A 249 -56.65 -0.50 -0.59
N GLU A 250 -57.53 0.04 -1.43
CA GLU A 250 -58.45 -0.83 -2.17
C GLU A 250 -57.68 -1.76 -3.10
N LYS A 251 -56.60 -1.27 -3.71
CA LYS A 251 -55.81 -2.12 -4.59
C LYS A 251 -55.08 -3.21 -3.84
N TRP A 252 -54.63 -2.95 -2.60
CA TRP A 252 -54.09 -4.02 -1.79
C TRP A 252 -55.16 -5.07 -1.51
N ALA A 253 -56.34 -4.63 -1.11
CA ALA A 253 -57.39 -5.58 -0.74
C ALA A 253 -57.84 -6.43 -1.93
N GLU A 254 -57.81 -5.88 -3.15
CA GLU A 254 -58.24 -6.68 -4.29
C GLU A 254 -57.15 -7.65 -4.73
N ARG A 255 -55.88 -7.25 -4.65
CA ARG A 255 -54.80 -8.16 -4.97
C ARG A 255 -54.69 -9.28 -3.93
N ILE A 256 -54.89 -8.97 -2.66
CA ILE A 256 -54.83 -9.98 -1.61
C ILE A 256 -55.94 -11.01 -1.80
N ALA A 257 -57.17 -10.52 -2.02
CA ALA A 257 -58.30 -11.41 -2.28
C ALA A 257 -58.02 -12.32 -3.47
N LEU A 258 -57.36 -11.80 -4.49
CA LEU A 258 -57.14 -12.54 -5.72
C LEU A 258 -55.99 -13.54 -5.58
N LEU A 259 -54.94 -13.22 -4.82
CA LEU A 259 -53.73 -14.02 -4.81
C LEU A 259 -53.52 -14.86 -3.57
N ARG A 260 -54.22 -14.58 -2.47
CA ARG A 260 -53.87 -15.27 -1.24
C ARG A 260 -53.98 -16.78 -1.39
N ASP A 261 -54.91 -17.27 -2.21
CA ASP A 261 -54.99 -18.71 -2.44
C ASP A 261 -53.70 -19.27 -3.02
N TYR A 262 -52.88 -18.42 -3.65
CA TYR A 262 -51.63 -18.83 -4.24
C TYR A 262 -50.44 -18.65 -3.29
N GLN A 263 -50.71 -18.44 -2.01
CA GLN A 263 -49.64 -18.39 -1.04
C GLN A 263 -48.82 -19.68 -1.09
N VAL A 264 -47.50 -19.53 -1.15
CA VAL A 264 -46.60 -20.67 -1.00
C VAL A 264 -46.57 -21.07 0.48
N ASN A 265 -47.15 -22.22 0.81
CA ASN A 265 -47.14 -22.68 2.19
C ASN A 265 -46.82 -24.17 2.22
N SER A 266 -46.71 -24.73 3.42
CA SER A 266 -46.31 -26.13 3.54
C SER A 266 -47.22 -27.06 2.75
N ALA A 267 -48.51 -26.74 2.66
CA ALA A 267 -49.42 -27.61 1.91
C ALA A 267 -49.06 -27.59 0.44
N MET A 268 -48.64 -26.45 -0.08
CA MET A 268 -48.27 -26.38 -1.49
C MET A 268 -46.98 -27.14 -1.75
N LEU A 269 -46.00 -27.05 -0.85
CA LEU A 269 -44.79 -27.85 -1.02
C LEU A 269 -45.11 -29.33 -1.01
N ALA A 270 -45.98 -29.74 -0.09
CA ALA A 270 -46.36 -31.15 -0.02
C ALA A 270 -47.01 -31.60 -1.32
N LEU A 271 -47.80 -30.73 -1.94
CA LEU A 271 -48.46 -31.07 -3.20
C LEU A 271 -47.49 -31.35 -4.33
N THR A 272 -46.21 -30.96 -4.22
CA THR A 272 -45.27 -31.30 -5.29
C THR A 272 -44.99 -32.80 -5.35
N GLY A 273 -45.14 -33.51 -4.23
CA GLY A 273 -44.70 -34.89 -4.21
C GLY A 273 -43.20 -35.05 -4.22
N ASN A 274 -42.47 -33.96 -4.06
CA ASN A 274 -41.00 -33.96 -4.14
C ASN A 274 -40.40 -33.54 -2.80
N PRO A 275 -39.91 -34.48 -2.00
CA PRO A 275 -39.30 -34.08 -0.72
C PRO A 275 -38.10 -33.17 -0.89
N GLN A 276 -37.49 -33.14 -2.07
CA GLN A 276 -36.30 -32.35 -2.34
C GLN A 276 -36.61 -30.93 -2.81
N VAL A 277 -37.88 -30.54 -2.84
CA VAL A 277 -38.24 -29.28 -3.48
C VAL A 277 -37.65 -28.12 -2.69
N LYS A 278 -37.18 -27.09 -3.42
CA LYS A 278 -36.51 -25.92 -2.86
C LYS A 278 -37.31 -24.65 -3.16
N PHE A 279 -37.11 -23.62 -2.36
CA PHE A 279 -37.92 -22.40 -2.43
C PHE A 279 -37.06 -21.19 -2.79
N LEU A 280 -37.50 -20.42 -3.78
CA LEU A 280 -36.80 -19.23 -4.21
C LEU A 280 -37.71 -18.03 -4.04
N HIS A 281 -37.09 -16.87 -3.82
CA HIS A 281 -37.81 -15.62 -3.68
C HIS A 281 -36.80 -14.49 -3.92
N CYS A 282 -37.09 -13.59 -4.88
CA CYS A 282 -36.14 -12.55 -5.27
C CYS A 282 -35.89 -11.53 -4.16
N LEU A 283 -36.85 -11.34 -3.27
CA LEU A 283 -36.76 -10.51 -2.07
C LEU A 283 -36.98 -9.04 -2.43
N PRO A 284 -37.43 -8.23 -1.47
CA PRO A 284 -37.78 -8.58 -0.09
C PRO A 284 -39.09 -9.36 -0.02
N ALA A 285 -39.28 -10.12 1.06
CA ALA A 285 -40.45 -10.97 1.19
C ALA A 285 -41.24 -10.55 2.43
N PHE A 286 -42.55 -10.79 2.36
CA PHE A 286 -43.49 -10.59 3.45
C PHE A 286 -43.88 -11.97 3.98
N HIS A 287 -43.05 -12.51 4.87
CA HIS A 287 -43.27 -13.80 5.51
C HIS A 287 -43.46 -13.71 7.02
N ASP A 288 -43.16 -12.55 7.62
CA ASP A 288 -43.05 -12.39 9.07
C ASP A 288 -44.19 -11.48 9.51
N ASP A 289 -45.17 -12.04 10.22
CA ASP A 289 -46.34 -11.28 10.64
C ASP A 289 -46.07 -10.45 11.90
N GLN A 290 -44.81 -10.27 12.28
CA GLN A 290 -44.43 -9.44 13.41
C GLN A 290 -43.72 -8.15 13.01
N THR A 291 -43.29 -8.01 11.77
CA THR A 291 -42.86 -6.70 11.33
C THR A 291 -44.04 -5.74 11.47
N THR A 292 -43.75 -4.45 11.39
CA THR A 292 -44.84 -3.49 11.56
C THR A 292 -45.91 -3.71 10.50
N LEU A 293 -45.51 -3.92 9.25
CA LEU A 293 -46.47 -4.18 8.18
C LEU A 293 -47.11 -5.56 8.35
N GLY A 294 -46.30 -6.58 8.64
CA GLY A 294 -46.87 -7.88 8.93
C GLY A 294 -48.03 -7.80 9.91
N LYS A 295 -47.89 -6.96 10.95
CA LYS A 295 -48.94 -6.83 11.95
C LYS A 295 -50.18 -6.16 11.39
N GLN A 296 -50.01 -5.19 10.49
CA GLN A 296 -51.19 -4.56 9.91
C GLN A 296 -51.92 -5.52 8.98
N MET A 297 -51.17 -6.32 8.22
CA MET A 297 -51.80 -7.22 7.27
C MET A 297 -52.43 -8.40 7.99
N ALA A 298 -51.84 -8.82 9.10
CA ALA A 298 -52.47 -9.88 9.88
C ALA A 298 -53.78 -9.40 10.46
N ALA A 299 -53.79 -8.19 11.01
CA ALA A 299 -55.00 -7.64 11.62
C ALA A 299 -56.06 -7.30 10.58
N ASP A 300 -55.66 -6.76 9.42
CA ASP A 300 -56.63 -6.26 8.45
C ASP A 300 -57.14 -7.34 7.49
N TYR A 301 -56.27 -8.25 7.07
CA TYR A 301 -56.66 -9.25 6.09
C TYR A 301 -56.51 -10.67 6.63
N GLY A 302 -56.18 -10.83 7.91
CA GLY A 302 -56.04 -12.15 8.46
C GLY A 302 -54.80 -12.89 8.02
N LEU A 303 -53.78 -12.16 7.57
CA LEU A 303 -52.60 -12.80 6.97
C LEU A 303 -51.59 -13.22 8.04
N HIS A 304 -52.08 -14.03 8.98
CA HIS A 304 -51.20 -14.62 9.98
C HIS A 304 -50.34 -15.70 9.34
N GLY A 305 -49.09 -15.80 9.79
CA GLY A 305 -48.13 -16.71 9.23
C GLY A 305 -47.34 -16.20 8.04
N GLY A 306 -47.74 -15.09 7.44
CA GLY A 306 -47.10 -14.51 6.27
C GLY A 306 -48.09 -14.33 5.12
N MET A 307 -47.58 -13.75 4.02
CA MET A 307 -48.40 -13.36 2.88
C MET A 307 -48.11 -14.28 1.71
N GLU A 308 -47.25 -13.89 0.75
CA GLU A 308 -47.02 -14.69 -0.45
C GLU A 308 -46.30 -16.00 -0.14
N VAL A 309 -45.68 -16.09 1.03
CA VAL A 309 -44.97 -17.27 1.50
C VAL A 309 -45.01 -17.22 3.02
N THR A 310 -45.13 -18.39 3.64
CA THR A 310 -45.22 -18.45 5.09
C THR A 310 -43.82 -18.37 5.71
N ASP A 311 -43.77 -17.87 6.95
CA ASP A 311 -42.53 -17.93 7.71
C ASP A 311 -41.95 -19.35 7.77
N GLU A 312 -42.80 -20.36 8.00
CA GLU A 312 -42.28 -21.73 8.10
C GLU A 312 -41.56 -22.14 6.82
N VAL A 313 -42.20 -21.97 5.66
CA VAL A 313 -41.51 -22.31 4.42
C VAL A 313 -40.25 -21.44 4.28
N PHE A 314 -40.39 -20.14 4.52
CA PHE A 314 -39.27 -19.23 4.28
C PHE A 314 -38.05 -19.62 5.11
N GLU A 315 -38.26 -20.03 6.35
CA GLU A 315 -37.16 -20.36 7.25
C GLU A 315 -36.72 -21.81 7.16
N SER A 316 -37.40 -22.64 6.34
CA SER A 316 -37.15 -24.07 6.32
C SER A 316 -35.90 -24.40 5.51
N ALA A 317 -35.47 -25.66 5.65
CA ALA A 317 -34.29 -26.14 4.93
C ALA A 317 -34.49 -26.10 3.42
N ALA A 318 -35.75 -26.15 2.98
CA ALA A 318 -36.09 -26.04 1.57
C ALA A 318 -35.72 -24.69 0.99
N SER A 319 -35.66 -23.66 1.83
CA SER A 319 -35.53 -22.31 1.36
C SER A 319 -34.06 -21.98 1.08
N VAL A 320 -33.78 -21.51 -0.12
CA VAL A 320 -32.39 -21.17 -0.47
C VAL A 320 -32.29 -19.70 -0.84
N VAL A 321 -33.21 -18.89 -0.30
CA VAL A 321 -33.33 -17.49 -0.71
C VAL A 321 -32.04 -16.70 -0.52
N PHE A 322 -31.22 -17.06 0.49
CA PHE A 322 -30.03 -16.26 0.76
C PHE A 322 -28.82 -16.73 -0.04
N ASP A 323 -28.75 -18.02 -0.40
CA ASP A 323 -27.85 -18.42 -1.49
C ASP A 323 -28.19 -17.65 -2.75
N GLN A 324 -29.50 -17.49 -3.00
CA GLN A 324 -29.98 -16.79 -4.17
C GLN A 324 -29.64 -15.30 -4.13
N ALA A 325 -29.74 -14.67 -2.94
CA ALA A 325 -29.34 -13.27 -2.80
C ALA A 325 -27.84 -13.09 -3.01
N GLU A 326 -27.03 -13.92 -2.37
CA GLU A 326 -25.60 -13.84 -2.64
C GLU A 326 -25.32 -13.94 -4.13
N ASN A 327 -26.00 -14.85 -4.80
CA ASN A 327 -25.74 -15.07 -6.20
C ASN A 327 -26.12 -13.87 -7.08
N ARG A 328 -26.95 -12.95 -6.57
CA ARG A 328 -27.10 -11.68 -7.26
C ARG A 328 -25.74 -11.06 -7.52
N MET A 329 -24.88 -11.06 -6.50
CA MET A 329 -23.61 -10.35 -6.61
C MET A 329 -22.68 -11.02 -7.61
N HIS A 330 -22.61 -12.36 -7.57
CA HIS A 330 -21.63 -13.07 -8.40
C HIS A 330 -21.98 -13.00 -9.87
N THR A 331 -23.26 -13.08 -10.21
CA THR A 331 -23.67 -13.03 -11.62
C THR A 331 -23.56 -11.61 -12.15
N ILE A 332 -23.87 -10.62 -11.32
CA ILE A 332 -23.70 -9.25 -11.75
C ILE A 332 -22.22 -8.97 -11.97
N LYS A 333 -21.35 -9.58 -11.18
CA LYS A 333 -19.92 -9.43 -11.41
C LYS A 333 -19.52 -10.03 -12.76
N ALA A 334 -20.11 -11.16 -13.14
CA ALA A 334 -19.72 -11.76 -14.42
C ALA A 334 -20.16 -10.89 -15.59
N VAL A 335 -21.36 -10.30 -15.49
CA VAL A 335 -21.84 -9.36 -16.50
C VAL A 335 -20.88 -8.21 -16.68
N MET A 336 -20.48 -7.55 -15.58
CA MET A 336 -19.55 -6.44 -15.65
C MET A 336 -18.18 -6.89 -16.14
N VAL A 337 -17.65 -7.97 -15.58
CA VAL A 337 -16.35 -8.45 -16.04
C VAL A 337 -16.40 -8.81 -17.53
N ALA A 338 -17.44 -9.55 -17.94
CA ALA A 338 -17.51 -9.99 -19.33
C ALA A 338 -17.64 -8.82 -20.31
N THR A 339 -18.35 -7.75 -19.92
CA THR A 339 -18.59 -6.66 -20.85
C THR A 339 -17.53 -5.55 -20.79
N LEU A 340 -16.82 -5.39 -19.66
CA LEU A 340 -15.85 -4.31 -19.52
C LEU A 340 -14.40 -4.73 -19.78
N SER A 341 -14.11 -6.01 -19.94
CA SER A 341 -12.73 -6.46 -20.08
C SER A 341 -12.66 -7.65 -21.01
N ARG A 342 -11.50 -7.83 -21.64
CA ARG A 342 -11.31 -8.89 -22.64
C ARG A 342 -10.23 -9.88 -22.19
N MET B 9 -4.11 -10.34 20.23
CA MET B 9 -4.92 -9.26 19.65
C MET B 9 -5.91 -9.81 18.64
N SER B 10 -5.54 -10.94 18.00
CA SER B 10 -6.46 -11.69 17.16
C SER B 10 -7.62 -12.30 17.95
N ALA B 11 -7.61 -12.18 19.27
CA ALA B 11 -8.78 -12.53 20.06
C ALA B 11 -10.03 -11.77 19.61
N PHE B 12 -9.86 -10.64 18.92
CA PHE B 12 -10.98 -9.83 18.45
C PHE B 12 -11.56 -10.29 17.11
N TYR B 13 -10.85 -11.13 16.37
CA TYR B 13 -11.28 -11.52 15.03
C TYR B 13 -12.72 -12.04 15.06
N GLN B 14 -13.56 -11.43 14.22
CA GLN B 14 -14.95 -11.84 13.96
C GLN B 14 -15.88 -11.54 15.11
N LYS B 15 -15.47 -10.70 16.05
CA LYS B 15 -16.33 -10.28 17.13
C LYS B 15 -17.19 -9.09 16.70
N HIS B 16 -18.29 -8.88 17.41
CA HIS B 16 -19.09 -7.68 17.29
C HIS B 16 -18.56 -6.58 18.21
N PHE B 17 -19.14 -5.37 18.08
CA PHE B 17 -18.86 -4.21 18.95
C PHE B 17 -20.19 -3.51 19.23
N LEU B 18 -21.00 -4.11 20.10
CA LEU B 18 -22.36 -3.65 20.33
C LEU B 18 -22.50 -2.73 21.55
N LYS B 19 -21.69 -2.93 22.59
CA LYS B 19 -21.66 -2.09 23.77
C LYS B 19 -20.42 -2.45 24.58
N LEU B 20 -19.94 -1.49 25.39
CA LEU B 20 -18.67 -1.72 26.07
C LEU B 20 -18.75 -2.89 27.02
N LEU B 21 -19.87 -3.02 27.73
CA LEU B 21 -20.01 -4.10 28.72
C LEU B 21 -19.82 -5.50 28.16
N ASP B 22 -19.77 -5.66 26.83
CA ASP B 22 -19.45 -6.96 26.24
C ASP B 22 -17.96 -7.28 26.27
N PHE B 23 -17.15 -6.42 26.87
CA PHE B 23 -15.70 -6.58 26.82
C PHE B 23 -15.14 -6.50 28.22
N THR B 24 -13.91 -6.97 28.36
CA THR B 24 -13.18 -6.87 29.61
C THR B 24 -12.34 -5.62 29.61
N PRO B 25 -11.91 -5.16 30.79
CA PRO B 25 -11.06 -3.97 30.83
C PRO B 25 -9.80 -4.13 30.00
N ALA B 26 -9.18 -5.31 30.07
CA ALA B 26 -7.99 -5.56 29.27
C ALA B 26 -8.28 -5.48 27.77
N GLU B 27 -9.48 -5.90 27.34
CA GLU B 27 -9.82 -5.80 25.92
C GLU B 27 -10.02 -4.35 25.50
N ILE B 28 -10.73 -3.55 26.30
CA ILE B 28 -10.85 -2.13 25.99
C ILE B 28 -9.47 -1.48 25.90
N THR B 29 -8.59 -1.81 26.84
CA THR B 29 -7.24 -1.24 26.80
C THR B 29 -6.51 -1.68 25.53
N ALA B 30 -6.76 -2.89 25.06
CA ALA B 30 -6.15 -3.34 23.82
C ALA B 30 -6.62 -2.53 22.62
N LEU B 31 -7.92 -2.21 22.57
CA LEU B 31 -8.45 -1.41 21.47
C LEU B 31 -7.93 0.02 21.47
N LEU B 32 -7.69 0.60 22.65
CA LEU B 32 -7.13 1.95 22.72
C LEU B 32 -5.67 1.97 22.24
N GLU B 33 -4.86 0.99 22.65
CA GLU B 33 -3.47 0.99 22.24
C GLU B 33 -3.37 0.82 20.73
N LEU B 34 -4.27 0.02 20.14
CA LEU B 34 -4.29 -0.11 18.68
C LEU B 34 -4.69 1.20 18.03
N ALA B 35 -5.69 1.89 18.60
CA ALA B 35 -6.09 3.18 18.07
C ALA B 35 -4.92 4.16 18.08
N ALA B 36 -4.18 4.21 19.20
CA ALA B 36 -3.04 5.12 19.28
C ALA B 36 -1.95 4.72 18.28
N LYS B 37 -1.74 3.42 18.11
CA LYS B 37 -0.80 2.98 17.08
C LYS B 37 -1.24 3.49 15.71
N LEU B 38 -2.49 3.21 15.33
CA LEU B 38 -2.96 3.56 14.00
C LEU B 38 -2.91 5.06 13.77
N LYS B 39 -3.19 5.84 14.81
CA LYS B 39 -3.12 7.29 14.69
C LYS B 39 -1.69 7.77 14.50
N ALA B 40 -0.76 7.21 15.28
CA ALA B 40 0.64 7.61 15.11
C ALA B 40 1.18 7.14 13.77
N ASP B 41 0.72 5.99 13.29
CA ASP B 41 1.15 5.50 11.98
C ASP B 41 0.67 6.43 10.85
N LYS B 42 -0.58 6.89 10.94
CA LYS B 42 -1.07 7.82 9.93
C LYS B 42 -0.27 9.12 9.98
N LYS B 43 -0.16 9.72 11.16
CA LYS B 43 0.61 10.94 11.28
C LYS B 43 1.97 10.81 10.61
N ASN B 44 2.58 9.63 10.68
CA ASN B 44 3.95 9.43 10.16
C ASN B 44 3.99 8.82 8.77
N GLY B 45 2.86 8.64 8.10
CA GLY B 45 2.90 8.11 6.76
C GLY B 45 3.31 6.66 6.67
N ILE B 46 3.12 5.88 7.74
CA ILE B 46 3.52 4.48 7.71
C ILE B 46 2.36 3.56 8.07
N GLU B 47 1.14 4.00 7.82
CA GLU B 47 -0.01 3.12 8.05
C GLU B 47 0.09 1.90 7.15
N VAL B 48 -0.14 0.72 7.73
CA VAL B 48 -0.21 -0.54 7.01
C VAL B 48 -1.68 -0.91 6.87
N GLN B 49 -2.15 -0.99 5.64
CA GLN B 49 -3.55 -1.33 5.38
C GLN B 49 -3.79 -2.81 5.66
N LYS B 50 -4.68 -3.09 6.60
CA LYS B 50 -5.06 -4.45 6.92
C LYS B 50 -6.34 -4.88 6.23
N LEU B 51 -7.08 -3.94 5.63
CA LEU B 51 -8.45 -4.21 5.18
C LEU B 51 -8.60 -4.14 3.67
N ALA B 52 -7.51 -4.29 2.92
CA ALA B 52 -7.65 -4.37 1.47
C ALA B 52 -8.53 -5.56 1.09
N GLY B 53 -9.38 -5.36 0.10
CA GLY B 53 -10.27 -6.39 -0.33
C GLY B 53 -11.52 -6.51 0.48
N LYS B 54 -11.69 -5.70 1.52
CA LYS B 54 -12.86 -5.80 2.37
C LYS B 54 -13.91 -4.74 2.04
N ASN B 55 -15.17 -5.15 2.08
CA ASN B 55 -16.29 -4.25 1.84
C ASN B 55 -17.13 -4.14 3.10
N ILE B 56 -17.54 -2.91 3.40
CA ILE B 56 -18.22 -2.56 4.63
C ILE B 56 -19.54 -1.89 4.26
N ALA B 57 -20.63 -2.30 4.92
CA ALA B 57 -21.92 -1.63 4.78
C ALA B 57 -22.18 -0.74 6.00
N LEU B 58 -22.61 0.50 5.74
CA LEU B 58 -22.98 1.45 6.78
C LEU B 58 -24.49 1.67 6.73
N ILE B 59 -25.22 1.07 7.66
CA ILE B 59 -26.65 1.29 7.78
C ILE B 59 -26.85 2.49 8.68
N PHE B 60 -27.27 3.61 8.11
CA PHE B 60 -27.63 4.81 8.86
C PHE B 60 -29.13 4.98 8.77
N GLU B 61 -29.83 4.59 9.82
CA GLU B 61 -31.27 4.85 9.88
C GLU B 61 -31.56 6.25 10.39
N LYS B 62 -30.55 6.91 10.96
CA LYS B 62 -30.58 8.32 11.28
C LYS B 62 -29.27 8.93 10.83
N ASP B 63 -29.35 10.18 10.36
CA ASP B 63 -28.17 10.93 9.90
C ASP B 63 -27.17 11.16 11.03
N SER B 64 -25.88 10.98 10.71
CA SER B 64 -24.80 11.48 11.57
C SER B 64 -23.55 11.67 10.70
N THR B 65 -23.28 12.92 10.35
CA THR B 65 -22.14 13.22 9.49
C THR B 65 -20.81 12.84 10.15
N ARG B 66 -20.68 13.06 11.46
CA ARG B 66 -19.42 12.76 12.13
C ARG B 66 -19.17 11.25 12.16
N THR B 67 -20.19 10.48 12.54
CA THR B 67 -20.03 9.03 12.60
C THR B 67 -19.76 8.46 11.21
N ARG B 68 -20.46 8.96 10.19
CA ARG B 68 -20.28 8.42 8.85
C ARG B 68 -18.87 8.71 8.32
N CYS B 69 -18.46 9.97 8.38
CA CYS B 69 -17.10 10.31 7.94
C CYS B 69 -16.04 9.51 8.68
N SER B 70 -16.19 9.36 9.99
CA SER B 70 -15.21 8.57 10.72
C SER B 70 -15.11 7.18 10.15
N PHE B 71 -16.26 6.53 9.94
CA PHE B 71 -16.23 5.17 9.41
C PHE B 71 -15.69 5.13 7.98
N GLU B 72 -16.10 6.08 7.12
CA GLU B 72 -15.60 6.06 5.75
C GLU B 72 -14.09 6.26 5.69
N VAL B 73 -13.60 7.33 6.33
CA VAL B 73 -12.16 7.61 6.29
C VAL B 73 -11.37 6.45 6.89
N ALA B 74 -11.85 5.90 8.01
CA ALA B 74 -11.17 4.77 8.61
C ALA B 74 -11.12 3.60 7.63
N ALA B 75 -12.25 3.31 6.99
CA ALA B 75 -12.26 2.29 5.94
C ALA B 75 -11.24 2.60 4.85
N TYR B 76 -11.29 3.83 4.31
CA TYR B 76 -10.48 4.15 3.15
C TYR B 76 -9.00 4.09 3.51
N ASP B 77 -8.63 4.58 4.68
CA ASP B 77 -7.21 4.51 5.06
C ASP B 77 -6.73 3.07 5.11
N GLN B 78 -7.60 2.15 5.50
CA GLN B 78 -7.20 0.75 5.65
C GLN B 78 -7.44 -0.04 4.37
N GLY B 79 -7.85 0.63 3.32
CA GLY B 79 -7.98 0.01 2.01
C GLY B 79 -9.32 -0.65 1.74
N ALA B 80 -10.31 -0.46 2.59
CA ALA B 80 -11.61 -1.06 2.34
C ALA B 80 -12.49 -0.16 1.48
N ARG B 81 -13.60 -0.69 1.02
CA ARG B 81 -14.61 0.08 0.32
C ARG B 81 -15.88 0.08 1.15
N VAL B 82 -16.72 1.09 0.97
CA VAL B 82 -17.90 1.23 1.80
C VAL B 82 -19.13 1.45 0.93
N THR B 83 -20.27 0.95 1.43
CA THR B 83 -21.59 1.25 0.89
C THR B 83 -22.35 1.96 1.99
N TYR B 84 -22.57 3.27 1.81
CA TYR B 84 -23.42 4.03 2.72
C TYR B 84 -24.89 3.81 2.36
N LEU B 85 -25.62 3.23 3.28
CA LEU B 85 -27.05 2.99 3.16
C LEU B 85 -27.73 3.92 4.16
N GLY B 86 -28.05 5.14 3.71
CA GLY B 86 -28.63 6.13 4.57
C GLY B 86 -30.13 6.03 4.68
N PRO B 87 -30.72 7.03 5.34
CA PRO B 87 -32.19 7.00 5.54
C PRO B 87 -32.92 7.09 4.21
N SER B 88 -33.87 6.18 4.03
CA SER B 88 -34.71 6.18 2.85
C SER B 88 -35.89 5.27 3.11
N GLY B 89 -37.10 5.82 3.08
CA GLY B 89 -38.34 5.04 3.14
C GLY B 89 -38.76 4.58 4.52
N SER B 90 -38.74 3.27 4.74
CA SER B 90 -39.09 2.72 6.03
C SER B 90 -37.87 2.10 6.70
N GLN B 91 -37.85 2.21 8.01
CA GLN B 91 -36.76 1.66 8.80
C GLN B 91 -36.80 0.13 8.82
N ILE B 92 -35.66 -0.44 9.18
CA ILE B 92 -35.53 -1.89 9.31
C ILE B 92 -36.57 -2.40 10.29
N GLY B 93 -37.26 -3.48 9.91
CA GLY B 93 -38.31 -4.06 10.75
C GLY B 93 -39.72 -3.59 10.44
N HIS B 94 -39.88 -2.50 9.69
CA HIS B 94 -41.21 -2.01 9.35
C HIS B 94 -41.85 -2.85 8.25
N LYS B 95 -41.10 -3.12 7.19
CA LYS B 95 -41.53 -3.87 6.02
C LYS B 95 -40.76 -5.16 5.86
N GLU B 96 -39.44 -5.11 6.00
CA GLU B 96 -38.56 -6.27 5.94
C GLU B 96 -38.01 -6.53 7.34
N SER B 97 -37.85 -7.79 7.69
CA SER B 97 -37.39 -8.07 9.04
C SER B 97 -35.90 -7.85 9.16
N ILE B 98 -35.49 -7.47 10.37
CA ILE B 98 -34.07 -7.27 10.66
C ILE B 98 -33.27 -8.47 10.18
N LYS B 99 -33.70 -9.66 10.58
CA LYS B 99 -33.05 -10.91 10.21
C LYS B 99 -32.80 -11.01 8.71
N ASP B 100 -33.81 -10.68 7.90
CA ASP B 100 -33.66 -10.77 6.46
C ASP B 100 -32.57 -9.81 5.98
N THR B 101 -32.62 -8.56 6.44
CA THR B 101 -31.56 -7.60 6.14
C THR B 101 -30.19 -8.17 6.52
N ALA B 102 -30.06 -8.72 7.73
CA ALA B 102 -28.75 -9.18 8.19
C ALA B 102 -28.22 -10.31 7.33
N ARG B 103 -29.10 -11.23 6.94
CA ARG B 103 -28.64 -12.39 6.20
C ARG B 103 -28.29 -12.05 4.74
N VAL B 104 -28.93 -11.04 4.14
CA VAL B 104 -28.55 -10.61 2.79
C VAL B 104 -27.21 -9.88 2.82
N LEU B 105 -27.11 -8.84 3.66
CA LEU B 105 -25.88 -8.06 3.75
C LEU B 105 -24.69 -8.92 4.14
N GLY B 106 -24.91 -9.85 5.08
CA GLY B 106 -23.84 -10.71 5.54
C GLY B 106 -23.29 -11.63 4.49
N ARG B 107 -24.05 -11.88 3.42
CA ARG B 107 -23.51 -12.65 2.31
C ARG B 107 -22.58 -11.85 1.40
N MET B 108 -22.69 -10.50 1.38
CA MET B 108 -21.88 -9.70 0.48
C MET B 108 -20.84 -8.83 1.15
N TYR B 109 -21.02 -8.51 2.43
CA TYR B 109 -20.15 -7.57 3.12
C TYR B 109 -19.35 -8.28 4.21
N ASP B 110 -18.18 -7.73 4.49
CA ASP B 110 -17.28 -8.28 5.49
C ASP B 110 -17.57 -7.72 6.88
N GLY B 111 -18.32 -6.64 6.96
CA GLY B 111 -18.76 -6.08 8.23
C GLY B 111 -19.89 -5.09 7.99
N ILE B 112 -20.65 -4.83 9.05
CA ILE B 112 -21.83 -3.99 8.97
C ILE B 112 -21.82 -3.05 10.16
N GLN B 113 -21.78 -1.76 9.90
CA GLN B 113 -22.06 -0.76 10.92
C GLN B 113 -23.55 -0.49 10.95
N TYR B 114 -24.10 -0.35 12.14
CA TYR B 114 -25.48 0.06 12.29
C TYR B 114 -25.59 1.27 13.19
N ARG B 115 -26.41 2.23 12.76
CA ARG B 115 -26.71 3.42 13.54
C ARG B 115 -28.20 3.73 13.40
N GLY B 116 -28.86 3.98 14.51
CA GLY B 116 -30.22 4.44 14.40
C GLY B 116 -31.10 4.24 15.60
N HIS B 117 -31.85 3.15 15.60
CA HIS B 117 -32.95 3.01 16.54
C HIS B 117 -32.54 2.12 17.73
N GLY B 118 -33.33 1.16 18.13
CA GLY B 118 -33.13 0.53 19.40
C GLY B 118 -31.97 -0.46 19.39
N GLN B 119 -31.50 -0.80 20.59
CA GLN B 119 -30.41 -1.75 20.72
C GLN B 119 -30.83 -3.16 20.29
N GLU B 120 -32.13 -3.48 20.31
CA GLU B 120 -32.52 -4.82 19.87
C GLU B 120 -32.26 -5.00 18.38
N VAL B 121 -32.24 -3.90 17.62
CA VAL B 121 -32.01 -3.98 16.19
C VAL B 121 -30.57 -4.39 15.91
N VAL B 122 -29.61 -3.63 16.47
CA VAL B 122 -28.21 -3.96 16.26
C VAL B 122 -27.90 -5.34 16.80
N GLU B 123 -28.61 -5.78 17.83
CA GLU B 123 -28.29 -7.09 18.39
C GLU B 123 -28.84 -8.19 17.50
N THR B 124 -30.01 -7.98 16.89
CA THR B 124 -30.51 -8.97 15.96
C THR B 124 -29.68 -9.02 14.67
N LEU B 125 -29.19 -7.87 14.20
CA LEU B 125 -28.28 -7.90 13.05
C LEU B 125 -27.04 -8.72 13.36
N ALA B 126 -26.50 -8.55 14.58
CA ALA B 126 -25.29 -9.27 14.95
C ALA B 126 -25.56 -10.76 15.11
N GLN B 127 -26.73 -11.12 15.64
CA GLN B 127 -27.08 -12.53 15.74
C GLN B 127 -27.06 -13.24 14.39
N TYR B 128 -27.57 -12.59 13.34
CA TYR B 128 -27.79 -13.28 12.07
C TYR B 128 -26.87 -12.89 10.93
N ALA B 129 -26.15 -11.77 11.01
CA ALA B 129 -25.34 -11.35 9.87
C ALA B 129 -24.28 -12.39 9.50
N GLY B 130 -23.66 -13.00 10.51
CA GLY B 130 -22.53 -13.88 10.28
C GLY B 130 -21.23 -13.14 10.03
N VAL B 131 -21.23 -11.83 10.19
CA VAL B 131 -20.03 -11.01 10.07
C VAL B 131 -20.10 -9.96 11.16
N PRO B 132 -18.97 -9.32 11.44
CA PRO B 132 -18.96 -8.36 12.55
C PRO B 132 -19.93 -7.22 12.32
N VAL B 133 -20.64 -6.86 13.37
CA VAL B 133 -21.60 -5.76 13.38
C VAL B 133 -21.17 -4.77 14.46
N TRP B 134 -21.08 -3.49 14.11
CA TRP B 134 -20.62 -2.46 15.02
C TRP B 134 -21.72 -1.44 15.26
N ASN B 135 -21.98 -1.15 16.53
CA ASN B 135 -22.99 -0.17 16.92
C ASN B 135 -22.42 1.24 16.84
N GLY B 136 -22.84 1.99 15.83
CA GLY B 136 -22.48 3.39 15.69
C GLY B 136 -23.43 4.36 16.38
N LEU B 137 -24.49 3.84 16.98
CA LEU B 137 -25.37 4.55 17.92
C LEU B 137 -26.75 3.89 17.90
N THR B 138 -27.22 3.51 19.07
CA THR B 138 -28.60 3.12 19.30
C THR B 138 -29.20 4.03 20.35
N ASN B 139 -30.50 3.88 20.58
CA ASN B 139 -31.15 4.68 21.60
C ASN B 139 -30.57 4.40 22.97
N GLU B 140 -29.96 3.22 23.16
CA GLU B 140 -29.50 2.80 24.48
C GLU B 140 -27.99 2.91 24.68
N PHE B 141 -27.18 2.69 23.64
CA PHE B 141 -25.73 2.71 23.83
C PHE B 141 -25.04 3.38 22.65
N HIS B 142 -23.85 3.93 22.91
CA HIS B 142 -23.06 4.66 21.92
C HIS B 142 -21.58 4.38 22.15
N PRO B 143 -21.16 3.12 21.96
CA PRO B 143 -19.83 2.72 22.44
C PRO B 143 -18.67 3.33 21.66
N THR B 144 -18.78 3.56 20.35
CA THR B 144 -17.65 4.11 19.60
C THR B 144 -17.31 5.52 20.08
N GLN B 145 -18.30 6.31 20.47
CA GLN B 145 -18.02 7.64 21.00
C GLN B 145 -17.19 7.55 22.28
N LEU B 146 -17.57 6.62 23.16
CA LEU B 146 -16.89 6.53 24.45
C LEU B 146 -15.45 6.06 24.28
N LEU B 147 -15.20 5.16 23.32
CA LEU B 147 -13.82 4.83 22.98
C LEU B 147 -13.03 6.09 22.61
N ALA B 148 -13.57 6.89 21.70
CA ALA B 148 -12.88 8.11 21.29
C ALA B 148 -12.61 8.99 22.49
N ASP B 149 -13.56 9.07 23.41
CA ASP B 149 -13.41 9.96 24.56
C ASP B 149 -12.34 9.43 25.50
N LEU B 150 -12.30 8.12 25.70
CA LEU B 150 -11.31 7.50 26.59
C LEU B 150 -9.90 7.74 26.07
N LEU B 151 -9.71 7.65 24.76
CA LEU B 151 -8.40 7.90 24.16
C LEU B 151 -8.03 9.37 24.27
N THR B 152 -9.02 10.26 24.15
CA THR B 152 -8.76 11.68 24.26
C THR B 152 -8.34 12.03 25.68
N MET B 153 -8.98 11.40 26.66
CA MET B 153 -8.64 11.66 28.05
C MET B 153 -7.23 11.16 28.35
N LYS B 154 -6.87 10.01 27.81
CA LYS B 154 -5.53 9.46 28.08
C LYS B 154 -4.46 10.29 27.40
N GLU B 155 -4.76 10.85 26.23
CA GLU B 155 -3.79 11.70 25.54
C GLU B 155 -3.53 13.00 26.31
N HIS B 156 -4.60 13.65 26.77
CA HIS B 156 -4.45 14.93 27.46
C HIS B 156 -4.14 14.82 28.95
N LEU B 157 -4.25 13.63 29.54
CA LEU B 157 -3.86 13.40 30.93
C LEU B 157 -2.95 12.17 30.96
N PRO B 158 -1.74 12.29 30.40
CA PRO B 158 -0.99 11.08 30.03
C PRO B 158 -0.57 10.17 31.18
N GLY B 159 0.03 10.71 32.22
CA GLY B 159 0.67 9.84 33.19
C GLY B 159 -0.25 9.14 34.15
N LYS B 160 -1.56 9.16 33.91
CA LYS B 160 -2.56 8.68 34.85
C LYS B 160 -3.34 7.51 34.27
N ALA B 161 -3.58 6.50 35.11
CA ALA B 161 -4.54 5.46 34.80
C ALA B 161 -5.96 5.99 34.92
N PHE B 162 -6.89 5.29 34.28
CA PHE B 162 -8.27 5.76 34.21
C PHE B 162 -8.89 5.84 35.61
N ASN B 163 -8.58 4.88 36.49
CA ASN B 163 -9.14 4.85 37.83
C ASN B 163 -8.49 5.87 38.75
N GLN B 164 -7.54 6.64 38.25
CA GLN B 164 -6.97 7.80 38.92
C GLN B 164 -7.48 9.12 38.32
N MET B 165 -8.55 9.06 37.50
CA MET B 165 -9.14 10.20 36.82
C MET B 165 -10.58 10.39 37.28
N THR B 166 -11.01 11.65 37.30
CA THR B 166 -12.38 12.01 37.66
C THR B 166 -13.05 12.68 36.47
N LEU B 167 -14.15 12.10 36.01
CA LEU B 167 -14.87 12.58 34.83
C LEU B 167 -16.30 12.94 35.20
N VAL B 168 -16.75 14.09 34.72
CA VAL B 168 -18.08 14.61 34.97
C VAL B 168 -18.82 14.69 33.64
N TYR B 169 -20.01 14.11 33.59
CA TYR B 169 -20.97 14.36 32.53
C TYR B 169 -22.07 15.24 33.12
N ALA B 170 -22.31 16.39 32.47
CA ALA B 170 -23.31 17.37 32.90
C ALA B 170 -24.37 17.53 31.82
N GLY B 171 -25.64 17.50 32.23
CA GLY B 171 -26.74 17.69 31.29
C GLY B 171 -27.80 16.62 31.42
N ASP B 172 -28.37 16.15 30.30
CA ASP B 172 -29.32 15.05 30.34
C ASP B 172 -28.55 13.74 30.18
N ALA B 173 -28.64 12.87 31.19
CA ALA B 173 -28.00 11.57 31.17
C ALA B 173 -28.99 10.41 31.02
N ARG B 174 -30.27 10.70 30.83
CA ARG B 174 -31.30 9.66 30.69
C ARG B 174 -31.46 9.32 29.21
N ASN B 175 -30.43 8.65 28.69
CA ASN B 175 -30.29 8.46 27.25
C ASN B 175 -29.07 7.59 26.98
N ASN B 176 -28.66 7.49 25.70
CA ASN B 176 -27.53 6.64 25.34
C ASN B 176 -26.20 7.19 25.82
N MET B 177 -26.08 8.48 26.09
CA MET B 177 -24.79 9.03 26.50
C MET B 177 -24.53 8.77 27.98
N GLY B 178 -25.53 9.01 28.83
CA GLY B 178 -25.40 8.62 30.21
C GLY B 178 -25.18 7.14 30.38
N ASN B 179 -25.96 6.33 29.64
CA ASN B 179 -25.80 4.87 29.70
C ASN B 179 -24.37 4.46 29.37
N SER B 180 -23.76 5.10 28.37
CA SER B 180 -22.42 4.68 27.94
C SER B 180 -21.35 5.23 28.84
N MET B 181 -21.58 6.39 29.46
CA MET B 181 -20.75 6.84 30.56
C MET B 181 -20.68 5.78 31.65
N LEU B 182 -21.84 5.29 32.08
CA LEU B 182 -21.89 4.21 33.07
C LEU B 182 -21.02 3.05 32.63
N GLU B 183 -21.12 2.67 31.36
CA GLU B 183 -20.34 1.56 30.83
C GLU B 183 -18.84 1.84 30.94
N ALA B 184 -18.43 3.05 30.56
CA ALA B 184 -17.00 3.36 30.52
C ALA B 184 -16.39 3.35 31.91
N ALA B 185 -17.12 3.82 32.92
CA ALA B 185 -16.64 3.73 34.29
C ALA B 185 -16.53 2.27 34.71
N ALA B 186 -17.52 1.45 34.34
CA ALA B 186 -17.51 0.05 34.73
C ALA B 186 -16.31 -0.68 34.17
N LEU B 187 -15.79 -0.24 33.02
CA LEU B 187 -14.71 -0.91 32.31
C LEU B 187 -13.34 -0.37 32.65
N THR B 188 -13.26 0.85 33.20
CA THR B 188 -11.99 1.52 33.40
C THR B 188 -11.71 1.95 34.83
N GLY B 189 -12.73 2.06 35.68
CA GLY B 189 -12.55 2.53 37.03
C GLY B 189 -12.60 4.03 37.18
N LEU B 190 -13.06 4.75 36.17
CA LEU B 190 -13.22 6.19 36.31
C LEU B 190 -13.95 6.51 37.61
N ASP B 191 -13.65 7.69 38.14
CA ASP B 191 -14.47 8.35 39.16
C ASP B 191 -15.46 9.21 38.39
N LEU B 192 -16.64 8.65 38.15
CA LEU B 192 -17.62 9.24 37.25
C LEU B 192 -18.73 9.94 38.03
N ARG B 193 -19.02 11.19 37.66
CA ARG B 193 -20.15 11.92 38.21
C ARG B 193 -21.09 12.30 37.08
N LEU B 194 -22.37 11.98 37.25
CA LEU B 194 -23.43 12.45 36.37
C LEU B 194 -24.14 13.57 37.11
N VAL B 195 -24.04 14.77 36.55
CA VAL B 195 -24.52 16.00 37.19
C VAL B 195 -25.70 16.46 36.36
N ALA B 196 -26.90 16.16 36.84
CA ALA B 196 -28.10 16.31 36.02
C ALA B 196 -29.30 16.40 36.95
N PRO B 197 -30.42 16.97 36.46
CA PRO B 197 -31.67 16.91 37.21
C PRO B 197 -32.07 15.47 37.52
N SER B 198 -32.94 15.32 38.51
CA SER B 198 -33.37 13.99 38.93
C SER B 198 -34.18 13.30 37.85
N ALA B 199 -34.94 14.05 37.06
CA ALA B 199 -35.72 13.51 35.95
C ALA B 199 -34.86 13.15 34.75
N CYS B 200 -33.53 13.26 34.84
CA CYS B 200 -32.59 13.00 33.76
C CYS B 200 -31.53 12.00 34.16
N TRP B 201 -31.87 11.05 34.97
CA TRP B 201 -30.91 10.05 35.38
C TRP B 201 -31.18 8.73 34.64
N PRO B 202 -30.13 7.95 34.36
CA PRO B 202 -30.32 6.67 33.67
C PRO B 202 -30.97 5.61 34.54
N GLU B 203 -31.42 4.54 33.88
CA GLU B 203 -32.11 3.44 34.56
C GLU B 203 -31.27 2.94 35.73
N ALA B 204 -31.97 2.50 36.78
CA ALA B 204 -31.32 2.21 38.04
C ALA B 204 -30.58 0.89 38.02
N ALA B 205 -31.10 -0.10 37.29
CA ALA B 205 -30.41 -1.39 37.27
C ALA B 205 -29.09 -1.31 36.51
N LEU B 206 -29.01 -0.46 35.49
CA LEU B 206 -27.73 -0.24 34.80
C LEU B 206 -26.76 0.47 35.73
N VAL B 207 -27.23 1.51 36.43
CA VAL B 207 -26.41 2.18 37.43
C VAL B 207 -25.87 1.18 38.44
N GLU B 208 -26.72 0.26 38.90
CA GLU B 208 -26.31 -0.69 39.93
C GLU B 208 -25.27 -1.67 39.39
N THR B 209 -25.58 -2.31 38.27
CA THR B 209 -24.60 -3.15 37.60
C THR B 209 -23.26 -2.43 37.42
N CYS B 210 -23.29 -1.21 36.86
CA CYS B 210 -22.04 -0.54 36.51
C CYS B 210 -21.31 -0.05 37.76
N THR B 211 -22.05 0.44 38.75
CA THR B 211 -21.40 0.96 39.94
C THR B 211 -20.49 -0.08 40.59
N ALA B 212 -20.95 -1.33 40.67
CA ALA B 212 -20.11 -2.38 41.24
C ALA B 212 -18.89 -2.62 40.37
N LEU B 213 -19.10 -2.88 39.09
CA LEU B 213 -17.97 -3.12 38.20
C LEU B 213 -16.94 -2.00 38.31
N ALA B 214 -17.41 -0.75 38.34
CA ALA B 214 -16.49 0.37 38.51
C ALA B 214 -15.75 0.28 39.83
N LYS B 215 -16.44 -0.13 40.91
CA LYS B 215 -15.77 -0.21 42.20
C LYS B 215 -14.69 -1.29 42.18
N GLN B 216 -14.93 -2.41 41.50
CA GLN B 216 -13.91 -3.46 41.36
C GLN B 216 -12.69 -3.00 40.57
N GLN B 217 -12.81 -1.94 39.77
CA GLN B 217 -11.71 -1.41 39.00
C GLN B 217 -11.05 -0.22 39.67
N GLY B 218 -11.53 0.19 40.85
CA GLY B 218 -10.92 1.27 41.57
C GLY B 218 -11.54 2.64 41.34
N GLY B 219 -12.81 2.68 40.98
CA GLY B 219 -13.48 3.95 40.77
C GLY B 219 -14.82 4.00 41.46
N ASN B 220 -15.65 4.94 41.02
CA ASN B 220 -16.99 5.10 41.56
C ASN B 220 -17.88 5.74 40.52
N ILE B 221 -19.18 5.62 40.73
CA ILE B 221 -20.18 6.37 39.97
C ILE B 221 -21.10 7.10 40.94
N THR B 222 -21.35 8.37 40.66
CA THR B 222 -22.13 9.23 41.54
C THR B 222 -23.16 10.01 40.72
N LEU B 223 -24.39 10.08 41.21
CA LEU B 223 -25.48 10.78 40.56
C LEU B 223 -25.98 11.88 41.49
N THR B 224 -25.89 13.14 41.05
CA THR B 224 -26.24 14.25 41.92
C THR B 224 -26.79 15.41 41.09
N GLU B 225 -27.75 16.13 41.69
CA GLU B 225 -28.21 17.42 41.21
C GLU B 225 -27.31 18.57 41.67
N ASP B 226 -26.36 18.28 42.56
CA ASP B 226 -25.56 19.29 43.25
C ASP B 226 -24.28 19.50 42.44
N ILE B 227 -24.19 20.64 41.76
CA ILE B 227 -23.12 20.87 40.80
C ILE B 227 -21.78 21.01 41.52
N ALA B 228 -21.73 21.84 42.57
CA ALA B 228 -20.47 22.02 43.29
C ALA B 228 -19.94 20.71 43.83
N ALA B 229 -20.81 19.91 44.45
CA ALA B 229 -20.36 18.60 44.91
C ALA B 229 -20.06 17.66 43.75
N GLY B 230 -20.77 17.81 42.64
CA GLY B 230 -20.61 16.87 41.55
C GLY B 230 -19.30 17.05 40.80
N VAL B 231 -18.92 18.31 40.53
CA VAL B 231 -17.79 18.61 39.66
C VAL B 231 -16.50 18.84 40.43
N LYS B 232 -16.51 18.65 41.74
CA LYS B 232 -15.32 18.90 42.56
C LYS B 232 -14.20 17.93 42.18
N GLY B 233 -13.07 18.46 41.75
CA GLY B 233 -11.93 17.62 41.46
C GLY B 233 -11.93 16.96 40.10
N ALA B 234 -12.84 17.36 39.21
CA ALA B 234 -12.95 16.74 37.90
C ALA B 234 -11.69 17.00 37.07
N ASP B 235 -11.22 15.96 36.39
CA ASP B 235 -10.21 16.15 35.35
C ASP B 235 -10.85 16.56 34.03
N PHE B 236 -12.09 16.15 33.78
CA PHE B 236 -12.78 16.45 32.53
C PHE B 236 -14.25 16.76 32.81
N ILE B 237 -14.81 17.66 32.01
CA ILE B 237 -16.23 17.97 32.03
C ILE B 237 -16.81 17.66 30.65
N TYR B 238 -17.91 16.91 30.62
CA TYR B 238 -18.55 16.44 29.39
C TYR B 238 -19.99 16.91 29.36
N THR B 239 -20.48 17.31 28.18
CA THR B 239 -21.91 17.55 28.06
C THR B 239 -22.37 17.24 26.64
N ASP B 240 -23.64 17.51 26.39
CA ASP B 240 -24.32 17.18 25.15
C ASP B 240 -25.57 18.04 25.05
N VAL B 241 -26.07 18.18 23.81
CA VAL B 241 -27.25 18.99 23.56
C VAL B 241 -28.43 18.48 24.39
N TRP B 242 -29.22 19.42 24.91
CA TRP B 242 -30.35 19.09 25.78
C TRP B 242 -31.58 18.62 25.02
N VAL B 243 -31.66 18.89 23.72
CA VAL B 243 -32.89 18.68 22.97
C VAL B 243 -32.62 17.92 21.67
N GLU B 250 -42.38 23.72 20.88
CA GLU B 250 -42.37 23.50 22.31
C GLU B 250 -41.89 22.08 22.58
N LYS B 251 -41.96 21.65 23.84
CA LYS B 251 -41.16 20.53 24.33
C LYS B 251 -39.73 21.02 24.52
N TRP B 252 -39.18 21.69 23.50
CA TRP B 252 -37.94 22.42 23.65
C TRP B 252 -37.93 23.23 24.94
N ALA B 253 -39.04 23.94 25.21
CA ALA B 253 -39.09 24.79 26.39
C ALA B 253 -39.09 23.98 27.68
N GLU B 254 -39.79 22.84 27.71
CA GLU B 254 -39.74 22.00 28.90
C GLU B 254 -38.30 21.64 29.24
N ARG B 255 -37.50 21.29 28.23
CA ARG B 255 -36.16 20.79 28.46
C ARG B 255 -35.16 21.90 28.76
N ILE B 256 -35.36 23.10 28.24
CA ILE B 256 -34.43 24.18 28.53
C ILE B 256 -34.55 24.60 29.98
N ALA B 257 -35.76 24.92 30.43
CA ALA B 257 -35.95 25.33 31.81
C ALA B 257 -35.43 24.27 32.76
N LEU B 258 -35.63 23.00 32.42
CA LEU B 258 -35.19 21.90 33.27
C LEU B 258 -33.66 21.84 33.35
N LEU B 259 -32.97 22.15 32.26
CA LEU B 259 -31.56 21.81 32.13
C LEU B 259 -30.61 22.99 32.07
N ARG B 260 -31.10 24.22 31.97
CA ARG B 260 -30.20 25.34 31.70
C ARG B 260 -29.28 25.66 32.88
N ASP B 261 -29.68 25.31 34.11
CA ASP B 261 -28.81 25.49 35.26
C ASP B 261 -27.64 24.53 35.25
N TYR B 262 -27.66 23.50 34.40
CA TYR B 262 -26.57 22.55 34.29
C TYR B 262 -25.66 22.87 33.10
N GLN B 263 -25.86 24.03 32.48
CA GLN B 263 -24.94 24.55 31.48
C GLN B 263 -23.50 24.47 31.93
N VAL B 264 -22.61 24.13 31.00
CA VAL B 264 -21.18 24.15 31.27
C VAL B 264 -20.65 25.52 30.85
N ASN B 265 -20.21 26.30 31.82
CA ASN B 265 -19.67 27.65 31.59
C ASN B 265 -18.44 27.85 32.47
N SER B 266 -17.90 29.07 32.42
CA SER B 266 -16.70 29.37 33.19
C SER B 266 -16.89 29.15 34.68
N ALA B 267 -18.07 29.45 35.20
CA ALA B 267 -18.31 29.21 36.62
C ALA B 267 -18.20 27.73 36.97
N MET B 268 -18.76 26.85 36.12
CA MET B 268 -18.76 25.42 36.47
C MET B 268 -17.34 24.88 36.49
N LEU B 269 -16.48 25.32 35.57
CA LEU B 269 -15.11 24.83 35.57
C LEU B 269 -14.33 25.37 36.77
N ALA B 270 -14.62 26.61 37.19
CA ALA B 270 -13.98 27.16 38.39
C ALA B 270 -14.29 26.30 39.61
N LEU B 271 -15.53 25.82 39.74
CA LEU B 271 -15.92 25.01 40.87
C LEU B 271 -15.18 23.68 40.93
N THR B 272 -14.54 23.24 39.85
CA THR B 272 -13.77 22.00 39.95
C THR B 272 -12.54 22.18 40.82
N GLY B 273 -12.05 23.41 40.98
CA GLY B 273 -10.81 23.64 41.70
C GLY B 273 -9.60 23.11 40.99
N ASN B 274 -9.74 22.75 39.71
CA ASN B 274 -8.67 22.11 38.95
C ASN B 274 -8.48 22.94 37.69
N PRO B 275 -7.48 23.84 37.66
CA PRO B 275 -7.33 24.73 36.49
C PRO B 275 -6.85 24.01 35.25
N GLN B 276 -6.54 22.73 35.35
CA GLN B 276 -6.21 21.90 34.19
C GLN B 276 -7.41 21.10 33.68
N VAL B 277 -8.62 21.39 34.17
CA VAL B 277 -9.79 20.65 33.73
C VAL B 277 -10.00 20.86 32.23
N LYS B 278 -10.40 19.80 31.56
CA LYS B 278 -10.63 19.84 30.13
C LYS B 278 -12.11 19.65 29.85
N PHE B 279 -12.56 20.13 28.71
CA PHE B 279 -13.95 20.05 28.30
C PHE B 279 -14.12 19.12 27.10
N LEU B 280 -15.11 18.25 27.17
CA LEU B 280 -15.43 17.29 26.12
C LEU B 280 -16.87 17.46 25.68
N HIS B 281 -17.12 17.24 24.38
CA HIS B 281 -18.45 17.34 23.80
C HIS B 281 -18.52 16.47 22.55
N CYS B 282 -19.48 15.54 22.50
CA CYS B 282 -19.51 14.58 21.40
C CYS B 282 -19.82 15.25 20.08
N LEU B 283 -20.47 16.42 20.11
CA LEU B 283 -20.89 17.22 18.96
C LEU B 283 -22.12 16.60 18.29
N PRO B 284 -22.88 17.40 17.53
CA PRO B 284 -22.72 18.85 17.36
C PRO B 284 -23.09 19.59 18.63
N ALA B 285 -22.60 20.82 18.76
CA ALA B 285 -22.80 21.62 19.96
C ALA B 285 -23.51 22.92 19.63
N PHE B 286 -24.35 23.36 20.58
CA PHE B 286 -25.05 24.64 20.49
C PHE B 286 -24.36 25.63 21.43
N HIS B 287 -23.28 26.20 20.95
CA HIS B 287 -22.49 27.18 21.69
C HIS B 287 -22.52 28.54 21.05
N ASP B 288 -22.74 28.60 19.75
CA ASP B 288 -22.67 29.83 18.96
C ASP B 288 -24.07 30.44 18.92
N ASP B 289 -24.23 31.61 19.53
CA ASP B 289 -25.52 32.28 19.53
C ASP B 289 -25.71 33.22 18.34
N GLN B 290 -24.81 33.17 17.35
CA GLN B 290 -25.00 33.90 16.11
C GLN B 290 -25.54 33.02 14.99
N THR B 291 -25.69 31.72 15.23
CA THR B 291 -26.36 30.87 14.27
C THR B 291 -27.84 31.25 14.18
N THR B 292 -28.48 30.81 13.10
CA THR B 292 -29.93 30.97 12.98
C THR B 292 -30.64 30.42 14.20
N LEU B 293 -30.31 29.20 14.60
CA LEU B 293 -30.91 28.64 15.80
C LEU B 293 -30.41 29.35 17.05
N GLY B 294 -29.13 29.74 17.07
CA GLY B 294 -28.58 30.38 18.26
C GLY B 294 -29.12 31.78 18.47
N LYS B 295 -29.42 32.51 17.40
CA LYS B 295 -30.07 33.81 17.53
C LYS B 295 -31.50 33.65 18.04
N GLN B 296 -32.19 32.60 17.61
CA GLN B 296 -33.55 32.36 18.08
C GLN B 296 -33.57 31.94 19.54
N MET B 297 -32.57 31.18 19.97
CA MET B 297 -32.57 30.70 21.35
C MET B 297 -32.15 31.80 22.33
N ALA B 298 -31.21 32.66 21.92
CA ALA B 298 -30.92 33.84 22.72
C ALA B 298 -32.14 34.74 22.80
N ALA B 299 -32.74 35.04 21.64
CA ALA B 299 -33.86 35.96 21.58
C ALA B 299 -35.05 35.47 22.42
N ASP B 300 -35.36 34.18 22.36
CA ASP B 300 -36.61 33.66 22.94
C ASP B 300 -36.44 33.06 24.33
N TYR B 301 -35.26 32.56 24.68
CA TYR B 301 -35.07 31.92 25.98
C TYR B 301 -33.94 32.55 26.78
N GLY B 302 -33.34 33.63 26.30
CA GLY B 302 -32.29 34.29 27.05
C GLY B 302 -31.01 33.50 27.12
N LEU B 303 -30.72 32.72 26.09
CA LEU B 303 -29.53 31.86 26.07
C LEU B 303 -28.40 32.52 25.30
N HIS B 304 -28.05 33.73 25.70
CA HIS B 304 -26.92 34.43 25.10
C HIS B 304 -25.61 33.77 25.52
N GLY B 305 -24.67 33.68 24.58
CA GLY B 305 -23.42 33.02 24.85
C GLY B 305 -23.46 31.51 24.77
N GLY B 306 -24.60 30.91 24.43
CA GLY B 306 -24.69 29.49 24.12
C GLY B 306 -25.68 28.78 25.01
N MET B 307 -25.82 27.46 24.75
CA MET B 307 -26.79 26.62 25.45
C MET B 307 -26.06 25.70 26.40
N GLU B 308 -25.92 24.41 26.09
CA GLU B 308 -25.35 23.46 27.04
C GLU B 308 -23.88 23.74 27.31
N VAL B 309 -23.21 24.51 26.45
CA VAL B 309 -21.85 24.96 26.71
C VAL B 309 -21.72 26.37 26.14
N THR B 310 -21.22 27.28 26.95
CA THR B 310 -20.97 28.62 26.43
C THR B 310 -19.88 28.56 25.38
N ASP B 311 -19.94 29.50 24.45
CA ASP B 311 -18.88 29.63 23.46
C ASP B 311 -17.54 29.92 24.12
N GLU B 312 -17.55 30.56 25.30
CA GLU B 312 -16.29 30.84 25.99
C GLU B 312 -15.59 29.55 26.40
N VAL B 313 -16.31 28.63 27.04
CA VAL B 313 -15.70 27.33 27.35
C VAL B 313 -15.35 26.61 26.06
N PHE B 314 -16.27 26.63 25.08
CA PHE B 314 -16.11 25.82 23.88
C PHE B 314 -14.83 26.15 23.14
N GLU B 315 -14.52 27.45 23.00
CA GLU B 315 -13.32 27.87 22.29
C GLU B 315 -12.10 28.07 23.20
N SER B 316 -12.21 27.81 24.50
CA SER B 316 -11.08 28.08 25.38
C SER B 316 -9.99 27.01 25.20
N ALA B 317 -8.81 27.29 25.79
CA ALA B 317 -7.73 26.33 25.74
C ALA B 317 -8.07 25.05 26.50
N ALA B 318 -9.09 25.08 27.35
CA ALA B 318 -9.54 23.89 28.05
C ALA B 318 -10.33 22.93 27.15
N SER B 319 -10.84 23.41 26.02
CA SER B 319 -11.71 22.60 25.17
C SER B 319 -10.89 21.74 24.22
N VAL B 320 -11.16 20.44 24.22
CA VAL B 320 -10.42 19.53 23.36
C VAL B 320 -11.40 18.79 22.45
N VAL B 321 -12.50 19.45 22.05
CA VAL B 321 -13.57 18.74 21.35
C VAL B 321 -13.13 18.28 19.96
N PHE B 322 -12.23 19.01 19.29
CA PHE B 322 -11.83 18.59 17.95
C PHE B 322 -10.75 17.51 17.96
N ASP B 323 -9.99 17.35 19.05
CA ASP B 323 -9.23 16.13 19.23
C ASP B 323 -10.16 14.95 19.48
N GLN B 324 -11.19 15.18 20.30
CA GLN B 324 -12.18 14.14 20.55
C GLN B 324 -12.82 13.67 19.24
N ALA B 325 -13.11 14.62 18.34
CA ALA B 325 -13.76 14.29 17.08
C ALA B 325 -12.83 13.51 16.16
N GLU B 326 -11.60 14.00 15.96
CA GLU B 326 -10.64 13.22 15.19
C GLU B 326 -10.54 11.80 15.73
N ASN B 327 -10.53 11.67 17.05
CA ASN B 327 -10.36 10.36 17.65
C ASN B 327 -11.57 9.46 17.48
N ARG B 328 -12.71 9.97 17.00
CA ARG B 328 -13.76 9.08 16.51
C ARG B 328 -13.19 8.16 15.44
N MET B 329 -12.44 8.74 14.50
CA MET B 329 -11.95 7.98 13.35
C MET B 329 -10.94 6.92 13.80
N HIS B 330 -9.97 7.31 14.62
CA HIS B 330 -8.90 6.39 15.00
C HIS B 330 -9.43 5.20 15.78
N THR B 331 -10.43 5.42 16.64
CA THR B 331 -10.97 4.32 17.43
C THR B 331 -11.90 3.44 16.60
N ILE B 332 -12.75 4.03 15.75
CA ILE B 332 -13.52 3.22 14.80
C ILE B 332 -12.58 2.40 13.92
N LYS B 333 -11.45 2.98 13.50
CA LYS B 333 -10.47 2.22 12.73
C LYS B 333 -9.98 1.00 13.51
N ALA B 334 -9.65 1.21 14.79
CA ALA B 334 -9.15 0.11 15.61
C ALA B 334 -10.19 -1.00 15.75
N VAL B 335 -11.46 -0.63 15.94
CA VAL B 335 -12.49 -1.64 16.07
C VAL B 335 -12.57 -2.50 14.82
N MET B 336 -12.55 -1.85 13.64
CA MET B 336 -12.74 -2.57 12.39
C MET B 336 -11.51 -3.40 12.04
N VAL B 337 -10.32 -2.86 12.28
CA VAL B 337 -9.10 -3.64 12.07
C VAL B 337 -9.08 -4.86 13.00
N ALA B 338 -9.46 -4.69 14.26
CA ALA B 338 -9.33 -5.81 15.19
C ALA B 338 -10.37 -6.89 14.91
N THR B 339 -11.54 -6.52 14.40
CA THR B 339 -12.60 -7.50 14.21
C THR B 339 -12.61 -8.12 12.82
N LEU B 340 -11.93 -7.51 11.84
CA LEU B 340 -11.89 -8.03 10.47
C LEU B 340 -10.59 -8.71 10.07
N SER B 341 -9.44 -8.35 10.63
CA SER B 341 -8.20 -8.99 10.23
C SER B 341 -7.73 -9.99 11.28
N ARG B 342 -7.36 -11.18 10.82
CA ARG B 342 -6.87 -12.25 11.68
C ARG B 342 -5.39 -11.99 11.94
N SER C 10 3.75 28.65 -10.43
CA SER C 10 2.62 27.72 -10.60
C SER C 10 2.25 27.01 -9.29
N ALA C 11 2.32 27.73 -8.17
CA ALA C 11 2.01 27.18 -6.86
C ALA C 11 0.53 27.45 -6.54
N PHE C 12 -0.31 26.44 -6.79
CA PHE C 12 -1.65 26.32 -6.20
C PHE C 12 -1.63 25.45 -4.95
N TYR C 13 -0.46 24.92 -4.58
CA TYR C 13 -0.41 23.90 -3.53
C TYR C 13 -0.98 24.45 -2.24
N GLN C 14 -1.98 23.73 -1.72
CA GLN C 14 -2.72 24.04 -0.49
C GLN C 14 -3.49 25.35 -0.57
N LYS C 15 -3.61 25.92 -1.76
CA LYS C 15 -4.47 27.08 -1.96
C LYS C 15 -5.92 26.64 -2.07
N HIS C 16 -6.82 27.61 -1.96
CA HIS C 16 -8.23 27.35 -2.21
C HIS C 16 -8.58 27.65 -3.67
N PHE C 17 -9.81 27.29 -4.06
CA PHE C 17 -10.36 27.53 -5.38
C PHE C 17 -11.81 27.99 -5.19
N LEU C 18 -11.99 29.23 -4.74
CA LEU C 18 -13.32 29.73 -4.38
C LEU C 18 -13.99 30.47 -5.52
N LYS C 19 -13.20 31.03 -6.44
CA LYS C 19 -13.70 31.89 -7.52
C LYS C 19 -12.54 32.27 -8.42
N LEU C 20 -12.79 32.25 -9.73
CA LEU C 20 -11.74 32.41 -10.72
C LEU C 20 -10.99 33.73 -10.56
N LEU C 21 -11.62 34.75 -9.96
CA LEU C 21 -10.99 36.04 -9.75
C LEU C 21 -9.82 36.01 -8.77
N ASP C 22 -9.71 34.97 -7.95
CA ASP C 22 -8.57 34.82 -7.04
C ASP C 22 -7.29 34.44 -7.74
N PHE C 23 -7.23 34.50 -9.06
CA PHE C 23 -6.10 33.99 -9.81
C PHE C 23 -5.81 34.93 -10.98
N THR C 24 -4.58 34.90 -11.41
CA THR C 24 -4.12 35.73 -12.50
C THR C 24 -4.23 34.98 -13.83
N PRO C 25 -4.28 35.72 -14.95
CA PRO C 25 -4.35 35.04 -16.26
C PRO C 25 -3.31 33.94 -16.44
N ALA C 26 -2.09 34.15 -15.97
CA ALA C 26 -1.06 33.14 -16.18
C ALA C 26 -1.28 31.90 -15.32
N GLU C 27 -1.96 32.06 -14.18
CA GLU C 27 -2.27 30.90 -13.35
C GLU C 27 -3.41 30.09 -13.95
N ILE C 28 -4.48 30.77 -14.38
CA ILE C 28 -5.57 30.07 -15.04
C ILE C 28 -5.04 29.33 -16.26
N THR C 29 -4.05 29.89 -16.92
CA THR C 29 -3.48 29.22 -18.09
C THR C 29 -2.72 27.98 -17.68
N ALA C 30 -2.00 28.04 -16.55
CA ALA C 30 -1.30 26.87 -16.08
C ALA C 30 -2.26 25.78 -15.65
N LEU C 31 -3.33 26.17 -14.97
CA LEU C 31 -4.35 25.20 -14.54
C LEU C 31 -5.00 24.53 -15.73
N LEU C 32 -5.18 25.28 -16.84
CA LEU C 32 -5.76 24.68 -18.03
C LEU C 32 -4.78 23.76 -18.74
N GLU C 33 -3.49 24.10 -18.71
CA GLU C 33 -2.50 23.23 -19.35
C GLU C 33 -2.35 21.92 -18.59
N LEU C 34 -2.49 21.95 -17.26
CA LEU C 34 -2.41 20.72 -16.48
C LEU C 34 -3.62 19.82 -16.77
N ALA C 35 -4.80 20.43 -16.93
CA ALA C 35 -5.99 19.66 -17.27
C ALA C 35 -5.84 18.99 -18.63
N ALA C 36 -5.28 19.71 -19.62
CA ALA C 36 -5.05 19.11 -20.93
C ALA C 36 -4.05 17.96 -20.84
N LYS C 37 -3.04 18.09 -20.00
CA LYS C 37 -2.09 16.99 -19.81
C LYS C 37 -2.79 15.81 -19.13
N LEU C 38 -3.52 16.09 -18.05
CA LEU C 38 -4.24 15.01 -17.38
C LEU C 38 -5.23 14.35 -18.33
N LYS C 39 -5.98 15.15 -19.09
CA LYS C 39 -6.89 14.60 -20.10
C LYS C 39 -6.14 13.71 -21.08
N ALA C 40 -5.10 14.24 -21.71
CA ALA C 40 -4.29 13.44 -22.63
C ALA C 40 -3.74 12.20 -21.95
N ASP C 41 -3.26 12.33 -20.72
CA ASP C 41 -2.71 11.19 -19.99
C ASP C 41 -3.73 10.06 -19.88
N LYS C 42 -4.98 10.37 -19.55
CA LYS C 42 -5.99 9.33 -19.44
C LYS C 42 -6.31 8.71 -20.80
N LYS C 43 -6.52 9.55 -21.82
CA LYS C 43 -6.79 9.06 -23.18
C LYS C 43 -5.74 8.06 -23.64
N ASN C 44 -4.49 8.27 -23.26
CA ASN C 44 -3.38 7.40 -23.64
C ASN C 44 -3.05 6.35 -22.59
N GLY C 45 -3.89 6.18 -21.57
CA GLY C 45 -3.67 5.14 -20.59
C GLY C 45 -2.34 5.25 -19.88
N ILE C 46 -1.88 6.45 -19.58
CA ILE C 46 -0.64 6.61 -18.82
C ILE C 46 -0.90 7.57 -17.66
N GLU C 47 -2.08 7.46 -17.04
CA GLU C 47 -2.46 8.40 -15.99
C GLU C 47 -1.68 8.07 -14.73
N VAL C 48 -0.95 9.06 -14.22
CA VAL C 48 -0.22 8.93 -12.97
C VAL C 48 -1.09 9.46 -11.85
N GLN C 49 -1.36 8.65 -10.84
CA GLN C 49 -2.20 9.12 -9.73
C GLN C 49 -1.36 9.88 -8.72
N LYS C 50 -1.75 11.12 -8.47
CA LYS C 50 -1.10 11.96 -7.48
C LYS C 50 -1.87 12.04 -6.16
N LEU C 51 -3.06 11.45 -6.09
CA LEU C 51 -3.92 11.59 -4.92
C LEU C 51 -4.18 10.23 -4.26
N ALA C 52 -3.32 9.24 -4.48
CA ALA C 52 -3.47 7.98 -3.77
C ALA C 52 -3.27 8.24 -2.29
N GLY C 53 -4.14 7.65 -1.47
CA GLY C 53 -4.09 7.83 -0.04
C GLY C 53 -4.98 8.94 0.48
N LYS C 54 -5.45 9.82 -0.38
CA LYS C 54 -6.13 11.05 0.03
C LYS C 54 -7.64 10.87 0.02
N ASN C 55 -8.32 11.48 0.99
CA ASN C 55 -9.77 11.40 1.13
C ASN C 55 -10.39 12.77 0.98
N ILE C 56 -11.45 12.84 0.18
CA ILE C 56 -12.10 14.09 -0.17
C ILE C 56 -13.57 14.02 0.24
N ALA C 57 -14.05 15.09 0.84
CA ALA C 57 -15.45 15.24 1.20
C ALA C 57 -16.14 16.17 0.22
N LEU C 58 -17.32 15.77 -0.26
CA LEU C 58 -18.11 16.54 -1.21
C LEU C 58 -19.40 16.97 -0.50
N ILE C 59 -19.44 18.23 -0.05
CA ILE C 59 -20.65 18.78 0.53
C ILE C 59 -21.52 19.28 -0.61
N PHE C 60 -22.74 18.77 -0.71
CA PHE C 60 -23.74 19.28 -1.64
C PHE C 60 -24.99 19.66 -0.83
N GLU C 61 -25.17 20.95 -0.62
CA GLU C 61 -26.40 21.43 -0.01
C GLU C 61 -27.53 21.57 -1.01
N LYS C 62 -27.21 21.53 -2.31
CA LYS C 62 -28.18 21.45 -3.39
C LYS C 62 -27.66 20.44 -4.40
N ASP C 63 -28.57 19.78 -5.10
CA ASP C 63 -28.19 18.70 -6.00
C ASP C 63 -27.59 19.24 -7.28
N SER C 64 -26.50 18.59 -7.72
CA SER C 64 -26.03 18.70 -9.10
C SER C 64 -25.29 17.42 -9.47
N THR C 65 -25.88 16.64 -10.35
CA THR C 65 -25.28 15.38 -10.78
C THR C 65 -23.98 15.60 -11.53
N ARG C 66 -24.02 16.44 -12.57
CA ARG C 66 -22.82 16.69 -13.39
C ARG C 66 -21.63 17.08 -12.53
N THR C 67 -21.86 17.94 -11.54
CA THR C 67 -20.75 18.42 -10.73
C THR C 67 -20.27 17.32 -9.78
N ARG C 68 -21.19 16.51 -9.25
CA ARG C 68 -20.82 15.39 -8.40
C ARG C 68 -20.01 14.35 -9.18
N CYS C 69 -20.53 13.90 -10.32
CA CYS C 69 -19.81 12.89 -11.09
C CYS C 69 -18.42 13.38 -11.48
N SER C 70 -18.30 14.65 -11.90
CA SER C 70 -17.00 15.22 -12.23
C SER C 70 -16.03 15.14 -11.04
N PHE C 71 -16.47 15.57 -9.86
CA PHE C 71 -15.61 15.45 -8.69
C PHE C 71 -15.32 13.98 -8.36
N GLU C 72 -16.33 13.10 -8.44
CA GLU C 72 -16.11 11.70 -8.07
C GLU C 72 -15.14 11.01 -9.04
N VAL C 73 -15.33 11.22 -10.35
CA VAL C 73 -14.49 10.49 -11.31
C VAL C 73 -13.09 11.04 -11.29
N ALA C 74 -12.95 12.36 -11.17
CA ALA C 74 -11.62 12.96 -11.09
C ALA C 74 -10.85 12.39 -9.92
N ALA C 75 -11.51 12.29 -8.78
CA ALA C 75 -10.87 11.77 -7.58
C ALA C 75 -10.49 10.30 -7.78
N TYR C 76 -11.43 9.52 -8.30
CA TYR C 76 -11.17 8.09 -8.47
C TYR C 76 -10.01 7.86 -9.44
N ASP C 77 -10.00 8.59 -10.58
CA ASP C 77 -8.92 8.38 -11.53
C ASP C 77 -7.57 8.62 -10.88
N GLN C 78 -7.48 9.64 -10.04
CA GLN C 78 -6.24 10.03 -9.38
C GLN C 78 -5.96 9.25 -8.10
N GLY C 79 -6.82 8.31 -7.75
CA GLY C 79 -6.57 7.42 -6.64
C GLY C 79 -7.14 7.85 -5.32
N ALA C 80 -7.81 9.00 -5.25
CA ALA C 80 -8.42 9.39 -4.00
C ALA C 80 -9.75 8.66 -3.79
N ARG C 81 -10.26 8.73 -2.56
CA ARG C 81 -11.57 8.21 -2.22
C ARG C 81 -12.43 9.38 -1.76
N VAL C 82 -13.74 9.25 -1.92
CA VAL C 82 -14.62 10.37 -1.64
C VAL C 82 -15.72 9.95 -0.67
N THR C 83 -16.16 10.91 0.11
CA THR C 83 -17.41 10.86 0.85
C THR C 83 -18.36 11.88 0.26
N TYR C 84 -19.49 11.42 -0.27
CA TYR C 84 -20.50 12.31 -0.83
C TYR C 84 -21.51 12.67 0.24
N LEU C 85 -21.56 13.94 0.61
CA LEU C 85 -22.45 14.44 1.66
C LEU C 85 -23.53 15.27 0.96
N GLY C 86 -24.63 14.62 0.60
CA GLY C 86 -25.69 15.26 -0.14
C GLY C 86 -26.60 16.05 0.76
N PRO C 87 -27.63 16.64 0.15
CA PRO C 87 -28.54 17.50 0.92
C PRO C 87 -29.22 16.76 2.07
N SER C 88 -29.25 17.41 3.22
CA SER C 88 -29.77 16.83 4.46
C SER C 88 -30.80 17.72 5.14
N GLY C 89 -31.29 18.76 4.46
CA GLY C 89 -32.17 19.71 5.12
C GLY C 89 -31.43 20.91 5.66
N SER C 90 -31.07 20.89 6.94
CA SER C 90 -30.46 22.05 7.58
C SER C 90 -29.16 22.45 6.91
N GLN C 91 -29.16 23.61 6.23
CA GLN C 91 -27.92 24.10 5.64
C GLN C 91 -26.91 24.40 6.74
N ILE C 92 -25.62 24.20 6.42
CA ILE C 92 -24.57 24.51 7.37
C ILE C 92 -24.71 25.95 7.81
N GLY C 93 -24.61 26.18 9.12
CA GLY C 93 -24.80 27.48 9.70
C GLY C 93 -26.17 27.71 10.30
N HIS C 94 -27.13 26.82 10.03
CA HIS C 94 -28.44 26.89 10.69
C HIS C 94 -28.34 26.35 12.12
N LYS C 95 -28.23 25.03 12.27
CA LYS C 95 -28.13 24.43 13.59
C LYS C 95 -26.69 24.44 14.09
N GLU C 96 -25.72 24.16 13.22
CA GLU C 96 -24.32 24.03 13.59
C GLU C 96 -23.49 25.08 12.87
N SER C 97 -22.54 25.68 13.58
CA SER C 97 -21.72 26.70 12.95
C SER C 97 -20.89 26.09 11.83
N ILE C 98 -20.58 26.92 10.83
CA ILE C 98 -19.64 26.51 9.79
C ILE C 98 -18.26 26.30 10.39
N LYS C 99 -17.85 27.21 11.29
CA LYS C 99 -16.60 27.07 12.02
C LYS C 99 -16.41 25.64 12.51
N ASP C 100 -17.46 25.06 13.11
CA ASP C 100 -17.36 23.71 13.67
C ASP C 100 -17.32 22.66 12.56
N THR C 101 -18.13 22.81 11.51
CA THR C 101 -18.11 21.82 10.43
C THR C 101 -16.72 21.76 9.80
N ALA C 102 -16.11 22.92 9.53
CA ALA C 102 -14.84 22.95 8.82
C ALA C 102 -13.72 22.32 9.64
N ARG C 103 -13.72 22.55 10.94
CA ARG C 103 -12.64 22.03 11.78
C ARG C 103 -12.79 20.52 12.02
N VAL C 104 -13.99 19.96 11.97
CA VAL C 104 -14.12 18.50 12.06
C VAL C 104 -13.74 17.84 10.73
N LEU C 105 -14.34 18.28 9.62
CA LEU C 105 -13.96 17.74 8.33
C LEU C 105 -12.48 17.94 8.03
N GLY C 106 -11.91 19.09 8.45
CA GLY C 106 -10.51 19.36 8.17
C GLY C 106 -9.58 18.38 8.86
N ARG C 107 -9.95 17.90 10.04
CA ARG C 107 -9.14 16.90 10.71
C ARG C 107 -9.15 15.57 9.96
N MET C 108 -10.21 15.32 9.21
CA MET C 108 -10.47 14.01 8.62
C MET C 108 -10.20 13.95 7.12
N TYR C 109 -10.41 15.02 6.39
CA TYR C 109 -10.29 14.99 4.94
C TYR C 109 -9.12 15.83 4.48
N ASP C 110 -8.61 15.49 3.30
CA ASP C 110 -7.52 16.21 2.69
C ASP C 110 -7.99 17.37 1.83
N GLY C 111 -9.26 17.37 1.44
CA GLY C 111 -9.82 18.41 0.61
C GLY C 111 -11.32 18.39 0.74
N ILE C 112 -11.96 19.54 0.54
CA ILE C 112 -13.40 19.71 0.72
C ILE C 112 -13.97 20.50 -0.47
N GLN C 113 -14.87 19.88 -1.22
CA GLN C 113 -15.71 20.58 -2.18
C GLN C 113 -16.99 21.02 -1.46
N TYR C 114 -17.40 22.26 -1.70
CA TYR C 114 -18.69 22.76 -1.25
C TYR C 114 -19.48 23.27 -2.44
N ARG C 115 -20.69 22.78 -2.60
CA ARG C 115 -21.65 23.30 -3.55
C ARG C 115 -22.89 23.67 -2.76
N GLY C 116 -23.39 24.89 -2.96
CA GLY C 116 -24.62 25.23 -2.27
C GLY C 116 -25.12 26.65 -2.43
N HIS C 117 -25.02 27.43 -1.36
CA HIS C 117 -25.67 28.73 -1.29
C HIS C 117 -24.69 29.88 -1.50
N GLY C 118 -24.49 30.70 -0.47
CA GLY C 118 -23.75 31.92 -0.66
C GLY C 118 -22.24 31.72 -0.57
N GLN C 119 -21.53 32.55 -1.32
CA GLN C 119 -20.08 32.59 -1.25
C GLN C 119 -19.58 32.85 0.18
N GLU C 120 -20.33 33.58 1.00
CA GLU C 120 -19.90 33.77 2.38
C GLU C 120 -19.74 32.42 3.08
N VAL C 121 -20.62 31.47 2.77
CA VAL C 121 -20.53 30.13 3.36
C VAL C 121 -19.22 29.46 2.96
N VAL C 122 -18.94 29.41 1.66
CA VAL C 122 -17.73 28.71 1.22
C VAL C 122 -16.49 29.41 1.77
N GLU C 123 -16.53 30.74 1.87
CA GLU C 123 -15.34 31.45 2.30
C GLU C 123 -15.05 31.19 3.78
N THR C 124 -16.09 31.04 4.59
CA THR C 124 -15.90 30.69 5.99
C THR C 124 -15.34 29.28 6.14
N LEU C 125 -15.86 28.34 5.35
CA LEU C 125 -15.37 26.97 5.37
C LEU C 125 -13.88 26.92 5.04
N ALA C 126 -13.45 27.78 4.11
CA ALA C 126 -12.05 27.86 3.72
C ALA C 126 -11.16 28.39 4.85
N GLN C 127 -11.65 29.40 5.57
CA GLN C 127 -10.83 30.01 6.60
C GLN C 127 -10.51 29.05 7.73
N TYR C 128 -11.39 28.08 7.99
CA TYR C 128 -11.26 27.25 9.17
C TYR C 128 -10.90 25.80 8.90
N ALA C 129 -11.01 25.33 7.65
CA ALA C 129 -10.83 23.91 7.39
C ALA C 129 -9.38 23.48 7.52
N GLY C 130 -8.44 24.40 7.32
CA GLY C 130 -7.05 24.01 7.34
C GLY C 130 -6.67 23.14 6.19
N VAL C 131 -7.56 22.97 5.22
CA VAL C 131 -7.31 22.18 4.01
C VAL C 131 -7.91 22.93 2.84
N PRO C 132 -7.47 22.60 1.63
CA PRO C 132 -8.05 23.22 0.44
C PRO C 132 -9.56 23.00 0.32
N VAL C 133 -10.27 24.09 0.02
CA VAL C 133 -11.71 24.09 -0.27
C VAL C 133 -11.92 24.56 -1.70
N TRP C 134 -12.79 23.87 -2.43
CA TRP C 134 -13.10 24.16 -3.82
C TRP C 134 -14.58 24.43 -3.98
N ASN C 135 -14.92 25.50 -4.70
CA ASN C 135 -16.30 25.91 -4.90
C ASN C 135 -16.85 25.27 -6.17
N GLY C 136 -17.72 24.27 -6.00
CA GLY C 136 -18.42 23.65 -7.11
C GLY C 136 -19.65 24.39 -7.59
N LEU C 137 -20.10 25.39 -6.83
CA LEU C 137 -21.07 26.41 -7.24
C LEU C 137 -21.64 27.13 -6.02
N THR C 138 -21.68 28.46 -6.07
CA THR C 138 -22.41 29.28 -5.12
C THR C 138 -23.35 30.19 -5.88
N ASN C 139 -24.19 30.91 -5.14
CA ASN C 139 -25.08 31.88 -5.78
C ASN C 139 -24.29 32.89 -6.62
N GLU C 140 -23.02 33.11 -6.29
CA GLU C 140 -22.25 34.21 -6.85
C GLU C 140 -21.22 33.78 -7.90
N PHE C 141 -20.64 32.59 -7.78
CA PHE C 141 -19.52 32.20 -8.63
C PHE C 141 -19.56 30.71 -8.92
N HIS C 142 -19.08 30.33 -10.11
CA HIS C 142 -19.14 28.96 -10.59
C HIS C 142 -17.85 28.64 -11.33
N PRO C 143 -16.72 28.71 -10.64
CA PRO C 143 -15.42 28.68 -11.33
C PRO C 143 -15.08 27.37 -12.02
N THR C 144 -15.56 26.22 -11.53
CA THR C 144 -15.25 24.98 -12.23
C THR C 144 -15.91 24.93 -13.61
N GLN C 145 -17.15 25.40 -13.71
CA GLN C 145 -17.80 25.50 -15.02
C GLN C 145 -17.05 26.48 -15.94
N LEU C 146 -16.63 27.63 -15.43
CA LEU C 146 -15.92 28.56 -16.31
C LEU C 146 -14.62 27.94 -16.81
N LEU C 147 -13.88 27.30 -15.91
CA LEU C 147 -12.65 26.62 -16.29
C LEU C 147 -12.90 25.66 -17.44
N ALA C 148 -13.98 24.87 -17.32
CA ALA C 148 -14.29 23.86 -18.33
C ALA C 148 -14.66 24.51 -19.66
N ASP C 149 -15.38 25.63 -19.61
CA ASP C 149 -15.70 26.33 -20.84
C ASP C 149 -14.44 26.88 -21.50
N LEU C 150 -13.54 27.46 -20.70
CA LEU C 150 -12.31 28.02 -21.23
C LEU C 150 -11.42 26.93 -21.85
N LEU C 151 -11.43 25.73 -21.26
CA LEU C 151 -10.64 24.65 -21.84
C LEU C 151 -11.25 24.17 -23.15
N THR C 152 -12.58 24.05 -23.21
CA THR C 152 -13.25 23.67 -24.45
C THR C 152 -12.96 24.69 -25.55
N MET C 153 -13.11 25.97 -25.23
CA MET C 153 -12.84 27.03 -26.20
C MET C 153 -11.42 26.92 -26.75
N LYS C 154 -10.45 26.68 -25.86
CA LYS C 154 -9.05 26.57 -26.28
C LYS C 154 -8.83 25.37 -27.20
N GLU C 155 -9.55 24.27 -26.96
CA GLU C 155 -9.32 23.05 -27.73
C GLU C 155 -9.88 23.16 -29.14
N HIS C 156 -10.96 23.91 -29.31
CA HIS C 156 -11.62 23.98 -30.61
C HIS C 156 -11.20 25.19 -31.42
N LEU C 157 -10.58 26.16 -30.78
CA LEU C 157 -9.93 27.29 -31.46
C LEU C 157 -8.48 27.34 -31.01
N PRO C 158 -7.66 26.39 -31.46
CA PRO C 158 -6.26 26.33 -31.01
C PRO C 158 -5.40 27.42 -31.62
N GLY C 159 -4.44 27.91 -30.82
CA GLY C 159 -3.48 28.88 -31.29
C GLY C 159 -3.87 30.33 -31.09
N LYS C 160 -5.02 30.59 -30.46
CA LYS C 160 -5.50 31.94 -30.24
C LYS C 160 -5.63 32.17 -28.74
N ALA C 161 -5.06 33.27 -28.26
CA ALA C 161 -5.34 33.69 -26.91
C ALA C 161 -6.82 34.04 -26.77
N PHE C 162 -7.30 34.03 -25.54
CA PHE C 162 -8.71 34.34 -25.33
C PHE C 162 -9.05 35.75 -25.82
N ASN C 163 -8.10 36.67 -25.77
CA ASN C 163 -8.38 38.00 -26.31
C ASN C 163 -8.19 38.07 -27.83
N GLN C 164 -8.03 36.93 -28.47
CA GLN C 164 -8.17 36.79 -29.91
C GLN C 164 -9.50 36.17 -30.30
N MET C 165 -10.40 35.98 -29.34
CA MET C 165 -11.62 35.22 -29.52
C MET C 165 -12.83 36.09 -29.18
N THR C 166 -13.98 35.66 -29.69
CA THR C 166 -15.24 36.39 -29.57
C THR C 166 -16.28 35.40 -29.06
N LEU C 167 -16.86 35.69 -27.91
CA LEU C 167 -17.84 34.82 -27.28
C LEU C 167 -19.18 35.53 -27.22
N VAL C 168 -20.22 34.86 -27.70
CA VAL C 168 -21.59 35.33 -27.53
C VAL C 168 -22.23 34.51 -26.44
N TYR C 169 -22.90 35.19 -25.52
CA TYR C 169 -23.83 34.55 -24.59
C TYR C 169 -25.19 35.13 -24.88
N ALA C 170 -26.14 34.28 -25.24
CA ALA C 170 -27.46 34.70 -25.67
C ALA C 170 -28.51 34.30 -24.65
N GLY C 171 -29.51 35.15 -24.47
CA GLY C 171 -30.64 34.80 -23.64
C GLY C 171 -30.74 35.67 -22.41
N ASP C 172 -30.79 35.03 -21.25
CA ASP C 172 -30.95 35.69 -19.96
C ASP C 172 -29.55 35.80 -19.35
N ALA C 173 -28.99 37.01 -19.39
CA ALA C 173 -27.63 37.24 -18.92
C ALA C 173 -27.59 37.63 -17.45
N ARG C 174 -28.73 37.79 -16.79
CA ARG C 174 -28.74 38.13 -15.38
C ARG C 174 -28.49 36.90 -14.50
N ASN C 175 -28.86 35.69 -14.95
CA ASN C 175 -28.72 34.50 -14.11
C ASN C 175 -27.25 34.20 -13.83
N ASN C 176 -26.98 33.14 -13.05
CA ASN C 176 -25.64 32.94 -12.49
C ASN C 176 -24.61 32.63 -13.58
N MET C 177 -25.03 32.08 -14.71
CA MET C 177 -24.09 31.82 -15.80
C MET C 177 -23.73 33.10 -16.54
N GLY C 178 -24.66 34.05 -16.59
CA GLY C 178 -24.36 35.34 -17.19
C GLY C 178 -23.23 36.05 -16.46
N ASN C 179 -23.37 36.19 -15.14
CA ASN C 179 -22.30 36.80 -14.35
C ASN C 179 -20.97 36.09 -14.56
N SER C 180 -21.00 34.77 -14.73
CA SER C 180 -19.75 34.04 -14.98
C SER C 180 -19.12 34.48 -16.29
N MET C 181 -19.93 34.88 -17.27
CA MET C 181 -19.37 35.36 -18.53
C MET C 181 -18.67 36.69 -18.33
N LEU C 182 -19.28 37.62 -17.58
CA LEU C 182 -18.59 38.85 -17.23
C LEU C 182 -17.29 38.55 -16.49
N GLU C 183 -17.31 37.56 -15.59
CA GLU C 183 -16.10 37.16 -14.88
C GLU C 183 -15.04 36.64 -15.85
N ALA C 184 -15.48 35.83 -16.82
CA ALA C 184 -14.54 35.23 -17.77
C ALA C 184 -13.85 36.31 -18.59
N ALA C 185 -14.59 37.31 -19.06
CA ALA C 185 -14.01 38.32 -19.92
C ALA C 185 -13.12 39.27 -19.12
N ALA C 186 -13.53 39.60 -17.89
CA ALA C 186 -12.71 40.43 -17.01
C ALA C 186 -11.29 39.89 -16.86
N LEU C 187 -11.15 38.56 -16.76
CA LEU C 187 -9.86 37.94 -16.50
C LEU C 187 -9.11 37.52 -17.74
N THR C 188 -9.81 37.20 -18.82
CA THR C 188 -9.18 36.70 -20.04
C THR C 188 -9.14 37.72 -21.16
N GLY C 189 -10.01 38.73 -21.13
CA GLY C 189 -10.06 39.69 -22.21
C GLY C 189 -10.75 39.19 -23.44
N LEU C 190 -11.70 38.27 -23.31
CA LEU C 190 -12.52 37.86 -24.44
C LEU C 190 -13.22 39.07 -25.03
N ASP C 191 -13.48 39.01 -26.33
CA ASP C 191 -14.47 39.89 -26.95
C ASP C 191 -15.83 39.28 -26.63
N LEU C 192 -16.48 39.81 -25.61
CA LEU C 192 -17.72 39.24 -25.10
C LEU C 192 -18.91 40.05 -25.56
N ARG C 193 -19.94 39.37 -26.04
CA ARG C 193 -21.18 40.00 -26.48
C ARG C 193 -22.33 39.35 -25.72
N LEU C 194 -23.09 40.18 -25.01
CA LEU C 194 -24.23 39.75 -24.24
C LEU C 194 -25.45 40.13 -25.06
N VAL C 195 -26.00 39.17 -25.78
CA VAL C 195 -27.12 39.40 -26.69
C VAL C 195 -28.39 39.00 -25.95
N ALA C 196 -29.12 39.99 -25.45
CA ALA C 196 -30.24 39.73 -24.56
C ALA C 196 -31.16 40.94 -24.57
N PRO C 197 -32.44 40.75 -24.25
CA PRO C 197 -33.32 41.91 -24.06
C PRO C 197 -32.93 42.69 -22.80
N SER C 198 -33.11 44.01 -22.87
CA SER C 198 -32.56 44.89 -21.83
C SER C 198 -33.08 44.54 -20.45
N ALA C 199 -34.33 44.06 -20.36
CA ALA C 199 -34.86 43.63 -19.08
C ALA C 199 -34.01 42.56 -18.41
N CYS C 200 -33.24 41.79 -19.19
CA CYS C 200 -32.38 40.74 -18.67
C CYS C 200 -30.90 41.12 -18.69
N TRP C 201 -30.59 42.39 -18.70
CA TRP C 201 -29.19 42.77 -18.63
C TRP C 201 -28.69 42.68 -17.20
N PRO C 202 -27.41 42.33 -16.98
CA PRO C 202 -26.87 42.34 -15.62
C PRO C 202 -26.83 43.75 -15.06
N GLU C 203 -26.62 43.83 -13.74
CA GLU C 203 -26.54 45.12 -13.06
C GLU C 203 -25.47 46.00 -13.72
N ALA C 204 -25.85 47.23 -14.09
CA ALA C 204 -24.96 48.11 -14.85
C ALA C 204 -23.61 48.32 -14.16
N ALA C 205 -23.62 48.47 -12.83
CA ALA C 205 -22.38 48.67 -12.10
C ALA C 205 -21.41 47.51 -12.33
N LEU C 206 -21.89 46.28 -12.16
CA LEU C 206 -21.06 45.13 -12.47
C LEU C 206 -20.59 45.16 -13.92
N VAL C 207 -21.42 45.68 -14.82
CA VAL C 207 -21.06 45.73 -16.23
C VAL C 207 -19.94 46.74 -16.46
N GLU C 208 -20.10 47.96 -15.95
CA GLU C 208 -19.06 48.98 -16.09
C GLU C 208 -17.72 48.47 -15.57
N THR C 209 -17.74 47.74 -14.45
CA THR C 209 -16.53 47.31 -13.78
C THR C 209 -15.86 46.11 -14.47
N CYS C 210 -16.65 45.20 -15.05
CA CYS C 210 -16.07 44.08 -15.77
C CYS C 210 -15.52 44.50 -17.13
N THR C 211 -16.13 45.50 -17.76
CA THR C 211 -15.63 45.99 -19.05
C THR C 211 -14.24 46.59 -18.88
N ALA C 212 -14.04 47.42 -17.85
CA ALA C 212 -12.72 48.00 -17.61
C ALA C 212 -11.66 46.92 -17.41
N LEU C 213 -11.96 45.93 -16.55
CA LEU C 213 -11.05 44.83 -16.33
C LEU C 213 -10.74 44.08 -17.63
N ALA C 214 -11.77 43.84 -18.44
CA ALA C 214 -11.57 43.11 -19.69
C ALA C 214 -10.89 43.98 -20.74
N LYS C 215 -11.24 45.26 -20.80
CA LYS C 215 -10.54 46.17 -21.71
C LYS C 215 -9.04 46.16 -21.42
N GLN C 216 -8.66 46.27 -20.14
CA GLN C 216 -7.25 46.22 -19.75
C GLN C 216 -6.59 44.89 -20.11
N GLN C 217 -7.38 43.85 -20.40
CA GLN C 217 -6.86 42.53 -20.73
C GLN C 217 -6.90 42.23 -22.22
N GLY C 218 -7.27 43.21 -23.06
CA GLY C 218 -7.29 43.04 -24.50
C GLY C 218 -8.63 42.72 -25.12
N GLY C 219 -9.73 42.90 -24.39
CA GLY C 219 -11.06 42.53 -24.88
C GLY C 219 -12.09 43.61 -24.61
N ASN C 220 -13.35 43.25 -24.67
CA ASN C 220 -14.41 44.21 -24.42
C ASN C 220 -15.65 43.46 -23.96
N ILE C 221 -16.68 44.22 -23.55
CA ILE C 221 -17.98 43.66 -23.22
C ILE C 221 -19.04 44.53 -23.85
N THR C 222 -19.89 43.90 -24.68
CA THR C 222 -20.94 44.58 -25.43
C THR C 222 -22.29 44.02 -24.97
N LEU C 223 -23.23 44.90 -24.66
CA LEU C 223 -24.59 44.54 -24.30
C LEU C 223 -25.55 45.08 -25.35
N THR C 224 -26.34 44.21 -25.95
CA THR C 224 -27.20 44.68 -27.03
C THR C 224 -28.38 43.75 -27.19
N GLU C 225 -29.52 44.33 -27.56
CA GLU C 225 -30.70 43.61 -28.00
C GLU C 225 -30.64 43.20 -29.47
N ASP C 226 -29.65 43.68 -30.22
CA ASP C 226 -29.58 43.51 -31.67
C ASP C 226 -28.83 42.23 -31.97
N ILE C 227 -29.55 41.16 -32.30
CA ILE C 227 -28.87 39.88 -32.49
C ILE C 227 -27.94 39.95 -33.70
N ALA C 228 -28.43 40.49 -34.82
CA ALA C 228 -27.65 40.44 -36.05
C ALA C 228 -26.33 41.20 -35.90
N ALA C 229 -26.34 42.32 -35.19
CA ALA C 229 -25.08 42.99 -34.91
C ALA C 229 -24.31 42.29 -33.79
N GLY C 230 -24.99 41.82 -32.76
CA GLY C 230 -24.30 41.31 -31.59
C GLY C 230 -23.43 40.11 -31.88
N VAL C 231 -23.84 39.26 -32.83
CA VAL C 231 -23.18 37.97 -33.05
C VAL C 231 -22.17 38.00 -34.17
N LYS C 232 -22.06 39.09 -34.92
CA LYS C 232 -21.08 39.15 -36.00
C LYS C 232 -19.70 38.77 -35.47
N GLY C 233 -19.07 37.79 -36.13
CA GLY C 233 -17.72 37.41 -35.75
C GLY C 233 -17.60 36.42 -34.61
N ALA C 234 -18.71 35.90 -34.09
CA ALA C 234 -18.62 35.04 -32.92
C ALA C 234 -17.83 33.77 -33.24
N ASP C 235 -16.91 33.43 -32.33
CA ASP C 235 -16.23 32.14 -32.34
C ASP C 235 -17.06 31.07 -31.62
N PHE C 236 -17.81 31.46 -30.61
CA PHE C 236 -18.61 30.54 -29.83
C PHE C 236 -19.90 31.25 -29.47
N ILE C 237 -21.01 30.53 -29.58
CA ILE C 237 -22.26 30.98 -29.00
C ILE C 237 -22.59 30.08 -27.81
N TYR C 238 -23.14 30.70 -26.77
CA TYR C 238 -23.33 30.10 -25.46
C TYR C 238 -24.71 30.52 -25.00
N THR C 239 -25.49 29.58 -24.49
CA THR C 239 -26.77 29.95 -23.91
C THR C 239 -27.06 29.04 -22.73
N ASP C 240 -28.16 29.33 -22.05
CA ASP C 240 -28.64 28.50 -20.95
C ASP C 240 -30.16 28.65 -20.91
N VAL C 241 -30.79 27.91 -20.00
CA VAL C 241 -32.24 27.86 -19.98
C VAL C 241 -32.83 29.21 -19.56
N TRP C 242 -33.99 29.52 -20.15
CA TRP C 242 -34.70 30.77 -19.89
C TRP C 242 -35.50 30.80 -18.60
N VAL C 243 -35.86 29.64 -18.06
CA VAL C 243 -36.84 29.52 -17.00
C VAL C 243 -36.28 28.61 -15.91
N SER C 244 -37.06 28.44 -14.84
CA SER C 244 -36.65 27.59 -13.72
C SER C 244 -37.86 26.77 -13.26
N MET C 245 -37.60 25.52 -12.87
CA MET C 245 -38.62 24.71 -12.23
C MET C 245 -39.05 25.27 -10.88
N GLY C 246 -38.30 26.23 -10.33
CA GLY C 246 -38.65 26.91 -9.11
C GLY C 246 -39.62 28.06 -9.23
N GLU C 247 -40.09 28.37 -10.44
CA GLU C 247 -41.12 29.37 -10.66
C GLU C 247 -42.35 28.69 -11.30
N ALA C 248 -43.46 29.42 -11.29
CA ALA C 248 -44.75 28.88 -11.69
C ALA C 248 -44.96 29.00 -13.20
N LYS C 249 -46.08 28.46 -13.68
CA LYS C 249 -46.39 28.52 -15.11
C LYS C 249 -46.52 29.96 -15.60
N GLU C 250 -47.10 30.84 -14.77
CA GLU C 250 -47.31 32.22 -15.19
C GLU C 250 -45.99 32.92 -15.44
N LYS C 251 -44.99 32.68 -14.59
CA LYS C 251 -43.67 33.26 -14.81
C LYS C 251 -43.07 32.73 -16.11
N TRP C 252 -43.26 31.45 -16.42
CA TRP C 252 -42.70 30.88 -17.64
C TRP C 252 -43.24 31.58 -18.87
N ALA C 253 -44.54 31.86 -18.89
CA ALA C 253 -45.16 32.48 -20.06
C ALA C 253 -44.44 33.77 -20.42
N GLU C 254 -44.16 34.60 -19.42
CA GLU C 254 -43.58 35.90 -19.72
C GLU C 254 -42.07 35.83 -19.96
N ARG C 255 -41.36 34.90 -19.30
CA ARG C 255 -39.95 34.71 -19.65
C ARG C 255 -39.81 34.25 -21.10
N ILE C 256 -40.64 33.29 -21.51
CA ILE C 256 -40.58 32.75 -22.87
C ILE C 256 -40.95 33.82 -23.90
N ALA C 257 -41.98 34.61 -23.64
CA ALA C 257 -42.35 35.68 -24.57
C ALA C 257 -41.23 36.70 -24.66
N LEU C 258 -40.62 37.01 -23.52
CA LEU C 258 -39.52 37.96 -23.51
C LEU C 258 -38.33 37.44 -24.29
N LEU C 259 -38.02 36.16 -24.16
CA LEU C 259 -36.70 35.65 -24.55
C LEU C 259 -36.74 34.76 -25.78
N ARG C 260 -37.91 34.34 -26.26
CA ARG C 260 -37.91 33.36 -27.34
C ARG C 260 -37.23 33.90 -28.60
N ASP C 261 -37.31 35.22 -28.85
CA ASP C 261 -36.58 35.77 -29.99
C ASP C 261 -35.07 35.57 -29.87
N TYR C 262 -34.54 35.26 -28.68
CA TYR C 262 -33.11 35.14 -28.50
C TYR C 262 -32.63 33.69 -28.55
N GLN C 263 -33.44 32.80 -29.10
CA GLN C 263 -33.06 31.40 -29.18
C GLN C 263 -31.89 31.20 -30.13
N VAL C 264 -30.92 30.41 -29.70
CA VAL C 264 -29.81 30.01 -30.57
C VAL C 264 -30.35 28.99 -31.57
N ASN C 265 -30.52 29.41 -32.82
CA ASN C 265 -30.98 28.54 -33.88
C ASN C 265 -30.02 28.70 -35.06
N SER C 266 -30.30 27.98 -36.15
CA SER C 266 -29.41 28.02 -37.29
C SER C 266 -29.29 29.43 -37.85
N ALA C 267 -30.40 30.18 -37.90
CA ALA C 267 -30.36 31.54 -38.40
C ALA C 267 -29.45 32.42 -37.55
N MET C 268 -29.49 32.26 -36.23
CA MET C 268 -28.52 32.98 -35.40
C MET C 268 -27.10 32.61 -35.79
N LEU C 269 -26.82 31.32 -35.95
CA LEU C 269 -25.45 30.93 -36.25
C LEU C 269 -25.01 31.47 -37.60
N ALA C 270 -25.92 31.54 -38.57
CA ALA C 270 -25.57 32.13 -39.86
C ALA C 270 -25.34 33.62 -39.75
N LEU C 271 -26.02 34.28 -38.82
CA LEU C 271 -25.77 35.70 -38.62
C LEU C 271 -24.35 36.00 -38.17
N THR C 272 -23.56 34.98 -37.79
CA THR C 272 -22.20 35.25 -37.34
C THR C 272 -21.24 35.51 -38.49
N GLY C 273 -21.53 34.99 -39.67
CA GLY C 273 -20.58 35.06 -40.75
C GLY C 273 -19.36 34.20 -40.55
N ASN C 274 -19.39 33.33 -39.54
CA ASN C 274 -18.27 32.46 -39.24
C ASN C 274 -18.69 31.01 -39.44
N PRO C 275 -18.16 30.31 -40.46
CA PRO C 275 -18.59 28.93 -40.70
C PRO C 275 -18.14 27.95 -39.65
N GLN C 276 -17.16 28.31 -38.82
CA GLN C 276 -16.63 27.41 -37.80
C GLN C 276 -17.12 27.76 -36.40
N VAL C 277 -18.17 28.58 -36.31
CA VAL C 277 -18.75 28.89 -35.02
C VAL C 277 -19.14 27.60 -34.31
N LYS C 278 -18.85 27.55 -33.03
CA LYS C 278 -19.17 26.40 -32.19
C LYS C 278 -20.20 26.85 -31.16
N PHE C 279 -20.95 25.88 -30.66
CA PHE C 279 -22.05 26.14 -29.74
C PHE C 279 -21.80 25.46 -28.40
N LEU C 280 -22.16 26.17 -27.33
CA LEU C 280 -21.85 25.80 -25.95
C LEU C 280 -23.09 25.98 -25.08
N HIS C 281 -23.16 25.15 -24.03
CA HIS C 281 -24.29 25.11 -23.12
C HIS C 281 -23.84 24.32 -21.90
N CYS C 282 -23.90 24.94 -20.71
CA CYS C 282 -23.41 24.27 -19.51
C CYS C 282 -24.25 23.04 -19.14
N LEU C 283 -25.46 22.93 -19.68
CA LEU C 283 -26.40 21.84 -19.44
C LEU C 283 -27.01 21.96 -18.05
N PRO C 284 -28.23 21.45 -17.84
CA PRO C 284 -29.11 20.78 -18.82
C PRO C 284 -29.76 21.74 -19.80
N ALA C 285 -30.08 21.27 -21.00
CA ALA C 285 -30.60 22.07 -22.10
C ALA C 285 -31.98 21.57 -22.54
N PHE C 286 -32.87 22.52 -22.82
CA PHE C 286 -34.23 22.24 -23.29
C PHE C 286 -34.26 22.39 -24.81
N HIS C 287 -33.84 21.34 -25.50
CA HIS C 287 -33.80 21.35 -26.94
C HIS C 287 -34.66 20.29 -27.59
N ASP C 288 -35.09 19.29 -26.82
CA ASP C 288 -35.76 18.10 -27.33
C ASP C 288 -37.24 18.22 -26.99
N ASP C 289 -38.08 18.35 -28.02
CA ASP C 289 -39.50 18.55 -27.77
C ASP C 289 -40.27 17.22 -27.60
N GLN C 290 -39.57 16.09 -27.46
CA GLN C 290 -40.22 14.83 -27.11
C GLN C 290 -40.04 14.45 -25.64
N THR C 291 -39.33 15.25 -24.86
CA THR C 291 -39.38 15.04 -23.42
C THR C 291 -40.74 15.44 -22.91
N THR C 292 -41.02 15.12 -21.64
CA THR C 292 -42.32 15.45 -21.09
C THR C 292 -42.51 16.96 -21.04
N LEU C 293 -41.51 17.66 -20.53
CA LEU C 293 -41.58 19.12 -20.51
C LEU C 293 -41.56 19.69 -21.92
N GLY C 294 -40.77 19.09 -22.80
CA GLY C 294 -40.67 19.62 -24.16
C GLY C 294 -41.97 19.51 -24.92
N LYS C 295 -42.71 18.41 -24.70
CA LYS C 295 -44.02 18.24 -25.34
C LYS C 295 -45.05 19.24 -24.82
N GLN C 296 -44.95 19.60 -23.53
CA GLN C 296 -45.81 20.65 -22.99
C GLN C 296 -45.44 22.02 -23.56
N MET C 297 -44.15 22.31 -23.69
CA MET C 297 -43.71 23.62 -24.19
C MET C 297 -44.08 23.80 -25.66
N ALA C 298 -43.98 22.74 -26.46
CA ALA C 298 -44.39 22.85 -27.85
C ALA C 298 -45.90 23.09 -27.95
N ALA C 299 -46.69 22.32 -27.19
CA ALA C 299 -48.14 22.44 -27.24
C ALA C 299 -48.61 23.79 -26.70
N ASP C 300 -48.06 24.20 -25.55
CA ASP C 300 -48.52 25.41 -24.87
C ASP C 300 -48.00 26.69 -25.52
N TYR C 301 -46.76 26.68 -26.01
CA TYR C 301 -46.10 27.91 -26.42
C TYR C 301 -45.59 27.88 -27.85
N GLY C 302 -45.87 26.83 -28.62
CA GLY C 302 -45.35 26.75 -29.98
C GLY C 302 -43.85 26.53 -30.09
N LEU C 303 -43.20 26.10 -29.02
CA LEU C 303 -41.76 25.92 -29.03
C LEU C 303 -41.34 24.58 -29.63
N HIS C 304 -41.78 24.29 -30.85
CA HIS C 304 -41.35 23.08 -31.52
C HIS C 304 -39.88 23.17 -31.89
N GLY C 305 -39.17 22.04 -31.79
CA GLY C 305 -37.77 22.00 -32.14
C GLY C 305 -36.82 22.59 -31.11
N GLY C 306 -37.34 23.11 -30.00
CA GLY C 306 -36.49 23.48 -28.88
C GLY C 306 -36.87 24.78 -28.21
N MET C 307 -36.06 25.22 -27.23
CA MET C 307 -36.33 26.41 -26.44
C MET C 307 -35.12 27.34 -26.60
N GLU C 308 -34.25 27.43 -25.58
CA GLU C 308 -33.12 28.34 -25.68
C GLU C 308 -32.17 27.96 -26.82
N VAL C 309 -32.23 26.72 -27.27
CA VAL C 309 -31.47 26.24 -28.42
C VAL C 309 -32.27 25.13 -29.07
N THR C 310 -32.24 25.09 -30.40
CA THR C 310 -32.97 24.10 -31.14
C THR C 310 -32.21 22.79 -31.17
N ASP C 311 -32.93 21.70 -31.46
CA ASP C 311 -32.31 20.38 -31.57
C ASP C 311 -31.34 20.34 -32.74
N GLU C 312 -31.70 21.01 -33.84
CA GLU C 312 -30.83 21.07 -35.01
C GLU C 312 -29.45 21.61 -34.63
N VAL C 313 -29.39 22.71 -33.90
CA VAL C 313 -28.09 23.27 -33.52
C VAL C 313 -27.44 22.41 -32.46
N PHE C 314 -28.20 22.00 -31.44
CA PHE C 314 -27.62 21.22 -30.35
C PHE C 314 -26.95 19.95 -30.87
N GLU C 315 -27.55 19.30 -31.86
CA GLU C 315 -27.06 18.05 -32.42
C GLU C 315 -26.12 18.24 -33.60
N SER C 316 -25.91 19.47 -34.07
CA SER C 316 -25.07 19.75 -35.23
C SER C 316 -23.58 19.64 -34.88
N ALA C 317 -22.78 19.60 -35.93
CA ALA C 317 -21.32 19.58 -35.79
C ALA C 317 -20.78 20.83 -35.12
N ALA C 318 -21.55 21.92 -35.11
CA ALA C 318 -21.13 23.11 -34.40
C ALA C 318 -21.17 22.92 -32.89
N SER C 319 -21.91 21.92 -32.39
CA SER C 319 -22.15 21.75 -30.96
C SER C 319 -21.00 20.98 -30.32
N VAL C 320 -20.40 21.56 -29.30
CA VAL C 320 -19.37 20.87 -28.53
C VAL C 320 -19.82 20.66 -27.09
N VAL C 321 -21.14 20.64 -26.84
CA VAL C 321 -21.62 20.60 -25.47
C VAL C 321 -21.15 19.37 -24.73
N PHE C 322 -20.84 18.30 -25.43
CA PHE C 322 -20.40 17.10 -24.75
C PHE C 322 -18.89 17.06 -24.53
N ASP C 323 -18.09 17.63 -25.43
CA ASP C 323 -16.71 17.95 -25.07
C ASP C 323 -16.70 18.85 -23.84
N GLN C 324 -17.60 19.83 -23.81
CA GLN C 324 -17.64 20.79 -22.72
C GLN C 324 -18.00 20.12 -21.40
N ALA C 325 -18.96 19.18 -21.42
CA ALA C 325 -19.32 18.46 -20.20
C ALA C 325 -18.19 17.55 -19.74
N GLU C 326 -17.57 16.81 -20.67
CA GLU C 326 -16.43 15.99 -20.29
C GLU C 326 -15.39 16.83 -19.56
N ASN C 327 -15.15 18.05 -20.05
CA ASN C 327 -14.09 18.89 -19.52
C ASN C 327 -14.35 19.40 -18.10
N ARG C 328 -15.60 19.35 -17.62
CA ARG C 328 -15.82 19.56 -16.19
C ARG C 328 -14.88 18.68 -15.39
N MET C 329 -14.71 17.43 -15.83
CA MET C 329 -13.99 16.45 -15.04
C MET C 329 -12.50 16.69 -15.10
N HIS C 330 -11.96 16.92 -16.29
CA HIS C 330 -10.53 17.17 -16.43
C HIS C 330 -10.10 18.46 -15.74
N THR C 331 -10.95 19.49 -15.76
CA THR C 331 -10.56 20.74 -15.11
C THR C 331 -10.64 20.63 -13.60
N ILE C 332 -11.66 19.94 -13.10
CA ILE C 332 -11.76 19.72 -11.65
C ILE C 332 -10.64 18.82 -11.18
N LYS C 333 -10.28 17.80 -11.95
CA LYS C 333 -9.08 17.02 -11.62
C LYS C 333 -7.86 17.94 -11.51
N ALA C 334 -7.68 18.86 -12.46
CA ALA C 334 -6.55 19.78 -12.36
C ALA C 334 -6.58 20.57 -11.08
N VAL C 335 -7.73 21.08 -10.70
CA VAL C 335 -7.83 21.85 -9.47
C VAL C 335 -7.35 21.02 -8.28
N MET C 336 -7.79 19.76 -8.21
CA MET C 336 -7.49 18.92 -7.06
C MET C 336 -6.04 18.47 -7.06
N VAL C 337 -5.51 18.08 -8.22
CA VAL C 337 -4.10 17.71 -8.29
C VAL C 337 -3.22 18.90 -7.91
N ALA C 338 -3.57 20.09 -8.40
CA ALA C 338 -2.72 21.26 -8.20
C ALA C 338 -2.80 21.83 -6.79
N THR C 339 -3.93 21.67 -6.12
CA THR C 339 -4.02 22.14 -4.74
C THR C 339 -3.66 21.07 -3.70
N LEU C 340 -3.54 19.80 -4.07
CA LEU C 340 -3.29 18.76 -3.06
C LEU C 340 -1.97 18.03 -3.19
N SER C 341 -1.26 18.16 -4.31
CA SER C 341 0.02 17.50 -4.48
C SER C 341 1.05 18.49 -5.02
N ARG C 342 2.33 18.16 -4.82
CA ARG C 342 3.41 19.01 -5.30
C ARG C 342 4.28 18.32 -6.37
N ALA D 11 16.58 9.51 29.05
CA ALA D 11 17.32 10.26 28.03
C ALA D 11 18.61 9.58 27.61
N PHE D 12 18.48 8.62 26.70
CA PHE D 12 19.59 8.04 25.94
C PHE D 12 19.79 8.74 24.61
N TYR D 13 18.95 9.72 24.28
CA TYR D 13 18.92 10.29 22.95
C TYR D 13 20.31 10.74 22.54
N GLN D 14 20.75 10.26 21.38
CA GLN D 14 22.05 10.60 20.78
C GLN D 14 23.23 10.22 21.65
N LYS D 15 23.05 9.28 22.57
CA LYS D 15 24.16 8.70 23.30
C LYS D 15 24.65 7.41 22.63
N HIS D 16 25.90 7.05 22.89
CA HIS D 16 26.46 5.84 22.35
C HIS D 16 26.06 4.62 23.19
N PHE D 17 26.52 3.45 22.77
CA PHE D 17 26.36 2.24 23.56
C PHE D 17 27.63 1.42 23.36
N LEU D 18 28.67 1.80 24.09
CA LEU D 18 30.01 1.25 23.94
C LEU D 18 30.34 0.17 24.96
N LYS D 19 29.78 0.27 26.16
CA LYS D 19 30.04 -0.69 27.22
C LYS D 19 29.09 -0.34 28.35
N LEU D 20 28.80 -1.34 29.19
CA LEU D 20 27.73 -1.18 30.17
C LEU D 20 28.03 -0.11 31.22
N LEU D 21 29.31 0.13 31.55
CA LEU D 21 29.62 1.01 32.66
C LEU D 21 29.55 2.49 32.32
N ASP D 22 29.26 2.86 31.07
CA ASP D 22 28.98 4.24 30.73
C ASP D 22 27.57 4.65 31.16
N PHE D 23 26.85 3.78 31.89
CA PHE D 23 25.47 4.01 32.30
C PHE D 23 25.30 3.70 33.78
N THR D 24 24.27 4.32 34.36
CA THR D 24 23.87 4.03 35.73
C THR D 24 23.00 2.79 35.83
N PRO D 25 22.90 2.20 37.04
CA PRO D 25 21.90 1.14 37.28
C PRO D 25 20.49 1.49 36.85
N ALA D 26 20.00 2.68 37.21
CA ALA D 26 18.65 3.08 36.81
C ALA D 26 18.49 3.12 35.30
N GLU D 27 19.55 3.45 34.56
CA GLU D 27 19.43 3.55 33.10
C GLU D 27 19.44 2.17 32.46
N ILE D 28 20.27 1.26 32.96
CA ILE D 28 20.21 -0.12 32.48
C ILE D 28 18.85 -0.73 32.81
N THR D 29 18.25 -0.36 33.93
CA THR D 29 16.92 -0.90 34.23
C THR D 29 15.87 -0.36 33.26
N ALA D 30 16.00 0.90 32.87
CA ALA D 30 15.09 1.49 31.89
C ALA D 30 15.21 0.81 30.53
N LEU D 31 16.45 0.59 30.07
CA LEU D 31 16.66 -0.12 28.82
C LEU D 31 15.97 -1.48 28.84
N LEU D 32 16.12 -2.21 29.94
CA LEU D 32 15.53 -3.55 30.01
C LEU D 32 14.01 -3.47 29.99
N GLU D 33 13.44 -2.47 30.66
CA GLU D 33 11.98 -2.31 30.65
C GLU D 33 11.48 -1.95 29.25
N LEU D 34 12.21 -1.10 28.52
CA LEU D 34 11.81 -0.80 27.14
C LEU D 34 11.94 -2.05 26.27
N ALA D 35 12.98 -2.84 26.49
CA ALA D 35 13.10 -4.10 25.75
C ALA D 35 11.89 -5.00 26.01
N ALA D 36 11.49 -5.15 27.28
CA ALA D 36 10.38 -6.02 27.60
C ALA D 36 9.10 -5.52 26.96
N LYS D 37 8.92 -4.19 26.93
CA LYS D 37 7.75 -3.60 26.30
C LYS D 37 7.76 -3.86 24.79
N LEU D 38 8.91 -3.65 24.14
CA LEU D 38 8.99 -3.87 22.70
C LEU D 38 8.78 -5.34 22.35
N LYS D 39 9.12 -6.24 23.26
CA LYS D 39 8.91 -7.66 23.01
C LYS D 39 7.44 -8.04 23.16
N ALA D 40 6.81 -7.61 24.24
CA ALA D 40 5.38 -7.88 24.41
C ALA D 40 4.56 -7.24 23.28
N ASP D 41 4.91 -6.02 22.88
CA ASP D 41 4.21 -5.37 21.77
C ASP D 41 4.30 -6.22 20.51
N LYS D 42 5.49 -6.74 20.19
CA LYS D 42 5.59 -7.52 18.97
C LYS D 42 4.84 -8.85 19.10
N LYS D 43 4.99 -9.54 20.23
CA LYS D 43 4.26 -10.79 20.44
C LYS D 43 2.76 -10.58 20.27
N ASN D 44 2.24 -9.47 20.79
CA ASN D 44 0.81 -9.15 20.77
C ASN D 44 0.35 -8.53 19.46
N GLY D 45 1.24 -8.26 18.52
CA GLY D 45 0.85 -7.75 17.21
C GLY D 45 0.50 -6.28 17.17
N ILE D 46 1.25 -5.44 17.89
CA ILE D 46 0.89 -4.04 18.09
C ILE D 46 2.16 -3.20 18.28
N GLU D 47 3.23 -3.62 17.62
CA GLU D 47 4.48 -2.88 17.67
C GLU D 47 4.33 -1.56 16.92
N VAL D 48 4.85 -0.48 17.51
CA VAL D 48 4.80 0.84 16.92
C VAL D 48 6.20 1.20 16.45
N GLN D 49 6.33 1.54 15.18
CA GLN D 49 7.64 1.85 14.62
C GLN D 49 8.02 3.28 15.00
N LYS D 50 9.25 3.44 15.49
CA LYS D 50 9.78 4.74 15.91
C LYS D 50 10.97 5.18 15.08
N LEU D 51 11.53 4.28 14.27
CA LEU D 51 12.73 4.56 13.50
C LEU D 51 12.45 4.55 12.00
N ALA D 52 11.22 4.90 11.61
CA ALA D 52 10.91 5.04 10.19
C ALA D 52 11.69 6.21 9.62
N GLY D 53 12.25 6.02 8.43
CA GLY D 53 13.11 7.01 7.82
C GLY D 53 14.52 7.07 8.36
N LYS D 54 14.88 6.24 9.33
CA LYS D 54 16.25 6.15 9.80
C LYS D 54 17.00 5.10 9.00
N ASN D 55 18.31 5.32 8.84
CA ASN D 55 19.19 4.38 8.16
C ASN D 55 20.35 4.04 9.08
N ILE D 56 20.72 2.77 9.06
CA ILE D 56 21.71 2.26 9.98
C ILE D 56 22.80 1.54 9.21
N ALA D 57 24.04 1.74 9.63
CA ALA D 57 25.18 1.07 9.05
C ALA D 57 25.70 0.03 10.04
N LEU D 58 25.93 -1.18 9.54
CA LEU D 58 26.43 -2.27 10.35
C LEU D 58 27.85 -2.59 9.93
N ILE D 59 28.83 -2.05 10.66
CA ILE D 59 30.23 -2.35 10.37
C ILE D 59 30.57 -3.68 11.03
N PHE D 60 30.90 -4.68 10.22
CA PHE D 60 31.31 -5.99 10.70
C PHE D 60 32.71 -6.29 10.18
N GLU D 61 33.71 -6.08 11.03
CA GLU D 61 35.06 -6.53 10.69
C GLU D 61 35.28 -8.00 11.01
N LYS D 62 34.38 -8.62 11.77
CA LYS D 62 34.34 -10.05 11.99
C LYS D 62 32.88 -10.51 11.88
N ASP D 63 32.67 -11.64 11.21
CA ASP D 63 31.32 -12.18 11.03
C ASP D 63 30.69 -12.55 12.36
N SER D 64 29.41 -12.22 12.52
CA SER D 64 28.56 -12.84 13.54
C SER D 64 27.12 -12.85 13.02
N THR D 65 26.69 -14.01 12.53
CA THR D 65 25.31 -14.12 12.04
C THR D 65 24.30 -13.72 13.13
N ARG D 66 24.50 -14.20 14.36
CA ARG D 66 23.52 -13.92 15.41
C ARG D 66 23.40 -12.42 15.63
N THR D 67 24.52 -11.71 15.74
CA THR D 67 24.45 -10.28 16.02
C THR D 67 23.96 -9.49 14.81
N ARG D 68 24.35 -9.91 13.60
CA ARG D 68 23.85 -9.22 12.42
C ARG D 68 22.34 -9.35 12.34
N CYS D 69 21.84 -10.58 12.42
CA CYS D 69 20.40 -10.80 12.33
C CYS D 69 19.64 -10.04 13.40
N SER D 70 20.15 -9.98 14.63
CA SER D 70 19.46 -9.24 15.68
C SER D 70 19.39 -7.78 15.35
N PHE D 71 20.49 -7.21 14.86
CA PHE D 71 20.45 -5.82 14.43
C PHE D 71 19.53 -5.65 13.22
N GLU D 72 19.60 -6.55 12.25
CA GLU D 72 18.77 -6.35 11.06
C GLU D 72 17.29 -6.46 11.39
N VAL D 73 16.90 -7.46 12.19
CA VAL D 73 15.47 -7.65 12.45
C VAL D 73 14.95 -6.55 13.36
N ALA D 74 15.75 -6.14 14.35
CA ALA D 74 15.33 -5.06 15.23
C ALA D 74 15.10 -3.78 14.45
N ALA D 75 16.05 -3.43 13.57
CA ALA D 75 15.84 -2.26 12.72
C ALA D 75 14.63 -2.42 11.81
N TYR D 76 14.47 -3.59 11.18
CA TYR D 76 13.33 -3.81 10.27
C TYR D 76 12.01 -3.75 11.03
N ASP D 77 11.92 -4.38 12.20
CA ASP D 77 10.71 -4.28 13.00
C ASP D 77 10.30 -2.83 13.23
N GLN D 78 11.27 -1.94 13.33
CA GLN D 78 11.04 -0.56 13.75
C GLN D 78 11.07 0.43 12.58
N GLY D 79 11.04 -0.06 11.33
CA GLY D 79 10.85 0.77 10.18
C GLY D 79 12.13 1.25 9.51
N ALA D 80 13.28 1.02 10.12
CA ALA D 80 14.55 1.55 9.60
C ALA D 80 15.08 0.67 8.48
N ARG D 81 16.02 1.23 7.71
CA ARG D 81 16.77 0.50 6.69
C ARG D 81 18.20 0.34 7.16
N VAL D 82 18.88 -0.69 6.64
CA VAL D 82 20.21 -1.01 7.12
C VAL D 82 21.13 -1.29 5.93
N THR D 83 22.39 -0.98 6.12
CA THR D 83 23.45 -1.29 5.17
C THR D 83 24.44 -2.19 5.90
N TYR D 84 24.59 -3.41 5.42
CA TYR D 84 25.51 -4.36 6.05
C TYR D 84 26.88 -4.22 5.41
N LEU D 85 27.88 -3.81 6.19
CA LEU D 85 29.25 -3.62 5.71
C LEU D 85 30.10 -4.75 6.28
N GLY D 86 30.16 -5.84 5.55
CA GLY D 86 30.78 -7.05 6.05
C GLY D 86 32.29 -7.00 5.94
N PRO D 87 32.93 -8.04 6.46
CA PRO D 87 34.40 -8.06 6.50
C PRO D 87 34.98 -7.90 5.11
N SER D 88 35.76 -6.84 4.93
CA SER D 88 36.15 -6.35 3.61
C SER D 88 37.66 -6.20 3.55
N GLY D 89 38.34 -7.26 3.10
CA GLY D 89 39.73 -7.18 2.68
C GLY D 89 40.72 -6.70 3.72
N SER D 90 40.58 -5.44 4.16
CA SER D 90 41.53 -4.82 5.07
C SER D 90 40.80 -4.10 6.20
N GLN D 91 41.23 -4.34 7.43
CA GLN D 91 40.58 -3.75 8.58
C GLN D 91 40.64 -2.23 8.53
N ILE D 92 39.66 -1.60 9.18
CA ILE D 92 39.74 -0.16 9.42
C ILE D 92 41.08 0.13 10.05
N GLY D 93 41.69 1.25 9.63
CA GLY D 93 42.99 1.63 10.12
C GLY D 93 44.17 0.92 9.48
N HIS D 94 43.94 -0.03 8.57
CA HIS D 94 45.06 -0.60 7.82
C HIS D 94 45.43 0.34 6.67
N LYS D 95 44.54 0.49 5.69
CA LYS D 95 44.75 1.41 4.58
C LYS D 95 44.05 2.75 4.75
N GLU D 96 43.03 2.83 5.61
CA GLU D 96 42.24 4.04 5.80
C GLU D 96 41.94 4.16 7.29
N SER D 97 41.95 5.40 7.81
CA SER D 97 41.89 5.62 9.25
C SER D 97 40.45 5.65 9.74
N ILE D 98 40.29 5.29 11.02
CA ILE D 98 38.96 5.25 11.64
C ILE D 98 38.30 6.62 11.58
N LYS D 99 39.10 7.67 11.77
CA LYS D 99 38.57 9.03 11.70
C LYS D 99 37.89 9.29 10.35
N ASP D 100 38.49 8.80 9.27
CA ASP D 100 37.95 9.03 7.93
C ASP D 100 36.63 8.30 7.75
N THR D 101 36.64 6.99 8.05
CA THR D 101 35.42 6.19 8.01
C THR D 101 34.31 6.80 8.86
N ALA D 102 34.63 7.20 10.09
CA ALA D 102 33.59 7.72 10.96
C ALA D 102 32.89 8.92 10.36
N ARG D 103 33.66 9.84 9.77
CA ARG D 103 33.07 11.11 9.34
C ARG D 103 32.23 10.97 8.06
N VAL D 104 32.67 10.16 7.11
CA VAL D 104 31.81 9.86 5.95
C VAL D 104 30.49 9.28 6.47
N LEU D 105 30.56 8.09 7.06
CA LEU D 105 29.36 7.37 7.48
C LEU D 105 28.45 8.21 8.35
N GLY D 106 29.02 9.11 9.15
CA GLY D 106 28.22 9.96 10.00
C GLY D 106 27.37 10.94 9.25
N ARG D 107 27.75 11.27 8.01
CA ARG D 107 26.99 12.20 7.21
C ARG D 107 25.76 11.55 6.58
N MET D 108 25.85 10.25 6.30
CA MET D 108 24.78 9.55 5.62
C MET D 108 23.88 8.74 6.53
N TYR D 109 24.38 8.22 7.65
CA TYR D 109 23.63 7.29 8.48
C TYR D 109 23.25 7.88 9.82
N ASP D 110 22.13 7.42 10.37
CA ASP D 110 21.66 7.89 11.66
C ASP D 110 22.25 7.15 12.85
N GLY D 111 22.60 5.88 12.67
CA GLY D 111 23.33 5.15 13.69
C GLY D 111 24.27 4.17 13.04
N ILE D 112 25.27 3.74 13.80
CA ILE D 112 26.30 2.84 13.29
C ILE D 112 26.55 1.76 14.33
N GLN D 113 26.62 0.52 13.89
CA GLN D 113 27.03 -0.59 14.72
C GLN D 113 28.47 -0.95 14.37
N TYR D 114 29.27 -1.22 15.39
CA TYR D 114 30.62 -1.71 15.18
C TYR D 114 30.76 -3.06 15.86
N ARG D 115 31.28 -4.02 15.13
CA ARG D 115 31.69 -5.29 15.71
C ARG D 115 33.04 -5.63 15.11
N GLY D 116 34.04 -5.80 15.95
CA GLY D 116 35.28 -6.30 15.44
C GLY D 116 36.38 -6.40 16.47
N HIS D 117 37.27 -5.41 16.47
CA HIS D 117 38.59 -5.52 17.06
C HIS D 117 38.62 -4.73 18.37
N GLY D 118 39.59 -3.84 18.58
CA GLY D 118 39.75 -3.22 19.88
C GLY D 118 38.64 -2.26 20.22
N GLN D 119 38.49 -2.03 21.53
CA GLN D 119 37.55 -1.03 22.03
C GLN D 119 37.97 0.38 21.67
N GLU D 120 39.27 0.59 21.40
CA GLU D 120 39.71 1.90 20.95
C GLU D 120 39.10 2.22 19.59
N VAL D 121 39.00 1.23 18.71
CA VAL D 121 38.35 1.45 17.41
C VAL D 121 36.94 2.00 17.61
N VAL D 122 36.13 1.32 18.41
CA VAL D 122 34.72 1.73 18.57
C VAL D 122 34.63 3.08 19.26
N GLU D 123 35.58 3.41 20.14
CA GLU D 123 35.51 4.71 20.81
C GLU D 123 35.98 5.84 19.90
N THR D 124 36.97 5.59 19.05
CA THR D 124 37.36 6.56 18.02
C THR D 124 36.22 6.79 17.03
N LEU D 125 35.60 5.70 16.58
CA LEU D 125 34.41 5.77 15.73
C LEU D 125 33.32 6.63 16.38
N ALA D 126 32.99 6.33 17.63
CA ALA D 126 32.02 7.13 18.36
C ALA D 126 32.46 8.58 18.47
N GLN D 127 33.76 8.81 18.52
CA GLN D 127 34.28 10.16 18.68
C GLN D 127 33.92 11.03 17.48
N TYR D 128 34.18 10.52 16.28
CA TYR D 128 34.16 11.29 15.05
C TYR D 128 32.92 11.09 14.19
N ALA D 129 32.07 10.10 14.49
CA ALA D 129 30.95 9.86 13.59
C ALA D 129 29.85 10.93 13.73
N GLY D 130 29.72 11.53 14.90
CA GLY D 130 28.66 12.49 15.14
C GLY D 130 27.28 11.90 15.28
N VAL D 131 27.15 10.58 15.28
CA VAL D 131 25.88 9.90 15.47
C VAL D 131 26.08 8.75 16.44
N PRO D 132 25.01 8.28 17.09
CA PRO D 132 25.17 7.22 18.08
C PRO D 132 25.82 5.99 17.46
N VAL D 133 26.88 5.51 18.11
CA VAL D 133 27.59 4.31 17.72
C VAL D 133 27.37 3.24 18.80
N TRP D 134 27.10 2.01 18.37
CA TRP D 134 26.78 0.91 19.28
C TRP D 134 27.78 -0.23 19.11
N ASN D 135 28.24 -0.77 20.24
CA ASN D 135 29.26 -1.82 20.25
C ASN D 135 28.56 -3.18 20.27
N GLY D 136 28.63 -3.90 19.15
CA GLY D 136 28.09 -5.23 19.03
C GLY D 136 29.08 -6.31 19.34
N LEU D 137 30.32 -5.94 19.64
CA LEU D 137 31.36 -6.77 20.23
C LEU D 137 32.75 -6.20 19.92
N THR D 138 33.53 -5.96 20.97
CA THR D 138 34.94 -5.66 20.82
C THR D 138 35.73 -6.70 21.59
N ASN D 139 37.07 -6.69 21.40
CA ASN D 139 37.88 -7.66 22.12
C ASN D 139 37.70 -7.51 23.64
N GLU D 140 37.25 -6.36 24.12
CA GLU D 140 37.21 -6.10 25.54
C GLU D 140 35.82 -6.06 26.16
N PHE D 141 34.78 -5.75 25.39
CA PHE D 141 33.42 -5.67 25.95
C PHE D 141 32.39 -6.18 24.95
N HIS D 142 31.32 -6.76 25.49
CA HIS D 142 30.20 -7.29 24.69
C HIS D 142 28.90 -6.91 25.37
N PRO D 143 28.55 -5.63 25.34
CA PRO D 143 27.43 -5.14 26.18
C PRO D 143 26.04 -5.53 25.70
N THR D 144 25.80 -5.65 24.39
CA THR D 144 24.44 -5.99 23.95
C THR D 144 24.09 -7.41 24.35
N GLN D 145 25.06 -8.31 24.33
CA GLN D 145 24.86 -9.66 24.83
C GLN D 145 24.39 -9.64 26.29
N LEU D 146 25.07 -8.87 27.14
CA LEU D 146 24.74 -8.91 28.56
C LEU D 146 23.37 -8.29 28.82
N LEU D 147 22.94 -7.35 27.98
CA LEU D 147 21.57 -6.87 28.09
C LEU D 147 20.59 -8.02 27.85
N ALA D 148 20.85 -8.85 26.85
CA ALA D 148 19.93 -9.95 26.58
C ALA D 148 19.93 -10.94 27.73
N ASP D 149 21.10 -11.17 28.31
CA ASP D 149 21.21 -12.17 29.38
C ASP D 149 20.46 -11.71 30.62
N LEU D 150 20.57 -10.44 30.98
CA LEU D 150 19.83 -9.90 32.12
C LEU D 150 18.32 -9.97 31.88
N LEU D 151 17.88 -9.58 30.68
CA LEU D 151 16.46 -9.73 30.36
C LEU D 151 16.03 -11.19 30.49
N THR D 152 16.83 -12.10 29.94
CA THR D 152 16.49 -13.52 30.03
C THR D 152 16.41 -13.97 31.48
N MET D 153 17.35 -13.49 32.32
CA MET D 153 17.33 -13.91 33.72
C MET D 153 16.09 -13.36 34.43
N LYS D 154 15.73 -12.12 34.14
CA LYS D 154 14.56 -11.56 34.81
C LYS D 154 13.30 -12.29 34.42
N GLU D 155 13.20 -12.69 33.14
CA GLU D 155 12.00 -13.39 32.68
C GLU D 155 11.86 -14.74 33.37
N HIS D 156 12.96 -15.48 33.49
CA HIS D 156 12.93 -16.85 33.95
C HIS D 156 13.05 -16.99 35.46
N LEU D 157 13.40 -15.92 36.17
CA LEU D 157 13.34 -15.85 37.64
C LEU D 157 12.52 -14.62 38.02
N PRO D 158 11.22 -14.64 37.73
CA PRO D 158 10.39 -13.42 37.90
C PRO D 158 10.39 -12.76 39.27
N GLY D 159 10.30 -13.53 40.36
CA GLY D 159 10.05 -12.87 41.64
C GLY D 159 11.22 -12.11 42.24
N LYS D 160 12.38 -12.05 41.60
CA LYS D 160 13.61 -11.63 42.24
C LYS D 160 14.23 -10.42 41.54
N ALA D 161 14.79 -9.52 42.33
CA ALA D 161 15.70 -8.53 41.79
C ALA D 161 17.05 -9.17 41.50
N PHE D 162 17.85 -8.49 40.68
CA PHE D 162 19.17 -9.02 40.35
C PHE D 162 20.02 -9.20 41.60
N ASN D 163 19.86 -8.33 42.61
CA ASN D 163 20.65 -8.47 43.83
C ASN D 163 20.07 -9.50 44.79
N GLN D 164 19.18 -10.37 44.31
CA GLN D 164 18.83 -11.62 44.97
C GLN D 164 19.14 -12.83 44.09
N MET D 165 19.89 -12.66 43.01
CA MET D 165 20.24 -13.74 42.12
C MET D 165 21.72 -14.05 42.23
N THR D 166 22.07 -15.26 41.81
CA THR D 166 23.44 -15.73 41.80
C THR D 166 23.73 -16.24 40.40
N LEU D 167 24.71 -15.64 39.74
CA LEU D 167 25.08 -15.97 38.37
C LEU D 167 26.47 -16.61 38.36
N VAL D 168 26.56 -17.80 37.80
CA VAL D 168 27.82 -18.49 37.63
C VAL D 168 28.26 -18.35 36.18
N TYR D 169 29.53 -18.06 35.98
CA TYR D 169 30.11 -18.09 34.64
C TYR D 169 31.31 -19.02 34.72
N ALA D 170 31.24 -20.12 33.98
CA ALA D 170 32.27 -21.14 34.06
C ALA D 170 33.06 -21.16 32.76
N GLY D 171 34.34 -21.50 32.87
CA GLY D 171 35.22 -21.61 31.72
C GLY D 171 36.25 -20.51 31.69
N ASP D 172 36.45 -19.88 30.53
CA ASP D 172 37.45 -18.84 30.33
C ASP D 172 36.80 -17.48 30.49
N ALA D 173 37.23 -16.72 31.49
CA ALA D 173 36.68 -15.40 31.75
C ALA D 173 37.66 -14.27 31.43
N ARG D 174 38.74 -14.57 30.71
CA ARG D 174 39.80 -13.59 30.44
C ARG D 174 39.62 -13.04 29.01
N ASN D 175 38.58 -12.22 28.87
CA ASN D 175 38.07 -11.84 27.56
C ASN D 175 36.87 -10.92 27.72
N ASN D 176 36.17 -10.67 26.61
CA ASN D 176 35.07 -9.71 26.62
C ASN D 176 33.89 -10.19 27.44
N MET D 177 33.69 -11.49 27.52
CA MET D 177 32.61 -12.04 28.33
C MET D 177 32.89 -11.86 29.83
N GLY D 178 34.06 -12.33 30.29
CA GLY D 178 34.47 -12.00 31.64
C GLY D 178 34.28 -10.53 31.98
N ASN D 179 34.86 -9.64 31.16
CA ASN D 179 34.77 -8.22 31.46
C ASN D 179 33.31 -7.77 31.51
N SER D 180 32.47 -8.31 30.63
CA SER D 180 31.08 -7.85 30.58
C SER D 180 30.27 -8.39 31.75
N MET D 181 30.56 -9.60 32.22
CA MET D 181 29.91 -10.10 33.43
C MET D 181 30.24 -9.22 34.62
N LEU D 182 31.51 -8.81 34.75
CA LEU D 182 31.86 -7.90 35.83
C LEU D 182 31.07 -6.62 35.73
N GLU D 183 30.95 -6.08 34.52
CA GLU D 183 30.17 -4.87 34.33
C GLU D 183 28.75 -5.08 34.81
N ALA D 184 28.16 -6.20 34.39
CA ALA D 184 26.76 -6.47 34.70
C ALA D 184 26.55 -6.58 36.21
N ALA D 185 27.38 -7.35 36.90
CA ALA D 185 27.31 -7.38 38.36
C ALA D 185 27.42 -5.98 38.95
N ALA D 186 28.36 -5.16 38.43
CA ALA D 186 28.58 -3.83 38.99
C ALA D 186 27.34 -2.95 38.89
N LEU D 187 26.49 -3.22 37.90
CA LEU D 187 25.31 -2.40 37.64
C LEU D 187 24.04 -2.94 38.28
N THR D 188 23.98 -4.23 38.55
CA THR D 188 22.75 -4.85 39.00
C THR D 188 22.81 -5.42 40.41
N GLY D 189 24.00 -5.74 40.91
CA GLY D 189 24.15 -6.33 42.23
C GLY D 189 24.09 -7.84 42.24
N LEU D 190 24.30 -8.48 41.10
CA LEU D 190 24.34 -9.94 41.08
C LEU D 190 25.36 -10.45 42.09
N ASP D 191 25.12 -11.66 42.58
CA ASP D 191 26.14 -12.46 43.23
C ASP D 191 26.81 -13.23 42.12
N LEU D 192 27.88 -12.66 41.57
CA LEU D 192 28.57 -13.25 40.43
C LEU D 192 29.71 -14.15 40.89
N ARG D 193 29.81 -15.33 40.28
CA ARG D 193 30.93 -16.24 40.49
C ARG D 193 31.58 -16.51 39.15
N LEU D 194 32.86 -16.22 39.05
CA LEU D 194 33.68 -16.60 37.91
C LEU D 194 34.39 -17.90 38.28
N VAL D 195 33.86 -19.01 37.79
CA VAL D 195 34.39 -20.33 38.11
C VAL D 195 35.32 -20.69 36.96
N ALA D 196 36.60 -20.36 37.12
CA ALA D 196 37.55 -20.53 36.03
C ALA D 196 38.93 -20.83 36.60
N PRO D 197 39.80 -21.48 35.81
CA PRO D 197 41.21 -21.58 36.20
C PRO D 197 41.83 -20.21 36.41
N SER D 198 42.96 -20.20 37.11
CA SER D 198 43.53 -18.94 37.57
C SER D 198 44.14 -18.15 36.42
N ALA D 199 44.69 -18.82 35.43
CA ALA D 199 45.22 -18.14 34.26
C ALA D 199 44.11 -17.65 33.30
N CYS D 200 42.85 -17.65 33.72
CA CYS D 200 41.71 -17.27 32.89
C CYS D 200 40.79 -16.29 33.62
N TRP D 201 41.29 -15.58 34.50
CA TRP D 201 40.50 -14.56 35.17
C TRP D 201 40.71 -13.22 34.46
N PRO D 202 39.75 -12.31 34.50
CA PRO D 202 39.93 -11.00 33.88
C PRO D 202 40.83 -10.11 34.72
N GLU D 203 41.29 -9.02 34.10
CA GLU D 203 42.36 -8.24 34.69
C GLU D 203 41.92 -7.61 36.02
N ALA D 204 42.88 -7.56 36.95
CA ALA D 204 42.56 -7.29 38.36
C ALA D 204 41.97 -5.91 38.58
N ALA D 205 42.37 -4.91 37.77
CA ALA D 205 41.85 -3.56 37.99
C ALA D 205 40.36 -3.47 37.68
N LEU D 206 39.90 -4.20 36.65
CA LEU D 206 38.48 -4.24 36.35
C LEU D 206 37.72 -4.97 37.45
N VAL D 207 38.27 -6.09 37.92
CA VAL D 207 37.65 -6.84 39.01
C VAL D 207 37.48 -5.95 40.23
N GLU D 208 38.52 -5.19 40.58
CA GLU D 208 38.45 -4.37 41.78
C GLU D 208 37.41 -3.26 41.63
N THR D 209 37.42 -2.58 40.47
CA THR D 209 36.41 -1.58 40.18
C THR D 209 35.00 -2.15 40.30
N CYS D 210 34.77 -3.34 39.73
CA CYS D 210 33.42 -3.88 39.64
C CYS D 210 32.97 -4.52 40.94
N THR D 211 33.88 -5.15 41.68
CA THR D 211 33.51 -5.73 42.96
C THR D 211 32.91 -4.66 43.88
N ALA D 212 33.57 -3.53 44.00
CA ALA D 212 33.08 -2.47 44.89
C ALA D 212 31.69 -2.01 44.48
N LEU D 213 31.46 -1.86 43.16
CA LEU D 213 30.15 -1.46 42.66
C LEU D 213 29.11 -2.55 42.86
N ALA D 214 29.44 -3.80 42.57
CA ALA D 214 28.51 -4.89 42.84
C ALA D 214 28.10 -4.88 44.31
N LYS D 215 29.09 -4.77 45.22
CA LYS D 215 28.80 -4.80 46.65
C LYS D 215 27.86 -3.66 47.03
N GLN D 216 28.09 -2.46 46.50
CA GLN D 216 27.20 -1.34 46.81
C GLN D 216 25.79 -1.57 46.27
N GLN D 217 25.63 -2.42 45.26
CA GLN D 217 24.31 -2.73 44.71
C GLN D 217 23.67 -3.95 45.38
N GLY D 218 24.25 -4.46 46.46
CA GLY D 218 23.69 -5.60 47.16
C GLY D 218 24.23 -6.94 46.72
N GLY D 219 25.29 -6.95 45.93
CA GLY D 219 25.83 -8.19 45.42
C GLY D 219 27.26 -8.39 45.83
N ASN D 220 28.06 -8.98 44.94
CA ASN D 220 29.41 -9.42 45.25
C ASN D 220 29.98 -10.05 44.00
N ILE D 221 31.31 -10.06 43.91
CA ILE D 221 31.98 -10.76 42.82
C ILE D 221 33.06 -11.65 43.42
N THR D 222 33.03 -12.93 43.05
CA THR D 222 33.94 -13.96 43.54
C THR D 222 34.66 -14.56 42.34
N LEU D 223 35.95 -14.84 42.51
CA LEU D 223 36.74 -15.56 41.52
C LEU D 223 37.34 -16.77 42.20
N THR D 224 37.18 -17.95 41.60
CA THR D 224 37.66 -19.15 42.25
C THR D 224 37.82 -20.25 41.22
N GLU D 225 38.89 -21.02 41.36
CA GLU D 225 39.06 -22.27 40.64
C GLU D 225 38.24 -23.41 41.24
N ASP D 226 37.52 -23.16 42.34
CA ASP D 226 36.88 -24.22 43.12
C ASP D 226 35.44 -24.38 42.64
N ILE D 227 35.20 -25.42 41.84
CA ILE D 227 33.91 -25.55 41.18
C ILE D 227 32.81 -25.79 42.20
N ALA D 228 33.00 -26.75 43.11
CA ALA D 228 31.90 -27.14 43.98
C ALA D 228 31.48 -25.97 44.86
N ALA D 229 32.44 -25.19 45.34
CA ALA D 229 32.11 -24.08 46.21
C ALA D 229 31.55 -22.92 45.40
N GLY D 230 32.09 -22.69 44.21
CA GLY D 230 31.73 -21.53 43.41
C GLY D 230 30.32 -21.55 42.88
N VAL D 231 29.76 -22.74 42.57
CA VAL D 231 28.42 -22.79 41.99
C VAL D 231 27.30 -22.94 43.01
N LYS D 232 27.61 -23.00 44.31
CA LYS D 232 26.57 -23.19 45.32
C LYS D 232 25.54 -22.06 45.25
N GLY D 233 24.27 -22.42 45.18
CA GLY D 233 23.22 -21.41 45.16
C GLY D 233 22.93 -20.78 43.81
N ALA D 234 23.60 -21.21 42.75
CA ALA D 234 23.46 -20.54 41.46
C ALA D 234 22.02 -20.63 40.95
N ASP D 235 21.47 -19.48 40.57
CA ASP D 235 20.23 -19.48 39.79
C ASP D 235 20.48 -19.68 38.31
N PHE D 236 21.66 -19.29 37.82
CA PHE D 236 22.02 -19.37 36.42
C PHE D 236 23.48 -19.79 36.30
N ILE D 237 23.75 -20.68 35.36
CA ILE D 237 25.10 -21.07 34.98
C ILE D 237 25.28 -20.69 33.52
N TYR D 238 26.39 -20.04 33.22
CA TYR D 238 26.69 -19.50 31.91
C TYR D 238 28.06 -20.01 31.47
N THR D 239 28.22 -20.30 30.19
CA THR D 239 29.56 -20.64 29.71
C THR D 239 29.68 -20.23 28.25
N ASP D 240 30.83 -20.58 27.66
CA ASP D 240 31.18 -20.17 26.31
C ASP D 240 32.26 -21.12 25.82
N VAL D 241 32.46 -21.14 24.52
CA VAL D 241 33.46 -22.02 23.94
C VAL D 241 34.84 -21.68 24.46
N TRP D 242 35.71 -22.69 24.51
CA TRP D 242 37.04 -22.54 25.09
C TRP D 242 38.09 -22.04 24.11
N VAL D 243 37.88 -22.23 22.81
CA VAL D 243 38.87 -21.94 21.78
C VAL D 243 38.23 -21.14 20.64
N SER D 244 38.95 -20.13 20.17
CA SER D 244 38.56 -19.38 18.99
C SER D 244 39.15 -20.01 17.72
N MET D 245 38.56 -19.66 16.57
CA MET D 245 39.06 -20.12 15.27
C MET D 245 39.61 -18.96 14.45
N ALA D 248 44.11 -21.23 15.61
CA ALA D 248 45.46 -21.78 15.66
C ALA D 248 45.42 -23.14 16.32
N LYS D 249 45.24 -24.18 15.48
CA LYS D 249 44.90 -25.50 15.99
C LYS D 249 45.90 -25.99 17.03
N GLU D 250 47.19 -25.69 16.83
CA GLU D 250 48.22 -26.11 17.80
C GLU D 250 47.84 -25.70 19.22
N LYS D 251 47.27 -24.49 19.38
CA LYS D 251 47.00 -23.90 20.68
C LYS D 251 45.80 -24.53 21.40
N TRP D 252 45.04 -25.38 20.74
CA TRP D 252 43.80 -25.88 21.30
C TRP D 252 44.05 -26.83 22.47
N ALA D 253 44.98 -27.79 22.29
CA ALA D 253 45.14 -28.84 23.29
C ALA D 253 45.49 -28.28 24.67
N GLU D 254 46.24 -27.18 24.72
CA GLU D 254 46.52 -26.53 25.99
C GLU D 254 45.24 -26.02 26.64
N ARG D 255 44.45 -25.24 25.90
CA ARG D 255 43.20 -24.71 26.41
C ARG D 255 42.33 -25.82 26.98
N ILE D 256 42.12 -26.87 26.19
CA ILE D 256 41.20 -27.93 26.56
C ILE D 256 41.71 -28.70 27.78
N ALA D 257 43.02 -28.91 27.87
CA ALA D 257 43.56 -29.53 29.08
C ALA D 257 43.27 -28.65 30.29
N LEU D 258 43.27 -27.33 30.10
CA LEU D 258 43.13 -26.37 31.20
C LEU D 258 41.68 -26.14 31.60
N LEU D 259 40.74 -26.25 30.65
CA LEU D 259 39.36 -25.82 30.88
C LEU D 259 38.34 -26.95 30.91
N ARG D 260 38.71 -28.17 30.53
CA ARG D 260 37.72 -29.23 30.42
C ARG D 260 37.14 -29.65 31.76
N ASP D 261 37.88 -29.43 32.86
CA ASP D 261 37.32 -29.67 34.18
C ASP D 261 36.21 -28.69 34.50
N TYR D 262 36.08 -27.61 33.73
CA TYR D 262 35.06 -26.61 33.93
C TYR D 262 33.86 -26.81 33.00
N GLN D 263 33.80 -27.93 32.29
CA GLN D 263 32.66 -28.25 31.45
C GLN D 263 31.36 -28.23 32.25
N VAL D 264 30.35 -27.56 31.71
CA VAL D 264 29.03 -27.54 32.32
C VAL D 264 28.30 -28.83 31.98
N ASN D 265 27.94 -29.61 32.99
CA ASN D 265 27.30 -30.90 32.79
C ASN D 265 26.36 -31.14 33.97
N SER D 266 25.64 -32.26 33.91
CA SER D 266 24.70 -32.60 34.98
C SER D 266 25.36 -32.60 36.34
N ALA D 267 26.61 -33.06 36.41
CA ALA D 267 27.35 -33.02 37.67
C ALA D 267 27.46 -31.60 38.20
N MET D 268 27.85 -30.65 37.33
CA MET D 268 27.99 -29.28 37.80
C MET D 268 26.66 -28.73 38.28
N LEU D 269 25.59 -28.95 37.50
CA LEU D 269 24.28 -28.43 37.90
C LEU D 269 23.85 -28.99 39.25
N ALA D 270 24.12 -30.27 39.52
CA ALA D 270 23.73 -30.84 40.81
C ALA D 270 24.54 -30.22 41.94
N LEU D 271 25.80 -29.85 41.66
CA LEU D 271 26.62 -29.19 42.66
C LEU D 271 26.03 -27.86 43.14
N THR D 272 25.07 -27.28 42.41
CA THR D 272 24.48 -26.02 42.86
C THR D 272 23.53 -26.22 44.03
N GLY D 273 22.94 -27.41 44.14
CA GLY D 273 21.87 -27.59 45.11
C GLY D 273 20.66 -26.75 44.83
N ASN D 274 20.47 -26.33 43.57
CA ASN D 274 19.28 -25.59 43.16
C ASN D 274 18.57 -26.36 42.06
N PRO D 275 17.48 -27.06 42.36
CA PRO D 275 16.77 -27.79 41.31
C PRO D 275 16.23 -26.90 40.20
N GLN D 276 16.07 -25.60 40.44
CA GLN D 276 15.54 -24.68 39.44
C GLN D 276 16.63 -23.95 38.64
N VAL D 277 17.88 -24.43 38.70
CA VAL D 277 18.98 -23.73 38.06
C VAL D 277 18.86 -23.82 36.55
N LYS D 278 19.18 -22.72 35.86
CA LYS D 278 19.03 -22.58 34.43
C LYS D 278 20.40 -22.35 33.79
N PHE D 279 20.49 -22.68 32.51
CA PHE D 279 21.75 -22.65 31.78
C PHE D 279 21.68 -21.58 30.69
N LEU D 280 22.75 -20.80 30.60
CA LEU D 280 22.87 -19.73 29.62
C LEU D 280 24.16 -19.94 28.81
N HIS D 281 24.12 -19.53 27.55
CA HIS D 281 25.24 -19.69 26.64
C HIS D 281 25.04 -18.73 25.47
N CYS D 282 26.00 -17.84 25.24
CA CYS D 282 25.84 -16.77 24.27
C CYS D 282 25.72 -17.29 22.85
N LEU D 283 26.38 -18.43 22.54
CA LEU D 283 26.33 -19.15 21.26
C LEU D 283 27.35 -18.54 20.31
N PRO D 284 27.84 -19.30 19.32
CA PRO D 284 27.54 -20.72 19.05
C PRO D 284 28.18 -21.62 20.09
N ALA D 285 27.70 -22.85 20.23
CA ALA D 285 28.07 -23.71 21.34
C ALA D 285 28.45 -25.09 20.82
N PHE D 286 29.51 -25.65 21.40
CA PHE D 286 30.03 -26.94 20.96
C PHE D 286 29.57 -28.00 21.95
N HIS D 287 28.35 -28.50 21.72
CA HIS D 287 27.69 -29.50 22.53
C HIS D 287 27.39 -30.75 21.75
N ASP D 288 27.42 -30.69 20.43
CA ASP D 288 27.00 -31.76 19.54
C ASP D 288 28.27 -32.45 19.03
N ASP D 289 28.52 -33.66 19.48
CA ASP D 289 29.70 -34.39 19.07
C ASP D 289 29.48 -35.16 17.76
N GLN D 290 28.32 -35.00 17.12
CA GLN D 290 28.03 -35.58 15.81
C GLN D 290 28.22 -34.59 14.67
N THR D 291 28.45 -33.32 14.94
CA THR D 291 28.84 -32.42 13.86
C THR D 291 30.24 -32.77 13.37
N THR D 292 30.63 -32.17 12.24
CA THR D 292 31.93 -32.49 11.66
C THR D 292 33.05 -32.19 12.66
N LEU D 293 33.00 -30.99 13.26
CA LEU D 293 34.03 -30.63 14.22
C LEU D 293 33.85 -31.40 15.51
N GLY D 294 32.61 -31.54 15.98
CA GLY D 294 32.36 -32.36 17.15
C GLY D 294 32.99 -33.74 17.04
N LYS D 295 32.84 -34.38 15.88
CA LYS D 295 33.41 -35.71 15.73
C LYS D 295 34.92 -35.67 15.91
N GLN D 296 35.58 -34.68 15.32
CA GLN D 296 37.03 -34.54 15.42
C GLN D 296 37.46 -34.19 16.84
N MET D 297 36.67 -33.38 17.54
CA MET D 297 36.97 -33.05 18.92
C MET D 297 36.78 -34.27 19.82
N ALA D 298 35.80 -35.11 19.53
CA ALA D 298 35.65 -36.33 20.31
C ALA D 298 36.78 -37.31 20.04
N ALA D 299 37.51 -37.13 18.94
CA ALA D 299 38.62 -38.01 18.60
C ALA D 299 39.95 -37.49 19.13
N ASP D 300 40.30 -36.23 18.83
CA ASP D 300 41.57 -35.70 19.30
C ASP D 300 41.66 -35.66 20.83
N TYR D 301 40.52 -35.55 21.51
CA TYR D 301 40.52 -35.23 22.92
C TYR D 301 39.53 -36.03 23.75
N GLY D 302 38.75 -36.91 23.13
CA GLY D 302 37.79 -37.68 23.89
C GLY D 302 36.69 -36.87 24.51
N LEU D 303 36.37 -35.71 23.92
CA LEU D 303 35.28 -34.85 24.40
C LEU D 303 33.95 -35.38 23.87
N HIS D 304 33.61 -36.57 24.34
CA HIS D 304 32.34 -37.19 23.99
C HIS D 304 31.21 -36.54 24.79
N GLY D 305 30.09 -36.32 24.11
CA GLY D 305 28.95 -35.67 24.73
C GLY D 305 28.94 -34.16 24.68
N GLY D 306 30.01 -33.51 24.17
CA GLY D 306 30.09 -32.08 23.99
C GLY D 306 31.42 -31.51 24.49
N MET D 307 31.51 -30.18 24.55
CA MET D 307 32.71 -29.52 25.03
C MET D 307 32.34 -28.66 26.24
N GLU D 308 32.31 -27.33 26.09
CA GLU D 308 32.05 -26.47 27.25
C GLU D 308 30.72 -26.77 27.91
N VAL D 309 29.80 -27.42 27.21
CA VAL D 309 28.54 -27.89 27.78
C VAL D 309 28.16 -29.16 27.06
N THR D 310 27.58 -30.10 27.80
CA THR D 310 27.16 -31.37 27.21
C THR D 310 25.82 -31.19 26.50
N ASP D 311 25.60 -31.99 25.47
CA ASP D 311 24.33 -31.92 24.77
C ASP D 311 23.19 -32.17 25.73
N GLU D 312 23.41 -33.05 26.71
CA GLU D 312 22.39 -33.34 27.71
C GLU D 312 21.93 -32.08 28.42
N VAL D 313 22.87 -31.28 28.91
CA VAL D 313 22.47 -30.03 29.55
C VAL D 313 21.90 -29.06 28.53
N PHE D 314 22.53 -28.97 27.35
CA PHE D 314 22.17 -27.93 26.39
C PHE D 314 20.73 -28.08 25.92
N GLU D 315 20.29 -29.31 25.69
CA GLU D 315 18.94 -29.62 25.24
C GLU D 315 17.92 -29.83 26.37
N SER D 316 18.31 -29.60 27.63
CA SER D 316 17.43 -29.90 28.75
C SER D 316 16.52 -28.72 29.05
N ALA D 317 15.46 -29.01 29.80
CA ALA D 317 14.49 -27.99 30.16
C ALA D 317 15.12 -26.84 30.92
N ALA D 318 16.26 -27.07 31.56
CA ALA D 318 16.94 -26.01 32.29
C ALA D 318 17.67 -25.06 31.35
N SER D 319 17.88 -25.43 30.09
CA SER D 319 18.56 -24.57 29.12
C SER D 319 17.58 -23.59 28.50
N VAL D 320 17.92 -22.30 28.52
CA VAL D 320 17.04 -21.28 27.98
C VAL D 320 17.76 -20.51 26.88
N VAL D 321 18.74 -21.17 26.24
CA VAL D 321 19.63 -20.51 25.31
C VAL D 321 18.88 -19.92 24.12
N PHE D 322 17.74 -20.51 23.71
CA PHE D 322 17.06 -19.90 22.58
C PHE D 322 16.18 -18.73 22.99
N ASP D 323 15.62 -18.72 24.20
CA ASP D 323 15.05 -17.47 24.69
C ASP D 323 16.11 -16.39 24.81
N GLN D 324 17.28 -16.75 25.33
CA GLN D 324 18.39 -15.81 25.42
C GLN D 324 18.77 -15.30 24.03
N ALA D 325 18.87 -16.20 23.05
CA ALA D 325 19.15 -15.80 21.67
C ALA D 325 18.12 -14.81 21.17
N GLU D 326 16.83 -15.14 21.31
CA GLU D 326 15.79 -14.22 20.87
C GLU D 326 15.97 -12.84 21.48
N ASN D 327 16.33 -12.79 22.76
CA ASN D 327 16.37 -11.52 23.47
C ASN D 327 17.53 -10.64 23.05
N ARG D 328 18.53 -11.16 22.35
CA ARG D 328 19.49 -10.28 21.69
C ARG D 328 18.73 -9.23 20.90
N MET D 329 17.75 -9.67 20.10
CA MET D 329 17.06 -8.78 19.16
C MET D 329 16.26 -7.73 19.91
N HIS D 330 15.43 -8.16 20.86
CA HIS D 330 14.65 -7.19 21.61
C HIS D 330 15.53 -6.18 22.35
N THR D 331 16.68 -6.62 22.88
CA THR D 331 17.49 -5.66 23.65
C THR D 331 18.23 -4.70 22.71
N ILE D 332 18.76 -5.20 21.60
CA ILE D 332 19.38 -4.33 20.60
C ILE D 332 18.36 -3.32 20.10
N LYS D 333 17.11 -3.77 19.91
CA LYS D 333 16.05 -2.87 19.50
C LYS D 333 15.85 -1.78 20.54
N ALA D 334 15.83 -2.16 21.83
CA ALA D 334 15.66 -1.14 22.87
C ALA D 334 16.79 -0.11 22.81
N VAL D 335 18.00 -0.55 22.48
CA VAL D 335 19.13 0.36 22.45
C VAL D 335 19.02 1.34 21.28
N MET D 336 18.57 0.85 20.12
CA MET D 336 18.42 1.72 18.95
C MET D 336 17.25 2.66 19.10
N VAL D 337 16.09 2.16 19.52
CA VAL D 337 14.98 3.06 19.76
C VAL D 337 15.38 4.15 20.75
N ALA D 338 16.13 3.77 21.79
CA ALA D 338 16.38 4.71 22.88
C ALA D 338 17.38 5.78 22.48
N THR D 339 18.38 5.42 21.67
CA THR D 339 19.39 6.37 21.24
C THR D 339 19.03 7.16 19.98
N LEU D 340 17.99 6.76 19.24
CA LEU D 340 17.62 7.42 17.99
C LEU D 340 16.29 8.14 18.05
N SER D 341 15.51 7.95 19.10
CA SER D 341 14.21 8.59 19.23
C SER D 341 13.81 8.77 20.69
N HIS E 8 -9.14 -23.38 -0.70
CA HIS E 8 -8.65 -22.09 -0.20
C HIS E 8 -7.11 -22.07 -0.09
N MET E 9 -6.51 -20.95 -0.52
CA MET E 9 -5.06 -20.78 -0.44
C MET E 9 -4.55 -20.85 1.00
N SER E 10 -5.42 -20.70 2.00
CA SER E 10 -4.96 -20.69 3.37
C SER E 10 -4.39 -22.04 3.79
N ALA E 11 -4.71 -23.12 3.07
CA ALA E 11 -4.20 -24.46 3.42
C ALA E 11 -2.72 -24.66 3.12
N PHE E 12 -2.04 -23.66 2.55
CA PHE E 12 -0.58 -23.64 2.46
C PHE E 12 0.06 -22.98 3.65
N TYR E 13 -0.73 -22.35 4.50
CA TYR E 13 -0.23 -21.60 5.63
C TYR E 13 0.74 -22.44 6.47
N GLN E 14 1.93 -21.91 6.69
CA GLN E 14 2.98 -22.48 7.52
C GLN E 14 3.54 -23.79 6.97
N LYS E 15 3.21 -24.15 5.73
CA LYS E 15 3.83 -25.31 5.12
C LYS E 15 5.23 -24.93 4.58
N HIS E 16 6.06 -25.96 4.40
CA HIS E 16 7.34 -25.80 3.73
C HIS E 16 7.19 -25.97 2.22
N PHE E 17 8.27 -25.60 1.46
CA PHE E 17 8.38 -25.80 0.01
C PHE E 17 9.73 -26.44 -0.30
N LEU E 18 9.83 -27.75 -0.04
CA LEU E 18 11.10 -28.45 -0.15
C LEU E 18 11.28 -29.18 -1.48
N LYS E 19 10.19 -29.66 -2.07
CA LYS E 19 10.24 -30.37 -3.34
C LYS E 19 8.82 -30.45 -3.87
N LEU E 20 8.71 -30.67 -5.19
CA LEU E 20 7.40 -30.58 -5.82
C LEU E 20 6.49 -31.73 -5.40
N LEU E 21 7.03 -32.94 -5.24
CA LEU E 21 6.14 -34.05 -4.91
C LEU E 21 5.69 -34.05 -3.46
N ASP E 22 6.07 -33.05 -2.66
CA ASP E 22 5.37 -32.86 -1.38
C ASP E 22 3.98 -32.28 -1.58
N PHE E 23 3.57 -32.00 -2.82
CA PHE E 23 2.29 -31.39 -3.11
C PHE E 23 1.51 -32.27 -4.10
N THR E 24 0.21 -32.02 -4.14
CA THR E 24 -0.67 -32.66 -5.08
C THR E 24 -0.73 -31.86 -6.38
N PRO E 25 -1.21 -32.47 -7.46
CA PRO E 25 -1.43 -31.69 -8.68
C PRO E 25 -2.24 -30.43 -8.45
N ALA E 26 -3.31 -30.54 -7.65
CA ALA E 26 -4.21 -29.40 -7.47
C ALA E 26 -3.51 -28.26 -6.75
N GLU E 27 -2.63 -28.58 -5.80
CA GLU E 27 -1.90 -27.54 -5.07
C GLU E 27 -0.88 -26.85 -5.95
N ILE E 28 -0.18 -27.59 -6.79
CA ILE E 28 0.70 -26.98 -7.79
C ILE E 28 -0.10 -26.03 -8.66
N THR E 29 -1.29 -26.45 -9.09
CA THR E 29 -2.14 -25.57 -9.88
C THR E 29 -2.57 -24.34 -9.10
N ALA E 30 -2.89 -24.51 -7.81
CA ALA E 30 -3.21 -23.35 -6.98
C ALA E 30 -2.04 -22.35 -6.89
N LEU E 31 -0.81 -22.84 -6.72
CA LEU E 31 0.33 -21.94 -6.63
C LEU E 31 0.57 -21.22 -7.95
N LEU E 32 0.41 -21.95 -9.05
CA LEU E 32 0.54 -21.31 -10.35
C LEU E 32 -0.53 -20.24 -10.55
N GLU E 33 -1.77 -20.52 -10.18
CA GLU E 33 -2.79 -19.49 -10.29
C GLU E 33 -2.45 -18.29 -9.41
N LEU E 34 -1.94 -18.54 -8.19
CA LEU E 34 -1.58 -17.43 -7.32
C LEU E 34 -0.47 -16.60 -7.95
N ALA E 35 0.51 -17.27 -8.56
CA ALA E 35 1.59 -16.58 -9.25
C ALA E 35 1.05 -15.76 -10.42
N ALA E 36 0.16 -16.35 -11.22
CA ALA E 36 -0.42 -15.62 -12.35
C ALA E 36 -1.17 -14.39 -11.87
N LYS E 37 -1.85 -14.50 -10.72
CA LYS E 37 -2.56 -13.36 -10.16
C LYS E 37 -1.59 -12.26 -9.72
N LEU E 38 -0.57 -12.64 -8.96
CA LEU E 38 0.35 -11.63 -8.45
C LEU E 38 1.10 -10.96 -9.59
N LYS E 39 1.43 -11.71 -10.62
CA LYS E 39 2.03 -11.10 -11.81
C LYS E 39 1.11 -10.06 -12.42
N ALA E 40 -0.17 -10.41 -12.63
CA ALA E 40 -1.12 -9.47 -13.19
C ALA E 40 -1.27 -8.26 -12.28
N ASP E 41 -1.38 -8.48 -10.97
CA ASP E 41 -1.61 -7.39 -10.05
C ASP E 41 -0.47 -6.38 -10.09
N LYS E 42 0.77 -6.86 -10.24
CA LYS E 42 1.91 -5.94 -10.25
C LYS E 42 1.99 -5.21 -11.59
N LYS E 43 1.83 -5.92 -12.71
CA LYS E 43 1.73 -5.25 -14.00
C LYS E 43 0.68 -4.16 -13.99
N ASN E 44 -0.43 -4.40 -13.30
CA ASN E 44 -1.53 -3.44 -13.25
C ASN E 44 -1.38 -2.41 -12.14
N GLY E 45 -0.35 -2.52 -11.30
CA GLY E 45 -0.17 -1.56 -10.22
C GLY E 45 -1.19 -1.69 -9.10
N ILE E 46 -1.69 -2.90 -8.83
CA ILE E 46 -2.68 -3.09 -7.79
C ILE E 46 -2.27 -4.23 -6.88
N GLU E 47 -0.97 -4.46 -6.76
CA GLU E 47 -0.49 -5.47 -5.84
C GLU E 47 -0.90 -5.12 -4.41
N VAL E 48 -1.48 -6.08 -3.72
CA VAL E 48 -1.78 -5.96 -2.30
C VAL E 48 -0.66 -6.64 -1.54
N GLN E 49 0.05 -5.88 -0.72
CA GLN E 49 1.08 -6.45 0.14
C GLN E 49 0.43 -7.27 1.25
N LYS E 50 0.85 -8.52 1.38
CA LYS E 50 0.36 -9.41 2.42
C LYS E 50 1.43 -9.76 3.45
N LEU E 51 2.68 -9.33 3.24
CA LEU E 51 3.80 -9.67 4.10
C LEU E 51 4.47 -8.42 4.65
N ALA E 52 3.70 -7.36 4.87
CA ALA E 52 4.18 -6.21 5.61
C ALA E 52 4.54 -6.64 7.03
N GLY E 53 5.72 -6.18 7.51
CA GLY E 53 6.24 -6.58 8.81
C GLY E 53 6.86 -7.96 8.89
N LYS E 54 6.89 -8.73 7.80
CA LYS E 54 7.59 -10.01 7.85
C LYS E 54 9.07 -9.81 7.55
N ASN E 55 9.91 -10.62 8.20
CA ASN E 55 11.34 -10.65 7.95
C ASN E 55 11.74 -12.04 7.46
N ILE E 56 12.50 -12.09 6.36
CA ILE E 56 12.89 -13.34 5.72
C ILE E 56 14.41 -13.44 5.73
N ALA E 57 14.91 -14.62 6.04
CA ALA E 57 16.34 -14.90 5.94
C ALA E 57 16.60 -15.74 4.71
N LEU E 58 17.62 -15.36 3.93
CA LEU E 58 18.00 -16.05 2.70
C LEU E 58 19.37 -16.66 2.94
N ILE E 59 19.42 -17.96 3.21
CA ILE E 59 20.67 -18.67 3.43
C ILE E 59 21.19 -19.13 2.08
N PHE E 60 22.26 -18.51 1.60
CA PHE E 60 22.92 -18.91 0.36
C PHE E 60 24.28 -19.49 0.73
N GLU E 61 24.37 -20.80 0.76
CA GLU E 61 25.67 -21.44 0.88
C GLU E 61 26.36 -21.57 -0.48
N LYS E 62 25.62 -21.32 -1.55
CA LYS E 62 26.15 -21.22 -2.90
C LYS E 62 25.49 -20.03 -3.57
N ASP E 63 26.28 -19.21 -4.25
CA ASP E 63 25.77 -18.03 -4.96
C ASP E 63 24.75 -18.41 -6.02
N SER E 64 23.75 -17.53 -6.21
CA SER E 64 22.93 -17.51 -7.42
C SER E 64 22.25 -16.15 -7.53
N THR E 65 22.71 -15.31 -8.44
CA THR E 65 22.14 -13.98 -8.50
C THR E 65 20.64 -14.05 -8.82
N ARG E 66 20.27 -14.94 -9.74
CA ARG E 66 18.87 -15.04 -10.16
C ARG E 66 17.98 -15.44 -9.00
N THR E 67 18.36 -16.46 -8.24
CA THR E 67 17.48 -16.90 -7.16
C THR E 67 17.40 -15.82 -6.10
N ARG E 68 18.53 -15.20 -5.79
CA ARG E 68 18.56 -14.16 -4.76
C ARG E 68 17.67 -12.99 -5.13
N CYS E 69 17.84 -12.48 -6.35
CA CYS E 69 17.07 -11.32 -6.79
C CYS E 69 15.58 -11.63 -6.83
N SER E 70 15.22 -12.85 -7.27
CA SER E 70 13.83 -13.24 -7.26
C SER E 70 13.26 -13.21 -5.85
N PHE E 71 13.99 -13.77 -4.89
CA PHE E 71 13.50 -13.74 -3.51
C PHE E 71 13.47 -12.32 -2.96
N GLU E 72 14.51 -11.53 -3.20
CA GLU E 72 14.52 -10.17 -2.66
C GLU E 72 13.41 -9.33 -3.26
N VAL E 73 13.25 -9.37 -4.59
CA VAL E 73 12.21 -8.56 -5.22
C VAL E 73 10.83 -9.05 -4.82
N ALA E 74 10.63 -10.37 -4.77
CA ALA E 74 9.35 -10.89 -4.28
C ALA E 74 9.02 -10.38 -2.87
N ALA E 75 9.99 -10.44 -1.96
CA ALA E 75 9.73 -10.01 -0.59
C ALA E 75 9.42 -8.52 -0.53
N TYR E 76 10.26 -7.70 -1.17
CA TYR E 76 10.06 -6.24 -1.13
C TYR E 76 8.72 -5.85 -1.70
N ASP E 77 8.35 -6.43 -2.85
CA ASP E 77 7.05 -6.17 -3.44
C ASP E 77 5.93 -6.42 -2.46
N GLN E 78 6.08 -7.46 -1.64
CA GLN E 78 5.03 -7.84 -0.70
C GLN E 78 5.14 -7.14 0.64
N GLY E 79 6.11 -6.26 0.82
CA GLY E 79 6.22 -5.48 2.03
C GLY E 79 7.16 -6.05 3.06
N ALA E 80 7.88 -7.10 2.72
CA ALA E 80 8.77 -7.76 3.66
C ALA E 80 10.19 -7.21 3.53
N ARG E 81 11.01 -7.52 4.52
CA ARG E 81 12.43 -7.22 4.52
C ARG E 81 13.18 -8.54 4.54
N VAL E 82 14.44 -8.52 4.15
CA VAL E 82 15.23 -9.74 4.01
C VAL E 82 16.62 -9.50 4.53
N THR E 83 17.21 -10.55 5.07
CA THR E 83 18.62 -10.60 5.42
C THR E 83 19.29 -11.61 4.51
N TYR E 84 20.21 -11.13 3.68
CA TYR E 84 20.90 -11.98 2.73
C TYR E 84 22.13 -12.53 3.43
N LEU E 85 22.14 -13.84 3.64
CA LEU E 85 23.17 -14.51 4.40
C LEU E 85 24.01 -15.29 3.39
N GLY E 86 24.99 -14.61 2.80
CA GLY E 86 25.76 -15.16 1.72
C GLY E 86 26.73 -16.23 2.16
N PRO E 87 27.41 -16.83 1.19
CA PRO E 87 28.41 -17.85 1.53
C PRO E 87 29.53 -17.26 2.37
N SER E 88 29.80 -17.91 3.50
CA SER E 88 30.83 -17.44 4.42
C SER E 88 31.35 -18.64 5.20
N GLY E 89 32.67 -18.73 5.30
CA GLY E 89 33.30 -19.70 6.19
C GLY E 89 32.79 -21.11 5.96
N SER E 90 32.39 -21.75 7.04
CA SER E 90 32.04 -23.17 7.02
C SER E 90 30.56 -23.35 6.76
N GLN E 91 30.24 -24.39 5.98
CA GLN E 91 28.84 -24.71 5.71
C GLN E 91 28.15 -25.18 6.99
N ILE E 92 26.89 -24.77 7.14
CA ILE E 92 26.16 -25.14 8.35
C ILE E 92 26.23 -26.65 8.52
N GLY E 93 26.36 -27.09 9.77
CA GLY E 93 26.54 -28.48 10.11
C GLY E 93 27.97 -28.88 10.37
N HIS E 94 28.92 -28.05 9.93
CA HIS E 94 30.34 -28.34 10.12
C HIS E 94 30.76 -28.00 11.55
N LYS E 95 30.58 -26.75 11.96
CA LYS E 95 30.92 -26.26 13.30
C LYS E 95 29.70 -26.18 14.21
N GLU E 96 28.66 -25.50 13.75
CA GLU E 96 27.39 -25.38 14.47
C GLU E 96 26.39 -26.33 13.82
N SER E 97 25.64 -27.05 14.65
CA SER E 97 24.68 -28.00 14.10
C SER E 97 23.55 -27.25 13.40
N ILE E 98 23.03 -27.88 12.33
CA ILE E 98 21.89 -27.32 11.62
C ILE E 98 20.75 -27.04 12.60
N LYS E 99 20.60 -27.90 13.60
CA LYS E 99 19.51 -27.77 14.56
C LYS E 99 19.63 -26.47 15.34
N ASP E 100 20.85 -26.07 15.68
CA ASP E 100 21.05 -24.81 16.38
C ASP E 100 20.78 -23.61 15.47
N THR E 101 21.26 -23.66 14.23
CA THR E 101 20.98 -22.56 13.31
C THR E 101 19.47 -22.40 13.11
N ALA E 102 18.75 -23.50 12.90
CA ALA E 102 17.32 -23.43 12.64
C ALA E 102 16.58 -22.77 13.79
N ARG E 103 16.90 -23.18 15.01
CA ARG E 103 16.14 -22.68 16.13
C ARG E 103 16.41 -21.20 16.35
N VAL E 104 17.67 -20.77 16.16
CA VAL E 104 17.94 -19.36 16.39
C VAL E 104 17.27 -18.50 15.33
N LEU E 105 17.26 -18.95 14.07
CA LEU E 105 16.66 -18.13 13.01
C LEU E 105 15.14 -18.12 13.09
N GLY E 106 14.54 -19.26 13.48
CA GLY E 106 13.10 -19.31 13.64
C GLY E 106 12.58 -18.37 14.71
N ARG E 107 13.41 -18.06 15.72
CA ARG E 107 12.98 -17.10 16.75
C ARG E 107 12.88 -15.68 16.24
N MET E 108 13.51 -15.37 15.12
CA MET E 108 13.65 -14.00 14.65
C MET E 108 13.06 -13.77 13.29
N TYR E 109 13.05 -14.78 12.42
CA TYR E 109 12.57 -14.61 11.07
C TYR E 109 11.23 -15.32 10.90
N ASP E 110 10.46 -14.85 9.90
CA ASP E 110 9.15 -15.42 9.62
C ASP E 110 9.20 -16.52 8.56
N GLY E 111 10.28 -16.58 7.79
CA GLY E 111 10.50 -17.66 6.85
C GLY E 111 11.96 -17.69 6.45
N ILE E 112 12.39 -18.85 5.94
CA ILE E 112 13.80 -19.08 5.65
C ILE E 112 13.93 -19.73 4.29
N GLN E 113 14.68 -19.08 3.40
CA GLN E 113 15.11 -19.69 2.15
C GLN E 113 16.46 -20.34 2.42
N TYR E 114 16.65 -21.54 1.91
CA TYR E 114 17.94 -22.19 1.96
C TYR E 114 18.31 -22.61 0.55
N ARG E 115 19.51 -22.22 0.12
CA ARG E 115 20.07 -22.60 -1.15
C ARG E 115 21.45 -23.16 -0.88
N GLY E 116 21.75 -24.33 -1.42
CA GLY E 116 23.10 -24.82 -1.28
C GLY E 116 23.29 -26.26 -1.64
N HIS E 117 23.39 -27.10 -0.62
CA HIS E 117 23.94 -28.45 -0.77
C HIS E 117 22.85 -29.51 -0.75
N GLY E 118 22.94 -30.45 0.19
CA GLY E 118 22.07 -31.61 0.16
C GLY E 118 20.65 -31.29 0.61
N GLN E 119 19.72 -32.10 0.10
CA GLN E 119 18.32 -32.00 0.48
C GLN E 119 18.14 -32.23 1.97
N GLU E 120 18.98 -33.10 2.56
CA GLU E 120 18.88 -33.37 3.98
C GLU E 120 19.07 -32.12 4.82
N VAL E 121 19.85 -31.16 4.32
CA VAL E 121 20.11 -29.96 5.10
C VAL E 121 18.86 -29.10 5.20
N VAL E 122 18.21 -28.82 4.08
CA VAL E 122 16.98 -28.03 4.14
C VAL E 122 15.89 -28.80 4.88
N GLU E 123 15.88 -30.13 4.77
CA GLU E 123 14.88 -30.92 5.50
C GLU E 123 15.05 -30.71 6.99
N THR E 124 16.29 -30.83 7.48
CA THR E 124 16.55 -30.63 8.91
C THR E 124 16.24 -29.20 9.34
N LEU E 125 16.58 -28.21 8.49
CA LEU E 125 16.20 -26.83 8.78
C LEU E 125 14.69 -26.71 8.98
N ALA E 126 13.92 -27.34 8.11
CA ALA E 126 12.46 -27.29 8.22
C ALA E 126 11.94 -28.09 9.41
N GLN E 127 12.66 -29.13 9.80
CA GLN E 127 12.26 -29.86 11.00
C GLN E 127 12.24 -28.93 12.20
N TYR E 128 13.30 -28.12 12.38
CA TYR E 128 13.49 -27.40 13.62
C TYR E 128 13.27 -25.89 13.56
N ALA E 129 13.02 -25.31 12.39
CA ALA E 129 12.95 -23.85 12.39
C ALA E 129 11.68 -23.33 13.04
N GLY E 130 10.59 -24.10 13.01
CA GLY E 130 9.33 -23.58 13.51
C GLY E 130 8.68 -22.55 12.61
N VAL E 131 9.25 -22.33 11.42
CA VAL E 131 8.72 -21.39 10.44
C VAL E 131 8.90 -22.00 9.07
N PRO E 132 8.19 -21.48 8.05
CA PRO E 132 8.28 -22.09 6.71
C PRO E 132 9.68 -21.99 6.12
N VAL E 133 10.08 -23.05 5.42
CA VAL E 133 11.42 -23.15 4.86
C VAL E 133 11.26 -23.51 3.40
N TRP E 134 11.95 -22.77 2.53
CA TRP E 134 11.81 -22.93 1.09
C TRP E 134 13.14 -23.30 0.47
N ASN E 135 13.09 -24.24 -0.46
CA ASN E 135 14.28 -24.77 -1.12
C ASN E 135 14.54 -23.99 -2.41
N GLY E 136 15.54 -23.12 -2.39
CA GLY E 136 15.92 -22.37 -3.58
C GLY E 136 16.93 -23.07 -4.45
N LEU E 137 17.26 -24.33 -4.13
CA LEU E 137 18.09 -25.24 -4.91
C LEU E 137 18.92 -26.06 -3.95
N THR E 138 18.82 -27.38 -4.08
CA THR E 138 19.73 -28.30 -3.45
C THR E 138 20.35 -29.18 -4.52
N ASN E 139 21.32 -30.00 -4.10
CA ASN E 139 21.92 -30.98 -5.00
C ASN E 139 20.87 -31.87 -5.66
N GLU E 140 19.75 -32.11 -4.98
CA GLU E 140 18.76 -33.08 -5.44
C GLU E 140 17.56 -32.45 -6.13
N PHE E 141 17.09 -31.29 -5.70
CA PHE E 141 15.86 -30.71 -6.25
C PHE E 141 15.99 -29.21 -6.41
N HIS E 142 15.17 -28.66 -7.32
CA HIS E 142 15.19 -27.24 -7.63
C HIS E 142 13.76 -26.81 -7.95
N PRO E 143 12.89 -26.81 -6.93
CA PRO E 143 11.46 -26.68 -7.21
C PRO E 143 11.01 -25.30 -7.65
N THR E 144 11.61 -24.24 -7.13
CA THR E 144 11.14 -22.92 -7.57
C THR E 144 11.34 -22.74 -9.07
N GLN E 145 12.40 -23.32 -9.62
CA GLN E 145 12.65 -23.16 -11.06
C GLN E 145 11.55 -23.81 -11.87
N LEU E 146 11.12 -25.01 -11.49
CA LEU E 146 10.10 -25.70 -12.27
C LEU E 146 8.74 -25.00 -12.18
N LEU E 147 8.42 -24.36 -11.05
CA LEU E 147 7.19 -23.56 -11.02
C LEU E 147 7.24 -22.47 -12.08
N ALA E 148 8.36 -21.74 -12.14
CA ALA E 148 8.46 -20.66 -13.09
C ALA E 148 8.39 -21.17 -14.51
N ASP E 149 9.03 -22.31 -14.78
CA ASP E 149 8.92 -22.93 -16.10
C ASP E 149 7.48 -23.31 -16.41
N LEU E 150 6.79 -23.92 -15.44
CA LEU E 150 5.42 -24.35 -15.68
C LEU E 150 4.52 -23.16 -15.99
N LEU E 151 4.67 -22.07 -15.24
CA LEU E 151 3.92 -20.86 -15.55
C LEU E 151 4.25 -20.36 -16.96
N THR E 152 5.54 -20.35 -17.31
CA THR E 152 5.97 -19.88 -18.61
C THR E 152 5.32 -20.68 -19.74
N MET E 153 5.33 -22.00 -19.64
CA MET E 153 4.67 -22.84 -20.64
C MET E 153 3.18 -22.55 -20.70
N LYS E 154 2.53 -22.42 -19.53
CA LYS E 154 1.13 -22.02 -19.49
C LYS E 154 0.89 -20.75 -20.30
N GLU E 155 1.66 -19.70 -20.01
CA GLU E 155 1.46 -18.42 -20.68
C GLU E 155 1.68 -18.53 -22.19
N HIS E 156 2.64 -19.33 -22.62
CA HIS E 156 3.05 -19.29 -24.02
C HIS E 156 2.33 -20.31 -24.87
N LEU E 157 1.50 -21.16 -24.28
CA LEU E 157 0.65 -22.09 -25.04
C LEU E 157 -0.72 -22.06 -24.40
N PRO E 158 -1.44 -20.95 -24.57
CA PRO E 158 -2.60 -20.67 -23.71
C PRO E 158 -3.78 -21.63 -23.85
N GLY E 159 -4.04 -22.14 -25.03
CA GLY E 159 -5.27 -22.90 -25.15
C GLY E 159 -5.15 -24.35 -24.69
N LYS E 160 -4.07 -24.67 -23.97
CA LYS E 160 -3.71 -26.06 -23.77
C LYS E 160 -3.44 -26.35 -22.31
N ALA E 161 -3.87 -27.55 -21.90
CA ALA E 161 -3.53 -28.10 -20.61
C ALA E 161 -2.13 -28.74 -20.66
N PHE E 162 -1.53 -28.90 -19.47
CA PHE E 162 -0.21 -29.52 -19.40
C PHE E 162 -0.23 -30.91 -20.02
N ASN E 163 -1.31 -31.67 -19.81
CA ASN E 163 -1.40 -33.03 -20.36
C ASN E 163 -1.72 -33.03 -21.85
N GLN E 164 -1.58 -31.90 -22.51
CA GLN E 164 -1.54 -31.81 -23.97
C GLN E 164 -0.19 -31.33 -24.48
N MET E 165 0.74 -31.03 -23.58
CA MET E 165 2.01 -30.42 -23.93
C MET E 165 3.14 -31.44 -23.97
N THR E 166 4.08 -31.21 -24.88
CA THR E 166 5.31 -31.99 -25.00
C THR E 166 6.51 -31.11 -24.66
N LEU E 167 7.27 -31.52 -23.65
CA LEU E 167 8.46 -30.82 -23.20
C LEU E 167 9.70 -31.70 -23.38
N VAL E 168 10.70 -31.14 -24.04
CA VAL E 168 12.01 -31.78 -24.17
C VAL E 168 12.98 -31.11 -23.21
N TYR E 169 13.66 -31.90 -22.41
CA TYR E 169 14.86 -31.47 -21.73
C TYR E 169 16.04 -32.17 -22.38
N ALA E 170 16.96 -31.39 -22.94
CA ALA E 170 18.14 -31.91 -23.64
C ALA E 170 19.40 -31.56 -22.86
N GLY E 171 20.36 -32.50 -22.86
CA GLY E 171 21.62 -32.29 -22.18
C GLY E 171 21.84 -33.21 -20.99
N ASP E 172 22.48 -32.69 -19.95
CA ASP E 172 22.74 -33.48 -18.76
C ASP E 172 21.51 -33.42 -17.85
N ALA E 173 20.91 -34.58 -17.58
CA ALA E 173 19.73 -34.64 -16.74
C ALA E 173 19.96 -35.39 -15.44
N ARG E 174 21.19 -35.80 -15.14
CA ARG E 174 21.47 -36.51 -13.89
C ARG E 174 21.82 -35.49 -12.81
N ASN E 175 20.79 -34.81 -12.31
CA ASN E 175 21.03 -33.70 -11.40
C ASN E 175 19.71 -33.12 -10.91
N ASN E 176 19.79 -32.07 -10.08
CA ASN E 176 18.60 -31.44 -9.54
C ASN E 176 17.60 -31.02 -10.63
N MET E 177 18.08 -30.62 -11.81
CA MET E 177 17.16 -30.20 -12.87
C MET E 177 16.41 -31.41 -13.45
N GLY E 178 17.12 -32.50 -13.74
CA GLY E 178 16.45 -33.69 -14.21
C GLY E 178 15.46 -34.28 -13.21
N ASN E 179 15.86 -34.32 -11.93
CA ASN E 179 14.95 -34.81 -10.90
C ASN E 179 13.68 -33.97 -10.84
N SER E 180 13.83 -32.65 -10.91
CA SER E 180 12.67 -31.78 -10.81
C SER E 180 11.81 -31.85 -12.06
N MET E 181 12.42 -32.02 -13.24
CA MET E 181 11.63 -32.25 -14.45
C MET E 181 10.73 -33.46 -14.28
N LEU E 182 11.27 -34.54 -13.70
CA LEU E 182 10.48 -35.74 -13.45
C LEU E 182 9.35 -35.46 -12.47
N GLU E 183 9.64 -34.69 -11.41
CA GLU E 183 8.59 -34.28 -10.49
C GLU E 183 7.48 -33.54 -11.23
N ALA E 184 7.85 -32.59 -12.06
CA ALA E 184 6.88 -31.71 -12.70
C ALA E 184 5.98 -32.49 -13.65
N ALA E 185 6.57 -33.33 -14.50
CA ALA E 185 5.77 -34.21 -15.32
C ALA E 185 4.85 -35.10 -14.47
N ALA E 186 5.34 -35.54 -13.31
CA ALA E 186 4.53 -36.41 -12.45
C ALA E 186 3.30 -35.69 -11.93
N LEU E 187 3.39 -34.36 -11.78
CA LEU E 187 2.31 -33.61 -11.16
C LEU E 187 1.35 -32.99 -12.17
N THR E 188 1.74 -32.91 -13.44
CA THR E 188 0.98 -32.17 -14.45
C THR E 188 0.55 -33.00 -15.65
N GLY E 189 1.14 -34.17 -15.86
CA GLY E 189 0.82 -34.95 -17.04
C GLY E 189 1.51 -34.51 -18.32
N LEU E 190 2.54 -33.68 -18.26
CA LEU E 190 3.33 -33.35 -19.44
C LEU E 190 3.80 -34.61 -20.14
N ASP E 191 3.96 -34.52 -21.47
CA ASP E 191 4.66 -35.53 -22.26
C ASP E 191 6.13 -35.09 -22.28
N LEU E 192 6.91 -35.66 -21.37
CA LEU E 192 8.29 -35.24 -21.11
C LEU E 192 9.27 -36.20 -21.78
N ARG E 193 10.25 -35.65 -22.48
CA ARG E 193 11.29 -36.40 -23.15
C ARG E 193 12.61 -35.89 -22.63
N LEU E 194 13.35 -36.75 -21.95
CA LEU E 194 14.69 -36.44 -21.49
C LEU E 194 15.63 -36.95 -22.60
N VAL E 195 16.19 -36.01 -23.37
CA VAL E 195 16.93 -36.31 -24.58
C VAL E 195 18.40 -36.07 -24.24
N ALA E 196 19.12 -37.16 -24.00
CA ALA E 196 20.40 -37.08 -23.31
C ALA E 196 21.18 -38.39 -23.43
N PRO E 197 22.51 -38.33 -23.42
CA PRO E 197 23.27 -39.58 -23.36
C PRO E 197 22.89 -40.35 -22.11
N SER E 198 22.94 -41.68 -22.23
CA SER E 198 22.41 -42.54 -21.17
C SER E 198 23.22 -42.46 -19.88
N ALA E 199 24.40 -41.85 -19.91
CA ALA E 199 25.13 -41.58 -18.68
C ALA E 199 24.62 -40.34 -17.95
N CYS E 200 23.78 -39.54 -18.60
CA CYS E 200 23.28 -38.28 -18.07
C CYS E 200 21.80 -38.35 -17.74
N TRP E 201 21.32 -39.56 -17.40
CA TRP E 201 19.94 -39.81 -17.02
C TRP E 201 19.78 -39.80 -15.50
N PRO E 202 18.65 -39.31 -14.99
CA PRO E 202 18.45 -39.30 -13.53
C PRO E 202 18.28 -40.71 -12.98
N GLU E 203 18.28 -40.80 -11.64
CA GLU E 203 18.16 -42.09 -10.95
C GLU E 203 16.93 -42.85 -11.42
N ALA E 204 17.13 -44.15 -11.71
CA ALA E 204 16.11 -44.97 -12.33
C ALA E 204 14.89 -45.14 -11.44
N ALA E 205 15.08 -45.18 -10.12
CA ALA E 205 13.94 -45.36 -9.24
C ALA E 205 13.01 -44.15 -9.29
N LEU E 206 13.59 -42.95 -9.33
CA LEU E 206 12.76 -41.77 -9.48
C LEU E 206 12.13 -41.69 -10.87
N VAL E 207 12.85 -42.12 -11.91
CA VAL E 207 12.25 -42.18 -13.24
C VAL E 207 11.04 -43.11 -13.25
N GLU E 208 11.22 -44.32 -12.75
CA GLU E 208 10.13 -45.30 -12.78
C GLU E 208 8.91 -44.80 -12.02
N THR E 209 9.12 -44.20 -10.86
CA THR E 209 8.03 -43.65 -10.07
C THR E 209 7.30 -42.54 -10.84
N CYS E 210 8.04 -41.50 -11.23
CA CYS E 210 7.42 -40.35 -11.89
C CYS E 210 6.83 -40.73 -13.23
N THR E 211 7.38 -41.74 -13.91
CA THR E 211 6.76 -42.18 -15.17
C THR E 211 5.34 -42.65 -14.95
N ALA E 212 5.10 -43.41 -13.88
CA ALA E 212 3.77 -43.91 -13.59
C ALA E 212 2.83 -42.78 -13.17
N LEU E 213 3.29 -41.89 -12.28
CA LEU E 213 2.44 -40.78 -11.87
C LEU E 213 2.09 -39.89 -13.05
N ALA E 214 3.07 -39.59 -13.92
CA ALA E 214 2.81 -38.83 -15.13
C ALA E 214 1.71 -39.47 -15.99
N LYS E 215 1.80 -40.78 -16.26
CA LYS E 215 0.75 -41.44 -17.06
C LYS E 215 -0.61 -41.34 -16.38
N GLN E 216 -0.64 -41.46 -15.06
CA GLN E 216 -1.91 -41.33 -14.36
C GLN E 216 -2.52 -39.95 -14.54
N GLN E 217 -1.72 -38.95 -14.93
CA GLN E 217 -2.23 -37.60 -15.19
C GLN E 217 -2.45 -37.30 -16.68
N GLY E 218 -2.36 -38.30 -17.55
CA GLY E 218 -2.53 -38.07 -18.97
C GLY E 218 -1.26 -37.78 -19.77
N GLY E 219 -0.09 -38.12 -19.24
CA GLY E 219 1.17 -37.75 -19.85
C GLY E 219 2.08 -38.96 -20.06
N ASN E 220 3.38 -38.69 -20.00
CA ASN E 220 4.37 -39.74 -20.19
C ASN E 220 5.76 -39.16 -19.95
N ILE E 221 6.72 -40.05 -19.70
CA ILE E 221 8.13 -39.70 -19.55
C ILE E 221 8.94 -40.67 -20.39
N THR E 222 9.74 -40.13 -21.30
CA THR E 222 10.58 -40.94 -22.17
C THR E 222 12.02 -40.50 -21.97
N LEU E 223 12.92 -41.46 -21.80
CA LEU E 223 14.35 -41.22 -21.74
C LEU E 223 14.95 -41.83 -23.00
N THR E 224 15.66 -41.01 -23.79
CA THR E 224 16.17 -41.45 -25.08
C THR E 224 17.41 -40.65 -25.45
N GLU E 225 18.31 -41.31 -26.18
CA GLU E 225 19.46 -40.70 -26.83
C GLU E 225 19.18 -40.30 -28.28
N ASP E 226 18.06 -40.75 -28.84
CA ASP E 226 17.68 -40.52 -30.23
C ASP E 226 17.03 -39.14 -30.33
N ILE E 227 17.79 -38.17 -30.84
CA ILE E 227 17.32 -36.78 -30.85
C ILE E 227 16.07 -36.66 -31.73
N ALA E 228 16.09 -37.26 -32.92
CA ALA E 228 14.95 -37.12 -33.82
C ALA E 228 13.67 -37.61 -33.15
N ALA E 229 13.71 -38.81 -32.57
CA ALA E 229 12.52 -39.34 -31.92
C ALA E 229 12.22 -38.56 -30.63
N GLY E 230 13.25 -38.18 -29.89
CA GLY E 230 13.03 -37.47 -28.63
C GLY E 230 12.23 -36.19 -28.79
N VAL E 231 12.55 -35.39 -29.81
CA VAL E 231 12.00 -34.03 -29.91
C VAL E 231 10.80 -33.95 -30.84
N LYS E 232 10.51 -35.01 -31.59
CA LYS E 232 9.38 -35.01 -32.50
C LYS E 232 8.11 -34.58 -31.78
N GLY E 233 7.53 -33.48 -32.22
CA GLY E 233 6.29 -32.98 -31.68
C GLY E 233 6.43 -32.05 -30.49
N ALA E 234 7.66 -31.78 -30.05
CA ALA E 234 7.87 -30.91 -28.88
C ALA E 234 7.17 -29.56 -29.03
N ASP E 235 6.55 -29.11 -27.93
CA ASP E 235 6.10 -27.73 -27.84
C ASP E 235 7.17 -26.82 -27.23
N PHE E 236 8.04 -27.38 -26.38
CA PHE E 236 9.12 -26.67 -25.72
C PHE E 236 10.38 -27.52 -25.70
N ILE E 237 11.51 -26.87 -25.98
CA ILE E 237 12.82 -27.49 -25.80
C ILE E 237 13.54 -26.73 -24.71
N TYR E 238 14.06 -27.48 -23.73
CA TYR E 238 14.69 -26.95 -22.52
C TYR E 238 16.11 -27.49 -22.46
N THR E 239 17.07 -26.64 -22.09
CA THR E 239 18.40 -27.16 -21.82
C THR E 239 19.04 -26.35 -20.69
N ASP E 240 20.21 -26.81 -20.26
CA ASP E 240 21.03 -26.15 -19.25
C ASP E 240 22.50 -26.39 -19.60
N VAL E 241 23.40 -25.76 -18.85
CA VAL E 241 24.84 -25.82 -19.19
C VAL E 241 25.38 -27.23 -18.91
N TRP E 242 26.47 -27.56 -19.63
CA TRP E 242 27.10 -28.86 -19.59
C TRP E 242 28.13 -29.02 -18.49
N VAL E 243 28.79 -27.94 -18.08
CA VAL E 243 29.88 -28.03 -17.12
C VAL E 243 29.56 -27.25 -15.85
N LYS E 249 36.47 -28.77 -11.89
CA LYS E 249 36.37 -27.85 -13.01
C LYS E 249 37.58 -27.97 -13.95
N GLU E 250 37.87 -29.21 -14.38
CA GLU E 250 38.76 -29.46 -15.52
C GLU E 250 38.32 -30.64 -16.37
N LYS E 251 37.24 -31.36 -15.98
CA LYS E 251 36.65 -32.45 -16.75
C LYS E 251 35.80 -31.94 -17.92
N TRP E 252 35.92 -30.65 -18.23
CA TRP E 252 35.17 -30.07 -19.34
C TRP E 252 35.30 -30.91 -20.60
N ALA E 253 36.49 -31.46 -20.84
CA ALA E 253 36.76 -32.20 -22.07
C ALA E 253 35.73 -33.32 -22.26
N GLU E 254 35.67 -34.26 -21.32
CA GLU E 254 34.74 -35.37 -21.45
C GLU E 254 33.32 -34.86 -21.59
N ARG E 255 32.92 -33.93 -20.71
CA ARG E 255 31.56 -33.39 -20.73
C ARG E 255 31.19 -32.88 -22.10
N ILE E 256 32.08 -32.07 -22.70
CA ILE E 256 31.78 -31.48 -24.00
C ILE E 256 31.65 -32.58 -25.06
N ALA E 257 32.59 -33.53 -25.05
CA ALA E 257 32.54 -34.60 -26.05
C ALA E 257 31.27 -35.42 -25.91
N LEU E 258 30.87 -35.72 -24.67
CA LEU E 258 29.64 -36.48 -24.47
C LEU E 258 28.41 -35.70 -24.87
N LEU E 259 28.35 -34.41 -24.52
CA LEU E 259 27.10 -33.65 -24.60
C LEU E 259 26.94 -32.80 -25.86
N ARG E 260 27.99 -32.59 -26.66
CA ARG E 260 27.88 -31.57 -27.71
C ARG E 260 26.91 -31.98 -28.82
N ASP E 261 26.72 -33.28 -29.05
CA ASP E 261 25.75 -33.69 -30.05
C ASP E 261 24.32 -33.37 -29.61
N TYR E 262 24.13 -33.04 -28.34
CA TYR E 262 22.83 -32.70 -27.78
C TYR E 262 22.63 -31.20 -27.68
N GLN E 263 23.51 -30.42 -28.29
CA GLN E 263 23.30 -28.97 -28.37
C GLN E 263 21.96 -28.64 -29.00
N VAL E 264 21.25 -27.70 -28.39
CA VAL E 264 20.01 -27.18 -28.97
C VAL E 264 20.38 -26.14 -30.02
N ASN E 265 19.97 -26.40 -31.26
CA ASN E 265 20.31 -25.55 -32.39
C ASN E 265 19.18 -25.66 -33.41
N SER E 266 19.35 -24.91 -34.51
CA SER E 266 18.27 -24.75 -35.47
C SER E 266 17.86 -26.07 -36.10
N ALA E 267 18.81 -26.98 -36.28
CA ALA E 267 18.45 -28.31 -36.73
C ALA E 267 17.58 -29.03 -35.70
N MET E 268 17.93 -28.96 -34.41
CA MET E 268 17.12 -29.67 -33.42
C MET E 268 15.70 -29.12 -33.40
N LEU E 269 15.55 -27.79 -33.49
CA LEU E 269 14.22 -27.21 -33.61
C LEU E 269 13.53 -27.69 -34.89
N ALA E 270 14.29 -27.86 -35.97
CA ALA E 270 13.69 -28.36 -37.22
C ALA E 270 13.07 -29.72 -37.01
N LEU E 271 13.73 -30.59 -36.25
CA LEU E 271 13.28 -31.97 -36.08
C LEU E 271 12.00 -32.09 -35.29
N THR E 272 11.57 -31.02 -34.59
CA THR E 272 10.30 -31.12 -33.89
C THR E 272 9.15 -31.24 -34.86
N GLY E 273 9.31 -30.67 -36.05
CA GLY E 273 8.21 -30.51 -36.96
C GLY E 273 7.18 -29.50 -36.52
N ASN E 274 7.48 -28.74 -35.48
CA ASN E 274 6.52 -27.78 -34.93
C ASN E 274 7.09 -26.38 -35.11
N PRO E 275 6.56 -25.56 -36.03
CA PRO E 275 7.14 -24.23 -36.25
C PRO E 275 6.96 -23.28 -35.07
N GLN E 276 6.12 -23.63 -34.10
CA GLN E 276 5.88 -22.80 -32.93
C GLN E 276 6.62 -23.29 -31.69
N VAL E 277 7.61 -24.17 -31.86
CA VAL E 277 8.32 -24.67 -30.69
C VAL E 277 9.03 -23.50 -30.03
N LYS E 278 9.05 -23.51 -28.70
CA LYS E 278 9.65 -22.44 -27.92
C LYS E 278 10.85 -23.00 -27.19
N PHE E 279 11.81 -22.12 -26.90
CA PHE E 279 13.02 -22.50 -26.21
C PHE E 279 13.01 -21.97 -24.79
N LEU E 280 13.45 -22.82 -23.86
CA LEU E 280 13.56 -22.51 -22.45
C LEU E 280 14.97 -22.80 -21.98
N HIS E 281 15.42 -22.06 -20.98
CA HIS E 281 16.74 -22.24 -20.36
C HIS E 281 16.72 -21.58 -19.00
N CYS E 282 17.10 -22.30 -17.95
CA CYS E 282 17.05 -21.75 -16.59
C CYS E 282 18.03 -20.63 -16.35
N LEU E 283 19.12 -20.57 -17.12
CA LEU E 283 20.16 -19.55 -17.02
C LEU E 283 21.06 -19.82 -15.82
N PRO E 284 22.30 -19.35 -15.86
CA PRO E 284 22.94 -18.65 -16.98
C PRO E 284 23.20 -19.64 -18.12
N ALA E 285 23.28 -19.13 -19.36
CA ALA E 285 23.47 -19.93 -20.55
C ALA E 285 24.76 -19.52 -21.26
N PHE E 286 25.47 -20.51 -21.83
CA PHE E 286 26.71 -20.27 -22.61
C PHE E 286 26.38 -20.34 -24.10
N HIS E 287 26.04 -19.21 -24.68
CA HIS E 287 25.61 -19.13 -26.06
C HIS E 287 26.35 -18.06 -26.85
N ASP E 288 27.14 -17.23 -26.20
CA ASP E 288 27.83 -16.10 -26.82
C ASP E 288 29.30 -16.46 -26.92
N ASP E 289 29.76 -16.73 -28.14
CA ASP E 289 31.17 -17.03 -28.40
C ASP E 289 32.07 -15.81 -28.42
N GLN E 290 31.57 -14.64 -27.97
CA GLN E 290 32.36 -13.43 -27.86
C GLN E 290 32.63 -13.03 -26.42
N THR E 291 32.08 -13.76 -25.45
CA THR E 291 32.54 -13.60 -24.07
C THR E 291 33.91 -14.25 -23.93
N THR E 292 34.59 -13.88 -22.85
CA THR E 292 35.88 -14.49 -22.56
C THR E 292 35.81 -16.00 -22.70
N LEU E 293 34.96 -16.65 -21.90
CA LEU E 293 34.81 -18.09 -21.99
C LEU E 293 34.30 -18.51 -23.36
N GLY E 294 33.41 -17.70 -23.95
CA GLY E 294 32.92 -18.03 -25.28
C GLY E 294 34.05 -18.12 -26.30
N LYS E 295 34.94 -17.13 -26.30
CA LYS E 295 36.06 -17.15 -27.24
C LYS E 295 37.01 -18.29 -26.93
N GLN E 296 37.18 -18.63 -25.67
CA GLN E 296 38.12 -19.70 -25.31
C GLN E 296 37.57 -21.07 -25.69
N MET E 297 36.25 -21.23 -25.72
CA MET E 297 35.63 -22.52 -26.03
C MET E 297 35.50 -22.74 -27.53
N ALA E 298 35.25 -21.67 -28.29
CA ALA E 298 35.33 -21.78 -29.74
C ALA E 298 36.76 -22.02 -30.21
N ALA E 299 37.76 -21.72 -29.38
CA ALA E 299 39.17 -21.96 -29.68
C ALA E 299 39.61 -23.36 -29.25
N ASP E 300 39.28 -23.76 -28.02
CA ASP E 300 39.73 -25.05 -27.52
C ASP E 300 38.96 -26.23 -28.12
N TYR E 301 37.65 -26.08 -28.37
CA TYR E 301 36.83 -27.20 -28.79
C TYR E 301 35.97 -26.91 -30.01
N GLY E 302 36.23 -25.82 -30.73
CA GLY E 302 35.47 -25.54 -31.92
C GLY E 302 34.01 -25.26 -31.70
N LEU E 303 33.65 -24.73 -30.53
CA LEU E 303 32.24 -24.53 -30.16
C LEU E 303 31.76 -23.15 -30.60
N HIS E 304 31.72 -22.96 -31.91
CA HIS E 304 31.30 -21.69 -32.47
C HIS E 304 29.79 -21.58 -32.45
N GLY E 305 29.31 -20.36 -32.28
CA GLY E 305 27.89 -20.12 -32.19
C GLY E 305 27.29 -20.44 -30.85
N GLY E 306 28.02 -21.13 -29.96
CA GLY E 306 27.59 -21.37 -28.61
C GLY E 306 27.89 -22.77 -28.12
N MET E 307 27.42 -23.09 -26.90
CA MET E 307 27.61 -24.41 -26.33
C MET E 307 26.31 -25.14 -26.29
N GLU E 308 25.65 -25.27 -25.13
CA GLU E 308 24.45 -26.10 -24.99
C GLU E 308 23.29 -25.57 -25.81
N VAL E 309 23.32 -24.29 -26.18
CA VAL E 309 22.38 -23.68 -27.11
C VAL E 309 23.14 -22.67 -27.93
N THR E 310 22.79 -22.56 -29.21
CA THR E 310 23.44 -21.59 -30.08
C THR E 310 22.87 -20.20 -29.83
N ASP E 311 23.68 -19.18 -30.13
CA ASP E 311 23.19 -17.82 -30.01
C ASP E 311 21.98 -17.59 -30.91
N GLU E 312 21.92 -18.31 -32.04
CA GLU E 312 20.83 -18.12 -32.99
C GLU E 312 19.49 -18.56 -32.39
N VAL E 313 19.48 -19.71 -31.71
CA VAL E 313 18.23 -20.16 -31.09
C VAL E 313 17.88 -19.30 -29.88
N PHE E 314 18.89 -18.94 -29.08
CA PHE E 314 18.68 -18.18 -27.85
C PHE E 314 18.10 -16.80 -28.13
N GLU E 315 18.58 -16.14 -29.17
CA GLU E 315 18.08 -14.82 -29.52
C GLU E 315 16.88 -14.85 -30.47
N SER E 316 16.45 -16.03 -30.90
CA SER E 316 15.35 -16.12 -31.86
C SER E 316 14.02 -15.78 -31.20
N ALA E 317 13.00 -15.60 -32.05
CA ALA E 317 11.65 -15.34 -31.54
C ALA E 317 11.12 -16.52 -30.74
N ALA E 318 11.68 -17.71 -30.94
CA ALA E 318 11.21 -18.91 -30.28
C ALA E 318 11.67 -18.97 -28.84
N SER E 319 12.67 -18.19 -28.49
CA SER E 319 13.22 -18.17 -27.15
C SER E 319 12.36 -17.30 -26.24
N VAL E 320 11.92 -17.87 -25.11
CA VAL E 320 11.16 -17.10 -24.13
C VAL E 320 11.90 -17.11 -22.79
N VAL E 321 13.24 -17.24 -22.83
CA VAL E 321 13.99 -17.46 -21.59
C VAL E 321 13.89 -16.29 -20.62
N PHE E 322 13.57 -15.09 -21.08
CA PHE E 322 13.52 -13.96 -20.15
C PHE E 322 12.14 -13.72 -19.55
N ASP E 323 11.07 -14.18 -20.21
CA ASP E 323 9.79 -14.35 -19.52
C ASP E 323 9.93 -15.40 -18.43
N GLN E 324 10.63 -16.48 -18.76
CA GLN E 324 10.90 -17.54 -17.81
C GLN E 324 11.66 -17.01 -16.60
N ALA E 325 12.76 -16.27 -16.84
CA ALA E 325 13.50 -15.72 -15.72
C ALA E 325 12.64 -14.77 -14.91
N GLU E 326 11.86 -13.91 -15.57
CA GLU E 326 10.96 -13.05 -14.82
C GLU E 326 10.01 -13.87 -13.96
N ASN E 327 9.54 -15.01 -14.48
CA ASN E 327 8.59 -15.83 -13.76
C ASN E 327 9.20 -16.51 -12.55
N ARG E 328 10.54 -16.46 -12.39
CA ARG E 328 11.14 -16.94 -11.16
C ARG E 328 10.62 -16.13 -9.98
N MET E 329 10.45 -14.83 -10.17
CA MET E 329 10.09 -13.95 -9.05
C MET E 329 8.62 -14.12 -8.67
N HIS E 330 7.75 -14.20 -9.67
CA HIS E 330 6.33 -14.30 -9.38
C HIS E 330 5.99 -15.62 -8.67
N THR E 331 6.64 -16.71 -9.08
CA THR E 331 6.33 -18.01 -8.45
C THR E 331 6.91 -18.09 -7.06
N ILE E 332 8.13 -17.57 -6.87
CA ILE E 332 8.67 -17.50 -5.51
C ILE E 332 7.81 -16.59 -4.65
N LYS E 333 7.23 -15.55 -5.24
CA LYS E 333 6.32 -14.70 -4.47
C LYS E 333 5.04 -15.45 -4.10
N ALA E 334 4.50 -16.25 -5.03
CA ALA E 334 3.35 -17.10 -4.70
C ALA E 334 3.68 -18.01 -3.52
N VAL E 335 4.85 -18.65 -3.55
CA VAL E 335 5.23 -19.59 -2.49
C VAL E 335 5.29 -18.88 -1.15
N MET E 336 5.98 -17.73 -1.08
CA MET E 336 6.09 -17.02 0.18
C MET E 336 4.74 -16.48 0.65
N VAL E 337 3.92 -15.97 -0.27
CA VAL E 337 2.61 -15.47 0.11
C VAL E 337 1.71 -16.61 0.59
N ALA E 338 1.75 -17.74 -0.10
CA ALA E 338 0.86 -18.81 0.28
C ALA E 338 1.21 -19.38 1.65
N THR E 339 2.49 -19.35 2.03
CA THR E 339 2.90 -20.02 3.25
C THR E 339 3.07 -19.07 4.43
N LEU E 340 3.11 -17.76 4.21
CA LEU E 340 3.29 -16.81 5.31
C LEU E 340 2.02 -16.07 5.73
N SER E 341 0.99 -15.98 4.89
CA SER E 341 -0.28 -15.39 5.33
C SER E 341 -1.40 -16.41 5.33
N ALA F 11 11.58 15.05 -18.02
CA ALA F 11 12.61 15.39 -19.01
C ALA F 11 13.78 14.41 -18.95
N PHE F 12 14.10 13.96 -17.72
CA PHE F 12 15.08 12.91 -17.44
C PHE F 12 14.47 11.52 -17.34
N TYR F 13 13.15 11.43 -17.22
CA TYR F 13 12.46 10.17 -17.01
C TYR F 13 12.99 9.10 -17.95
N GLN F 14 13.30 7.93 -17.38
CA GLN F 14 13.74 6.73 -18.09
C GLN F 14 15.06 6.91 -18.87
N LYS F 15 15.84 7.95 -18.58
CA LYS F 15 17.14 8.12 -19.22
C LYS F 15 18.25 7.52 -18.34
N HIS F 16 19.33 7.10 -18.99
CA HIS F 16 20.48 6.59 -18.27
C HIS F 16 21.34 7.75 -17.76
N PHE F 17 22.41 7.40 -17.01
CA PHE F 17 23.37 8.39 -16.50
C PHE F 17 24.76 7.77 -16.54
N LEU F 18 25.35 7.76 -17.74
CA LEU F 18 26.57 7.00 -18.02
C LEU F 18 27.81 7.87 -18.11
N LYS F 19 27.63 9.18 -18.25
CA LYS F 19 28.71 10.15 -18.43
C LYS F 19 28.09 11.54 -18.55
N LEU F 20 28.86 12.56 -18.19
CA LEU F 20 28.30 13.90 -18.13
C LEU F 20 27.95 14.44 -19.51
N LEU F 21 28.68 14.05 -20.54
CA LEU F 21 28.48 14.65 -21.86
C LEU F 21 27.29 14.07 -22.62
N ASP F 22 26.50 13.17 -22.04
CA ASP F 22 25.20 12.82 -22.60
C ASP F 22 24.12 13.78 -22.13
N PHE F 23 24.52 14.96 -21.63
CA PHE F 23 23.60 15.95 -21.07
C PHE F 23 24.05 17.33 -21.51
N THR F 24 23.12 18.25 -21.49
CA THR F 24 23.45 19.63 -21.81
C THR F 24 23.88 20.35 -20.55
N PRO F 25 24.54 21.50 -20.69
CA PRO F 25 24.79 22.31 -19.50
C PRO F 25 23.55 22.61 -18.67
N ALA F 26 22.38 22.77 -19.31
CA ALA F 26 21.18 23.09 -18.56
C ALA F 26 20.57 21.88 -17.86
N GLU F 27 20.70 20.68 -18.44
CA GLU F 27 20.24 19.49 -17.73
C GLU F 27 21.07 19.26 -16.47
N ILE F 28 22.39 19.36 -16.60
CA ILE F 28 23.27 19.21 -15.46
C ILE F 28 22.91 20.22 -14.38
N THR F 29 22.57 21.44 -14.78
CA THR F 29 22.17 22.46 -13.82
C THR F 29 20.88 22.05 -13.10
N ALA F 30 19.90 21.56 -13.84
CA ALA F 30 18.63 21.18 -13.21
C ALA F 30 18.77 19.97 -12.31
N LEU F 31 19.78 19.13 -12.54
CA LEU F 31 20.06 18.00 -11.66
C LEU F 31 20.70 18.47 -10.37
N LEU F 32 21.65 19.41 -10.46
CA LEU F 32 22.25 20.01 -9.27
C LEU F 32 21.23 20.75 -8.44
N GLU F 33 20.27 21.40 -9.09
CA GLU F 33 19.23 22.10 -8.32
C GLU F 33 18.37 21.10 -7.58
N LEU F 34 18.00 20.01 -8.26
CA LEU F 34 17.23 18.96 -7.60
C LEU F 34 18.02 18.36 -6.44
N ALA F 35 19.34 18.14 -6.62
CA ALA F 35 20.14 17.61 -5.52
C ALA F 35 20.14 18.56 -4.35
N ALA F 36 20.44 19.84 -4.59
CA ALA F 36 20.44 20.79 -3.49
C ALA F 36 19.07 20.87 -2.84
N LYS F 37 18.01 20.77 -3.63
CA LYS F 37 16.67 20.87 -3.08
C LYS F 37 16.36 19.67 -2.20
N LEU F 38 16.78 18.47 -2.62
CA LEU F 38 16.57 17.29 -1.79
C LEU F 38 17.49 17.31 -0.57
N LYS F 39 18.68 17.90 -0.70
CA LYS F 39 19.52 18.13 0.48
C LYS F 39 18.77 18.90 1.55
N ALA F 40 18.09 19.98 1.16
CA ALA F 40 17.40 20.83 2.11
C ALA F 40 16.23 20.10 2.79
N ASP F 41 15.39 19.43 2.00
CA ASP F 41 14.17 18.83 2.56
C ASP F 41 14.49 17.74 3.59
N LYS F 42 15.59 17.01 3.41
CA LYS F 42 16.00 16.06 4.44
C LYS F 42 16.58 16.80 5.64
N LYS F 43 17.46 17.78 5.39
CA LYS F 43 17.92 18.66 6.47
C LYS F 43 16.73 19.21 7.26
N ASN F 44 15.71 19.69 6.55
CA ASN F 44 14.54 20.29 7.17
C ASN F 44 13.44 19.28 7.46
N GLY F 45 13.73 17.99 7.33
CA GLY F 45 12.82 16.94 7.78
C GLY F 45 11.48 16.84 7.06
N ILE F 46 11.39 17.31 5.81
CA ILE F 46 10.17 17.23 5.02
C ILE F 46 10.40 16.43 3.73
N GLU F 47 11.39 15.54 3.71
CA GLU F 47 11.68 14.79 2.49
C GLU F 47 10.44 14.01 2.08
N VAL F 48 10.19 13.99 0.77
CA VAL F 48 9.03 13.33 0.18
C VAL F 48 9.53 12.18 -0.69
N GLN F 49 9.03 10.98 -0.43
CA GLN F 49 9.47 9.78 -1.12
C GLN F 49 8.83 9.73 -2.50
N LYS F 50 9.66 9.83 -3.54
CA LYS F 50 9.20 9.66 -4.91
C LYS F 50 9.43 8.25 -5.43
N LEU F 51 10.22 7.43 -4.73
CA LEU F 51 10.64 6.14 -5.24
C LEU F 51 10.08 4.97 -4.43
N ALA F 52 8.98 5.18 -3.72
CA ALA F 52 8.38 4.07 -2.99
C ALA F 52 7.83 3.03 -3.97
N GLY F 53 7.95 1.77 -3.59
CA GLY F 53 7.54 0.68 -4.46
C GLY F 53 8.56 0.30 -5.51
N LYS F 54 9.72 0.95 -5.54
CA LYS F 54 10.72 0.71 -6.56
C LYS F 54 11.85 -0.13 -5.99
N ASN F 55 12.39 -1.01 -6.82
CA ASN F 55 13.49 -1.87 -6.43
C ASN F 55 14.68 -1.57 -7.33
N ILE F 56 15.84 -1.39 -6.71
CA ILE F 56 17.05 -0.98 -7.40
C ILE F 56 18.13 -2.02 -7.17
N ALA F 57 18.75 -2.48 -8.26
CA ALA F 57 19.92 -3.35 -8.20
C ALA F 57 21.22 -2.54 -8.24
N LEU F 58 22.16 -2.89 -7.37
CA LEU F 58 23.46 -2.25 -7.30
C LEU F 58 24.53 -3.27 -7.67
N ILE F 59 25.05 -3.20 -8.90
CA ILE F 59 26.12 -4.09 -9.34
C ILE F 59 27.47 -3.44 -8.99
N PHE F 60 28.25 -4.12 -8.17
CA PHE F 60 29.58 -3.65 -7.78
C PHE F 60 30.57 -4.73 -8.15
N GLU F 61 31.21 -4.60 -9.30
CA GLU F 61 32.23 -5.57 -9.66
C GLU F 61 33.56 -5.25 -9.02
N LYS F 62 33.69 -4.05 -8.47
CA LYS F 62 34.79 -3.66 -7.57
C LYS F 62 34.18 -2.92 -6.37
N ASP F 63 34.71 -3.20 -5.18
CA ASP F 63 34.11 -2.62 -3.99
C ASP F 63 34.32 -1.11 -3.95
N SER F 64 33.33 -0.39 -3.41
CA SER F 64 33.52 1.00 -2.97
C SER F 64 32.47 1.33 -1.92
N THR F 65 32.88 1.38 -0.66
CA THR F 65 31.95 1.65 0.42
C THR F 65 31.27 2.99 0.25
N ARG F 66 31.99 4.01 -0.21
CA ARG F 66 31.42 5.34 -0.30
C ARG F 66 30.32 5.40 -1.35
N THR F 67 30.55 4.80 -2.53
CA THR F 67 29.50 4.83 -3.54
C THR F 67 28.32 3.95 -3.12
N ARG F 68 28.59 2.78 -2.53
CA ARG F 68 27.50 1.90 -2.13
C ARG F 68 26.57 2.58 -1.13
N CYS F 69 27.13 3.23 -0.11
CA CYS F 69 26.31 3.86 0.91
C CYS F 69 25.52 5.03 0.33
N SER F 70 26.14 5.80 -0.55
CA SER F 70 25.43 6.91 -1.19
C SER F 70 24.21 6.41 -1.94
N PHE F 71 24.36 5.34 -2.73
CA PHE F 71 23.21 4.78 -3.44
C PHE F 71 22.19 4.21 -2.46
N GLU F 72 22.64 3.40 -1.48
CA GLU F 72 21.69 2.78 -0.57
C GLU F 72 20.90 3.82 0.21
N VAL F 73 21.59 4.76 0.84
CA VAL F 73 20.91 5.74 1.67
C VAL F 73 19.95 6.57 0.84
N ALA F 74 20.39 7.01 -0.36
CA ALA F 74 19.50 7.78 -1.22
C ALA F 74 18.26 6.98 -1.61
N ALA F 75 18.44 5.70 -1.98
CA ALA F 75 17.30 4.81 -2.23
C ALA F 75 16.36 4.73 -1.04
N TYR F 76 16.91 4.47 0.16
CA TYR F 76 16.07 4.28 1.35
C TYR F 76 15.36 5.58 1.72
N ASP F 77 16.06 6.72 1.65
CA ASP F 77 15.42 8.00 1.92
C ASP F 77 14.24 8.22 0.99
N GLN F 78 14.37 7.79 -0.25
CA GLN F 78 13.30 7.95 -1.23
C GLN F 78 12.34 6.77 -1.23
N GLY F 79 12.59 5.75 -0.41
CA GLY F 79 11.58 4.75 -0.15
C GLY F 79 11.65 3.54 -1.06
N ALA F 80 12.72 3.41 -1.83
CA ALA F 80 12.97 2.20 -2.57
C ALA F 80 13.71 1.19 -1.71
N ARG F 81 13.78 -0.04 -2.20
CA ARG F 81 14.58 -1.10 -1.62
C ARG F 81 15.69 -1.44 -2.60
N VAL F 82 16.76 -2.03 -2.09
CA VAL F 82 17.94 -2.27 -2.93
C VAL F 82 18.48 -3.68 -2.69
N THR F 83 19.05 -4.22 -3.74
CA THR F 83 19.79 -5.48 -3.73
C THR F 83 21.25 -5.17 -4.09
N TYR F 84 22.13 -5.21 -3.09
CA TYR F 84 23.54 -4.97 -3.34
C TYR F 84 24.19 -6.24 -3.87
N LEU F 85 24.72 -6.21 -5.09
CA LEU F 85 25.35 -7.39 -5.72
C LEU F 85 26.86 -7.15 -5.74
N GLY F 86 27.52 -7.50 -4.67
CA GLY F 86 28.93 -7.21 -4.53
C GLY F 86 29.77 -8.07 -5.45
N PRO F 87 31.08 -7.81 -5.44
CA PRO F 87 31.98 -8.56 -6.32
C PRO F 87 31.91 -10.05 -6.05
N SER F 88 31.83 -10.83 -7.13
CA SER F 88 31.70 -12.28 -6.99
C SER F 88 32.26 -12.95 -8.23
N GLY F 89 33.41 -13.59 -8.07
CA GLY F 89 33.86 -14.57 -9.06
C GLY F 89 34.20 -13.95 -10.40
N SER F 90 33.58 -14.47 -11.44
CA SER F 90 33.84 -14.00 -12.79
C SER F 90 33.10 -12.69 -13.03
N GLN F 91 33.79 -11.75 -13.66
CA GLN F 91 33.17 -10.47 -13.95
C GLN F 91 32.18 -10.60 -15.11
N ILE F 92 31.20 -9.69 -15.11
CA ILE F 92 30.22 -9.61 -16.18
C ILE F 92 30.92 -9.67 -17.53
N GLY F 93 30.43 -10.55 -18.41
CA GLY F 93 31.01 -10.74 -19.71
C GLY F 93 32.10 -11.77 -19.77
N HIS F 94 32.60 -12.23 -18.63
CA HIS F 94 33.57 -13.32 -18.64
C HIS F 94 32.90 -14.62 -19.01
N LYS F 95 31.97 -15.08 -18.16
CA LYS F 95 31.24 -16.33 -18.35
C LYS F 95 29.83 -16.11 -18.87
N GLU F 96 29.17 -15.03 -18.44
CA GLU F 96 27.81 -14.70 -18.88
C GLU F 96 27.85 -13.36 -19.61
N SER F 97 27.05 -13.23 -20.65
CA SER F 97 27.10 -11.99 -21.39
C SER F 97 26.43 -10.87 -20.61
N ILE F 98 26.83 -9.65 -20.96
CA ILE F 98 26.23 -8.45 -20.42
C ILE F 98 24.79 -8.32 -20.88
N LYS F 99 24.54 -8.58 -22.16
CA LYS F 99 23.18 -8.64 -22.69
C LYS F 99 22.26 -9.46 -21.78
N ASP F 100 22.70 -10.65 -21.38
CA ASP F 100 21.86 -11.51 -20.54
C ASP F 100 21.62 -10.90 -19.16
N THR F 101 22.69 -10.54 -18.47
CA THR F 101 22.57 -9.87 -17.17
C THR F 101 21.59 -8.69 -17.23
N ALA F 102 21.72 -7.84 -18.23
CA ALA F 102 20.88 -6.66 -18.30
C ALA F 102 19.41 -7.04 -18.44
N ARG F 103 19.12 -8.04 -19.26
CA ARG F 103 17.72 -8.36 -19.54
C ARG F 103 17.06 -9.12 -18.39
N VAL F 104 17.79 -9.94 -17.65
CA VAL F 104 17.22 -10.50 -16.42
C VAL F 104 16.94 -9.38 -15.41
N LEU F 105 17.94 -8.54 -15.12
CA LEU F 105 17.75 -7.52 -14.08
C LEU F 105 16.67 -6.52 -14.47
N GLY F 106 16.53 -6.21 -15.75
CA GLY F 106 15.51 -5.29 -16.20
C GLY F 106 14.09 -5.81 -16.05
N ARG F 107 13.91 -7.13 -16.00
CA ARG F 107 12.57 -7.69 -15.81
C ARG F 107 12.09 -7.56 -14.39
N MET F 108 13.01 -7.38 -13.44
CA MET F 108 12.74 -7.46 -12.01
C MET F 108 12.97 -6.16 -11.26
N TYR F 109 13.85 -5.29 -11.76
CA TYR F 109 14.26 -4.09 -11.08
C TYR F 109 13.87 -2.88 -11.91
N ASP F 110 13.58 -1.79 -11.22
CA ASP F 110 13.20 -0.54 -11.85
C ASP F 110 14.40 0.34 -12.21
N GLY F 111 15.58 0.01 -11.71
CA GLY F 111 16.80 0.75 -11.99
C GLY F 111 18.02 -0.07 -11.59
N ILE F 112 19.14 0.16 -12.27
CA ILE F 112 20.35 -0.61 -12.03
C ILE F 112 21.54 0.34 -11.92
N GLN F 113 22.29 0.25 -10.82
CA GLN F 113 23.59 0.91 -10.71
C GLN F 113 24.68 -0.04 -11.17
N TYR F 114 25.71 0.51 -11.80
CA TYR F 114 26.85 -0.27 -12.23
C TYR F 114 28.13 0.44 -11.84
N ARG F 115 29.06 -0.32 -11.26
CA ARG F 115 30.37 0.16 -10.88
C ARG F 115 31.38 -0.93 -11.18
N GLY F 116 32.38 -0.63 -12.01
CA GLY F 116 33.41 -1.61 -12.23
C GLY F 116 34.41 -1.31 -13.32
N HIS F 117 34.33 -2.06 -14.41
CA HIS F 117 35.35 -2.02 -15.45
C HIS F 117 34.98 -1.06 -16.59
N GLY F 118 34.99 -1.53 -17.84
CA GLY F 118 34.95 -0.62 -18.96
C GLY F 118 33.62 0.09 -19.13
N GLN F 119 33.68 1.21 -19.85
CA GLN F 119 32.46 1.94 -20.21
C GLN F 119 31.61 1.15 -21.21
N GLU F 120 32.23 0.24 -21.97
CA GLU F 120 31.46 -0.61 -22.87
C GLU F 120 30.55 -1.55 -22.09
N VAL F 121 30.91 -1.88 -20.85
CA VAL F 121 30.07 -2.75 -20.03
C VAL F 121 28.78 -2.02 -19.66
N VAL F 122 28.90 -0.83 -19.08
CA VAL F 122 27.71 -0.13 -18.61
C VAL F 122 26.87 0.35 -19.78
N GLU F 123 27.50 0.62 -20.91
CA GLU F 123 26.76 1.03 -22.10
C GLU F 123 25.91 -0.10 -22.64
N THR F 124 26.48 -1.31 -22.69
CA THR F 124 25.71 -2.48 -23.08
C THR F 124 24.55 -2.74 -22.12
N LEU F 125 24.81 -2.64 -20.81
CA LEU F 125 23.73 -2.76 -19.84
C LEU F 125 22.62 -1.76 -20.16
N ALA F 126 23.00 -0.51 -20.37
CA ALA F 126 22.01 0.53 -20.66
C ALA F 126 21.24 0.21 -21.94
N GLN F 127 21.90 -0.46 -22.89
CA GLN F 127 21.28 -0.72 -24.19
C GLN F 127 20.16 -1.72 -24.07
N TYR F 128 20.32 -2.75 -23.23
CA TYR F 128 19.40 -3.88 -23.14
C TYR F 128 18.58 -3.96 -21.87
N ALA F 129 18.84 -3.12 -20.86
CA ALA F 129 18.15 -3.30 -19.59
C ALA F 129 16.66 -2.97 -19.72
N GLY F 130 16.33 -1.94 -20.47
CA GLY F 130 14.97 -1.45 -20.50
C GLY F 130 14.55 -0.66 -19.28
N VAL F 131 15.46 -0.43 -18.34
CA VAL F 131 15.23 0.51 -17.25
C VAL F 131 16.47 1.37 -17.16
N PRO F 132 16.45 2.49 -16.44
CA PRO F 132 17.64 3.34 -16.36
C PRO F 132 18.84 2.60 -15.76
N VAL F 133 20.02 2.93 -16.27
CA VAL F 133 21.29 2.42 -15.78
C VAL F 133 22.16 3.61 -15.41
N TRP F 134 22.79 3.57 -14.22
CA TRP F 134 23.61 4.66 -13.72
C TRP F 134 25.04 4.19 -13.51
N ASN F 135 25.98 4.94 -14.06
CA ASN F 135 27.41 4.64 -13.97
C ASN F 135 27.95 5.16 -12.64
N GLY F 136 28.09 4.29 -11.66
CA GLY F 136 28.76 4.68 -10.43
C GLY F 136 30.28 4.63 -10.48
N LEU F 137 30.85 4.31 -11.65
CA LEU F 137 32.28 4.41 -11.96
C LEU F 137 32.72 3.30 -12.90
N THR F 138 33.37 3.70 -13.99
CA THR F 138 34.04 2.78 -14.89
C THR F 138 35.49 3.20 -15.04
N ASN F 139 36.28 2.30 -15.65
CA ASN F 139 37.64 2.65 -16.02
C ASN F 139 37.71 4.03 -16.66
N GLU F 140 36.71 4.40 -17.45
CA GLU F 140 36.78 5.61 -18.26
C GLU F 140 36.03 6.80 -17.67
N PHE F 141 34.96 6.61 -16.89
CA PHE F 141 34.21 7.75 -16.37
C PHE F 141 33.72 7.47 -14.95
N HIS F 142 33.28 8.57 -14.31
CA HIS F 142 32.89 8.67 -12.92
C HIS F 142 31.99 9.90 -12.77
N PRO F 143 30.86 9.91 -13.47
CA PRO F 143 30.04 11.13 -13.48
C PRO F 143 29.40 11.45 -12.15
N THR F 144 29.10 10.45 -11.31
CA THR F 144 28.43 10.76 -10.05
C THR F 144 29.35 11.53 -9.11
N GLN F 145 30.63 11.17 -9.08
CA GLN F 145 31.61 11.93 -8.31
C GLN F 145 31.58 13.41 -8.67
N LEU F 146 31.62 13.73 -9.97
CA LEU F 146 31.74 15.13 -10.38
C LEU F 146 30.45 15.92 -10.13
N LEU F 147 29.28 15.29 -10.22
CA LEU F 147 28.08 15.98 -9.76
C LEU F 147 28.24 16.43 -8.33
N ALA F 148 28.73 15.53 -7.46
CA ALA F 148 28.90 15.87 -6.06
C ALA F 148 29.93 16.97 -5.92
N ASP F 149 31.05 16.83 -6.62
CA ASP F 149 32.09 17.85 -6.63
C ASP F 149 31.53 19.21 -6.99
N LEU F 150 30.67 19.27 -8.01
CA LEU F 150 30.18 20.57 -8.46
C LEU F 150 29.23 21.17 -7.44
N LEU F 151 28.35 20.36 -6.86
CA LEU F 151 27.51 20.86 -5.78
C LEU F 151 28.36 21.38 -4.64
N THR F 152 29.50 20.73 -4.38
CA THR F 152 30.34 21.16 -3.26
C THR F 152 31.00 22.48 -3.59
N MET F 153 31.38 22.67 -4.87
CA MET F 153 31.98 23.93 -5.31
C MET F 153 30.98 25.07 -5.27
N LYS F 154 29.73 24.81 -5.66
CA LYS F 154 28.71 25.87 -5.61
C LYS F 154 28.44 26.29 -4.19
N GLU F 155 28.43 25.34 -3.26
CA GLU F 155 28.01 25.66 -1.90
C GLU F 155 29.08 26.44 -1.14
N HIS F 156 30.35 26.09 -1.35
CA HIS F 156 31.47 26.72 -0.66
C HIS F 156 31.97 27.99 -1.36
N LEU F 157 31.48 28.28 -2.57
CA LEU F 157 31.77 29.53 -3.27
C LEU F 157 30.44 30.14 -3.76
N PRO F 158 29.56 30.52 -2.81
CA PRO F 158 28.12 30.67 -3.13
C PRO F 158 27.77 31.63 -4.25
N GLY F 159 28.51 32.73 -4.42
CA GLY F 159 28.11 33.73 -5.38
C GLY F 159 29.05 33.77 -6.57
N LYS F 160 29.03 32.69 -7.35
CA LYS F 160 30.00 32.54 -8.41
C LYS F 160 29.58 31.39 -9.32
N ALA F 161 29.35 31.69 -10.59
CA ALA F 161 29.17 30.67 -11.60
C ALA F 161 30.46 29.89 -11.79
N PHE F 162 30.34 28.71 -12.42
CA PHE F 162 31.50 27.86 -12.63
C PHE F 162 32.47 28.46 -13.63
N ASN F 163 31.97 29.20 -14.61
CA ASN F 163 32.91 29.90 -15.48
C ASN F 163 33.61 31.10 -14.77
N GLN F 164 33.41 31.29 -13.46
CA GLN F 164 34.17 32.22 -12.65
C GLN F 164 35.11 31.53 -11.66
N MET F 165 35.10 30.20 -11.59
CA MET F 165 35.94 29.45 -10.69
C MET F 165 37.08 28.76 -11.44
N THR F 166 38.15 28.47 -10.70
CA THR F 166 39.30 27.73 -11.21
C THR F 166 39.42 26.45 -10.40
N LEU F 167 39.58 25.32 -11.09
CA LEU F 167 39.75 24.03 -10.44
C LEU F 167 41.08 23.43 -10.87
N VAL F 168 41.85 22.99 -9.88
CA VAL F 168 43.07 22.23 -10.10
C VAL F 168 42.81 20.78 -9.70
N TYR F 169 43.09 19.86 -10.61
CA TYR F 169 43.24 18.45 -10.28
C TYR F 169 44.69 18.08 -10.51
N ALA F 170 45.30 17.50 -9.48
CA ALA F 170 46.72 17.17 -9.49
C ALA F 170 46.91 15.67 -9.46
N GLY F 171 48.02 15.21 -10.05
CA GLY F 171 48.45 13.83 -9.93
C GLY F 171 48.22 13.02 -11.18
N ASP F 172 47.59 11.85 -11.06
CA ASP F 172 47.32 10.98 -12.21
C ASP F 172 45.97 11.40 -12.80
N ALA F 173 46.03 12.03 -13.98
CA ALA F 173 44.83 12.48 -14.68
C ALA F 173 44.52 11.63 -15.90
N ARG F 174 45.25 10.53 -16.10
CA ARG F 174 45.01 9.64 -17.23
C ARG F 174 44.13 8.47 -16.76
N ASN F 175 42.85 8.80 -16.56
CA ASN F 175 41.94 7.91 -15.86
C ASN F 175 40.56 8.52 -15.76
N ASN F 176 39.63 7.85 -15.05
CA ASN F 176 38.25 8.29 -15.05
C ASN F 176 38.08 9.66 -14.38
N MET F 177 38.88 9.98 -13.37
CA MET F 177 38.81 11.31 -12.77
C MET F 177 39.30 12.37 -13.75
N GLY F 178 40.40 12.09 -14.44
CA GLY F 178 40.85 12.99 -15.50
C GLY F 178 39.79 13.23 -16.57
N ASN F 179 39.27 12.16 -17.17
CA ASN F 179 38.29 12.34 -18.22
C ASN F 179 37.03 13.01 -17.68
N SER F 180 36.71 12.79 -16.41
CA SER F 180 35.50 13.36 -15.83
C SER F 180 35.68 14.83 -15.47
N MET F 181 36.89 15.22 -15.06
CA MET F 181 37.22 16.64 -14.96
C MET F 181 37.00 17.34 -16.30
N LEU F 182 37.60 16.82 -17.36
CA LEU F 182 37.43 17.41 -18.69
C LEU F 182 35.95 17.56 -19.00
N GLU F 183 35.15 16.51 -18.75
CA GLU F 183 33.71 16.59 -18.97
C GLU F 183 33.07 17.69 -18.14
N ALA F 184 33.30 17.67 -16.82
CA ALA F 184 32.70 18.66 -15.96
C ALA F 184 33.06 20.08 -16.41
N ALA F 185 34.31 20.29 -16.81
CA ALA F 185 34.70 21.57 -17.39
C ALA F 185 33.90 21.88 -18.66
N ALA F 186 33.85 20.92 -19.60
CA ALA F 186 33.19 21.17 -20.89
C ALA F 186 31.76 21.68 -20.73
N LEU F 187 31.05 21.25 -19.68
CA LEU F 187 29.64 21.56 -19.52
C LEU F 187 29.40 22.78 -18.65
N THR F 188 30.40 23.24 -17.92
CA THR F 188 30.21 24.26 -16.91
C THR F 188 31.04 25.51 -17.14
N GLY F 189 32.16 25.40 -17.82
CA GLY F 189 33.05 26.52 -17.99
C GLY F 189 34.12 26.68 -16.92
N LEU F 190 34.34 25.68 -16.08
CA LEU F 190 35.45 25.74 -15.15
C LEU F 190 36.73 26.07 -15.90
N ASP F 191 37.63 26.79 -15.21
CA ASP F 191 39.00 26.98 -15.68
C ASP F 191 39.82 25.86 -15.06
N LEU F 192 39.76 24.69 -15.70
CA LEU F 192 40.43 23.49 -15.20
C LEU F 192 41.90 23.51 -15.56
N ARG F 193 42.73 23.08 -14.59
CA ARG F 193 44.13 22.80 -14.85
C ARG F 193 44.42 21.40 -14.38
N LEU F 194 45.01 20.58 -15.26
CA LEU F 194 45.44 19.24 -14.91
C LEU F 194 46.95 19.29 -14.67
N VAL F 195 47.32 19.67 -13.45
CA VAL F 195 48.71 19.72 -13.02
C VAL F 195 49.21 18.31 -12.86
N ALA F 196 49.83 17.76 -13.89
CA ALA F 196 50.19 16.35 -13.89
C ALA F 196 51.40 16.16 -14.79
N PRO F 197 52.19 15.09 -14.56
CA PRO F 197 53.19 14.68 -15.56
C PRO F 197 52.54 14.24 -16.87
N SER F 198 53.20 14.58 -17.99
CA SER F 198 52.59 14.44 -19.30
C SER F 198 52.30 12.98 -19.65
N ALA F 199 53.05 12.04 -19.07
CA ALA F 199 52.66 10.64 -19.22
C ALA F 199 51.31 10.35 -18.56
N CYS F 200 50.85 11.22 -17.68
CA CYS F 200 49.58 11.05 -16.97
C CYS F 200 48.53 12.04 -17.44
N TRP F 201 48.58 12.43 -18.68
CA TRP F 201 47.49 13.25 -19.18
C TRP F 201 46.43 12.38 -19.83
N PRO F 202 45.18 12.84 -19.85
CA PRO F 202 44.11 12.06 -20.50
C PRO F 202 44.29 12.06 -22.02
N GLU F 203 43.47 11.22 -22.67
CA GLU F 203 43.48 11.09 -24.13
C GLU F 203 43.38 12.44 -24.81
N ALA F 204 44.34 12.72 -25.71
CA ALA F 204 44.39 14.00 -26.41
C ALA F 204 43.07 14.33 -27.09
N ALA F 205 42.49 13.37 -27.82
CA ALA F 205 41.25 13.62 -28.55
C ALA F 205 40.17 14.17 -27.62
N LEU F 206 39.93 13.48 -26.51
CA LEU F 206 38.97 13.95 -25.51
C LEU F 206 39.33 15.34 -25.01
N VAL F 207 40.63 15.61 -24.77
CA VAL F 207 41.05 16.92 -24.32
C VAL F 207 40.61 18.01 -25.30
N GLU F 208 40.87 17.79 -26.60
CA GLU F 208 40.54 18.80 -27.61
C GLU F 208 39.04 19.08 -27.65
N THR F 209 38.23 18.01 -27.68
CA THR F 209 36.78 18.20 -27.71
C THR F 209 36.30 18.95 -26.47
N CYS F 210 36.76 18.54 -25.27
CA CYS F 210 36.28 19.17 -24.05
C CYS F 210 36.87 20.57 -23.87
N THR F 211 38.13 20.77 -24.28
CA THR F 211 38.69 22.11 -24.20
C THR F 211 37.81 23.10 -24.95
N ALA F 212 37.42 22.76 -26.18
CA ALA F 212 36.64 23.67 -27.01
C ALA F 212 35.25 23.93 -26.42
N LEU F 213 34.60 22.90 -25.88
CA LEU F 213 33.31 23.08 -25.24
C LEU F 213 33.43 23.94 -23.99
N ALA F 214 34.48 23.72 -23.20
CA ALA F 214 34.68 24.51 -21.98
C ALA F 214 34.81 25.98 -22.33
N LYS F 215 35.60 26.30 -23.36
CA LYS F 215 35.80 27.70 -23.71
C LYS F 215 34.47 28.36 -24.03
N GLN F 216 33.63 27.70 -24.84
CA GLN F 216 32.36 28.31 -25.22
C GLN F 216 31.45 28.55 -24.02
N GLN F 217 31.63 27.81 -22.94
CA GLN F 217 30.90 28.07 -21.72
C GLN F 217 31.64 29.06 -20.82
N GLY F 218 32.77 29.59 -21.27
CA GLY F 218 33.46 30.63 -20.55
C GLY F 218 34.62 30.17 -19.71
N GLY F 219 35.27 29.07 -20.08
CA GLY F 219 36.28 28.47 -19.23
C GLY F 219 37.50 28.08 -20.02
N ASN F 220 38.18 27.03 -19.56
CA ASN F 220 39.38 26.60 -20.25
C ASN F 220 39.86 25.31 -19.61
N ILE F 221 40.76 24.63 -20.31
CA ILE F 221 41.45 23.45 -19.81
C ILE F 221 42.93 23.60 -20.12
N THR F 222 43.77 23.39 -19.12
CA THR F 222 45.21 23.39 -19.32
C THR F 222 45.80 22.13 -18.72
N LEU F 223 46.60 21.44 -19.50
CA LEU F 223 47.43 20.33 -19.03
C LEU F 223 48.84 20.87 -18.89
N THR F 224 49.46 20.62 -17.74
CA THR F 224 50.75 21.23 -17.52
C THR F 224 51.47 20.50 -16.40
N GLU F 225 52.79 20.40 -16.56
CA GLU F 225 53.66 19.88 -15.53
C GLU F 225 54.16 20.97 -14.58
N ASP F 226 53.81 22.24 -14.82
CA ASP F 226 54.34 23.38 -14.05
C ASP F 226 53.35 23.73 -12.94
N ILE F 227 53.69 23.36 -11.70
CA ILE F 227 52.75 23.47 -10.59
C ILE F 227 52.41 24.94 -10.32
N ALA F 228 53.44 25.79 -10.19
CA ALA F 228 53.22 27.19 -9.83
C ALA F 228 52.28 27.86 -10.82
N ALA F 229 52.54 27.67 -12.12
CA ALA F 229 51.67 28.25 -13.13
C ALA F 229 50.33 27.51 -13.18
N GLY F 230 50.36 26.19 -12.98
CA GLY F 230 49.10 25.46 -12.97
C GLY F 230 48.13 25.94 -11.91
N VAL F 231 48.63 26.25 -10.70
CA VAL F 231 47.78 26.48 -9.54
C VAL F 231 47.58 27.96 -9.22
N LYS F 232 48.24 28.87 -9.93
CA LYS F 232 48.03 30.30 -9.72
C LYS F 232 46.56 30.65 -9.95
N GLY F 233 45.89 31.14 -8.90
CA GLY F 233 44.51 31.58 -8.97
C GLY F 233 43.47 30.54 -8.54
N ALA F 234 43.88 29.32 -8.22
CA ALA F 234 42.93 28.23 -8.05
C ALA F 234 42.00 28.51 -6.88
N ASP F 235 40.70 28.24 -7.09
CA ASP F 235 39.70 28.29 -6.04
C ASP F 235 39.56 26.97 -5.30
N PHE F 236 39.81 25.86 -5.98
CA PHE F 236 39.84 24.55 -5.36
C PHE F 236 41.00 23.77 -5.93
N ILE F 237 41.67 23.02 -5.07
CA ILE F 237 42.67 22.03 -5.47
C ILE F 237 42.07 20.65 -5.20
N TYR F 238 42.36 19.70 -6.08
CA TYR F 238 41.74 18.38 -6.07
C TYR F 238 42.83 17.34 -6.33
N THR F 239 42.77 16.21 -5.64
CA THR F 239 43.68 15.11 -5.96
C THR F 239 43.05 13.77 -5.62
N ASP F 240 43.82 12.70 -5.86
CA ASP F 240 43.37 11.33 -5.65
C ASP F 240 44.61 10.45 -5.55
N VAL F 241 44.41 9.25 -4.99
CA VAL F 241 45.52 8.34 -4.78
C VAL F 241 46.26 8.09 -6.12
N TRP F 242 47.54 7.70 -6.00
CA TRP F 242 48.38 7.43 -7.16
C TRP F 242 48.39 5.96 -7.55
N VAL F 243 48.09 5.05 -6.62
CA VAL F 243 48.32 3.63 -6.77
C VAL F 243 47.01 2.88 -6.57
N SER F 244 47.05 1.58 -6.85
CA SER F 244 45.89 0.71 -6.68
C SER F 244 46.36 -0.65 -6.16
N MET F 245 45.44 -1.37 -5.53
CA MET F 245 45.71 -2.73 -5.06
C MET F 245 46.09 -3.67 -6.21
N GLU F 250 56.82 -2.86 -7.16
CA GLU F 250 57.51 -2.55 -8.41
C GLU F 250 56.70 -1.54 -9.23
N LYS F 251 55.42 -1.87 -9.49
CA LYS F 251 54.52 -0.88 -10.08
C LYS F 251 54.24 0.25 -9.10
N TRP F 252 54.09 -0.08 -7.81
CA TRP F 252 53.94 0.95 -6.78
C TRP F 252 55.11 1.92 -6.80
N ALA F 253 56.33 1.36 -6.84
CA ALA F 253 57.53 2.19 -6.79
C ALA F 253 57.62 3.10 -8.03
N GLU F 254 57.18 2.61 -9.19
CA GLU F 254 57.21 3.42 -10.40
C GLU F 254 56.22 4.58 -10.31
N ARG F 255 55.03 4.34 -9.77
CA ARG F 255 54.04 5.40 -9.66
C ARG F 255 54.52 6.49 -8.72
N ILE F 256 54.92 6.09 -7.50
CA ILE F 256 55.30 7.04 -6.47
C ILE F 256 56.37 7.99 -6.98
N ALA F 257 57.44 7.41 -7.55
CA ALA F 257 58.49 8.24 -8.11
C ALA F 257 57.95 9.20 -9.16
N LEU F 258 57.11 8.69 -10.08
CA LEU F 258 56.54 9.54 -11.12
C LEU F 258 55.70 10.66 -10.53
N LEU F 259 54.97 10.40 -9.45
CA LEU F 259 53.92 11.31 -9.00
C LEU F 259 54.23 12.07 -7.71
N ARG F 260 55.22 11.66 -6.93
CA ARG F 260 55.35 12.25 -5.59
C ARG F 260 55.59 13.75 -5.63
N ASP F 261 56.12 14.29 -6.73
CA ASP F 261 56.37 15.72 -6.78
C ASP F 261 55.08 16.52 -6.90
N TYR F 262 53.95 15.85 -7.20
CA TYR F 262 52.67 16.49 -7.39
C TYR F 262 51.75 16.31 -6.20
N GLN F 263 52.30 15.86 -5.07
CA GLN F 263 51.56 15.90 -3.81
C GLN F 263 50.97 17.28 -3.57
N VAL F 264 49.67 17.31 -3.26
CA VAL F 264 49.06 18.51 -2.71
C VAL F 264 49.56 18.69 -1.28
N ASN F 265 50.20 19.84 -1.01
CA ASN F 265 50.71 20.13 0.32
C ASN F 265 50.62 21.63 0.57
N SER F 266 50.95 22.02 1.80
CA SER F 266 50.87 23.43 2.17
C SER F 266 51.59 24.33 1.17
N ALA F 267 52.75 23.88 0.68
CA ALA F 267 53.47 24.65 -0.34
C ALA F 267 52.62 24.82 -1.62
N MET F 268 52.09 23.72 -2.17
CA MET F 268 51.28 23.83 -3.38
C MET F 268 50.08 24.74 -3.15
N LEU F 269 49.47 24.67 -1.97
CA LEU F 269 48.34 25.55 -1.68
C LEU F 269 48.82 27.00 -1.57
N ALA F 270 49.98 27.21 -0.95
CA ALA F 270 50.51 28.56 -0.80
C ALA F 270 50.79 29.21 -2.15
N LEU F 271 51.33 28.44 -3.09
CA LEU F 271 51.59 28.95 -4.43
C LEU F 271 50.35 29.49 -5.13
N THR F 272 49.16 29.33 -4.55
CA THR F 272 47.97 29.78 -5.25
C THR F 272 47.78 31.30 -5.16
N GLY F 273 48.27 31.92 -4.10
CA GLY F 273 47.90 33.29 -3.86
C GLY F 273 46.46 33.49 -3.46
N ASN F 274 45.66 32.42 -3.39
CA ASN F 274 44.29 32.55 -2.93
C ASN F 274 44.21 32.10 -1.48
N PRO F 275 43.72 32.96 -0.56
CA PRO F 275 43.59 32.52 0.84
C PRO F 275 42.35 31.68 1.11
N GLN F 276 41.36 31.69 0.20
CA GLN F 276 40.16 30.87 0.36
C GLN F 276 40.22 29.58 -0.44
N VAL F 277 41.40 29.19 -0.93
CA VAL F 277 41.52 27.93 -1.64
C VAL F 277 41.02 26.78 -0.77
N LYS F 278 40.22 25.90 -1.35
CA LYS F 278 39.73 24.71 -0.67
C LYS F 278 40.37 23.48 -1.28
N PHE F 279 40.23 22.35 -0.58
CA PHE F 279 40.82 21.09 -0.99
C PHE F 279 39.73 20.03 -1.08
N LEU F 280 39.70 19.31 -2.20
CA LEU F 280 38.74 18.27 -2.50
C LEU F 280 39.48 16.95 -2.74
N HIS F 281 38.84 15.86 -2.34
CA HIS F 281 39.42 14.53 -2.53
C HIS F 281 38.27 13.55 -2.63
N CYS F 282 38.24 12.77 -3.71
CA CYS F 282 37.11 11.87 -3.92
C CYS F 282 37.09 10.72 -2.92
N LEU F 283 38.20 10.43 -2.25
CA LEU F 283 38.32 9.41 -1.20
C LEU F 283 38.32 8.02 -1.79
N PRO F 284 38.91 7.02 -1.10
CA PRO F 284 39.66 7.14 0.14
C PRO F 284 41.01 7.84 -0.08
N ALA F 285 41.59 8.43 0.96
CA ALA F 285 42.82 9.21 0.84
C ALA F 285 43.95 8.50 1.57
N PHE F 286 45.18 8.75 1.11
CA PHE F 286 46.39 8.19 1.71
C PHE F 286 47.19 9.35 2.29
N HIS F 287 46.77 9.81 3.47
CA HIS F 287 47.32 10.99 4.11
C HIS F 287 47.87 10.73 5.51
N ASP F 288 47.48 9.63 6.14
CA ASP F 288 47.85 9.32 7.52
C ASP F 288 49.00 8.31 7.48
N ASP F 289 50.14 8.68 8.04
CA ASP F 289 51.28 7.78 8.08
C ASP F 289 51.35 6.95 9.36
N GLN F 290 50.29 6.97 10.18
CA GLN F 290 50.20 6.09 11.33
C GLN F 290 49.39 4.83 11.09
N THR F 291 48.77 4.70 9.92
CA THR F 291 48.12 3.44 9.56
C THR F 291 49.16 2.40 9.16
N THR F 292 48.75 1.14 9.09
CA THR F 292 49.70 0.10 8.72
C THR F 292 50.36 0.43 7.39
N LEU F 293 49.59 0.95 6.43
CA LEU F 293 50.12 1.28 5.12
C LEU F 293 50.89 2.59 5.14
N GLY F 294 50.36 3.60 5.85
CA GLY F 294 51.06 4.87 5.94
C GLY F 294 52.45 4.73 6.54
N LYS F 295 52.61 3.88 7.56
CA LYS F 295 53.95 3.68 8.13
C LYS F 295 54.83 2.89 7.19
N GLN F 296 54.24 2.06 6.33
CA GLN F 296 55.02 1.29 5.37
C GLN F 296 55.52 2.17 4.22
N MET F 297 54.81 3.25 3.91
CA MET F 297 55.23 4.12 2.82
C MET F 297 56.27 5.13 3.30
N ALA F 298 56.10 5.65 4.51
CA ALA F 298 57.13 6.50 5.09
C ALA F 298 58.46 5.76 5.20
N ALA F 299 58.42 4.49 5.59
CA ALA F 299 59.65 3.73 5.75
C ALA F 299 60.23 3.26 4.42
N ASP F 300 59.39 2.85 3.47
CA ASP F 300 59.87 2.24 2.23
C ASP F 300 60.21 3.27 1.16
N TYR F 301 59.39 4.34 1.05
CA TYR F 301 59.54 5.36 0.01
C TYR F 301 59.67 6.76 0.61
N GLY F 302 59.99 6.87 1.89
CA GLY F 302 60.22 8.16 2.52
C GLY F 302 59.04 9.10 2.44
N LEU F 303 57.83 8.57 2.35
CA LEU F 303 56.64 9.40 2.24
C LEU F 303 56.13 9.73 3.65
N HIS F 304 56.87 10.61 4.31
CA HIS F 304 56.48 11.10 5.62
C HIS F 304 55.38 12.15 5.47
N GLY F 305 54.48 12.19 6.44
CA GLY F 305 53.45 13.19 6.46
C GLY F 305 52.29 12.96 5.50
N GLY F 306 52.41 11.99 4.60
CA GLY F 306 51.33 11.71 3.66
C GLY F 306 51.80 11.29 2.28
N MET F 307 50.86 10.85 1.43
CA MET F 307 51.19 10.45 0.07
C MET F 307 50.77 11.53 -0.93
N GLU F 308 49.64 11.35 -1.62
CA GLU F 308 49.19 12.34 -2.61
C GLU F 308 48.67 13.62 -1.97
N VAL F 309 48.42 13.62 -0.66
CA VAL F 309 48.08 14.82 0.08
C VAL F 309 48.60 14.63 1.50
N THR F 310 49.00 15.73 2.13
CA THR F 310 49.54 15.65 3.49
C THR F 310 48.40 15.67 4.50
N ASP F 311 48.63 15.00 5.63
CA ASP F 311 47.66 15.08 6.72
C ASP F 311 47.38 16.52 7.08
N GLU F 312 48.46 17.31 7.21
CA GLU F 312 48.38 18.74 7.43
C GLU F 312 47.28 19.38 6.57
N VAL F 313 47.38 19.24 5.24
CA VAL F 313 46.40 19.84 4.35
C VAL F 313 45.03 19.16 4.49
N PHE F 314 45.04 17.84 4.49
CA PHE F 314 43.79 17.08 4.61
C PHE F 314 42.94 17.56 5.78
N GLU F 315 43.54 17.76 6.97
CA GLU F 315 42.82 18.13 8.18
C GLU F 315 42.60 19.63 8.33
N SER F 316 43.39 20.45 7.64
CA SER F 316 43.24 21.91 7.65
C SER F 316 41.81 22.35 7.34
N ALA F 317 41.48 23.60 7.64
CA ALA F 317 40.15 24.16 7.36
C ALA F 317 39.95 24.53 5.90
N ALA F 318 40.94 24.31 5.04
CA ALA F 318 40.72 24.41 3.60
C ALA F 318 40.13 23.13 3.02
N SER F 319 40.25 22.00 3.73
CA SER F 319 39.71 20.72 3.28
C SER F 319 38.19 20.67 3.51
N VAL F 320 37.44 20.32 2.47
CA VAL F 320 35.99 20.20 2.58
C VAL F 320 35.58 18.80 2.12
N VAL F 321 36.51 17.85 2.24
CA VAL F 321 36.30 16.50 1.73
C VAL F 321 35.04 15.86 2.30
N PHE F 322 34.71 16.10 3.58
CA PHE F 322 33.53 15.43 4.14
C PHE F 322 32.23 16.11 3.72
N ASP F 323 32.28 17.41 3.41
CA ASP F 323 31.17 18.02 2.70
C ASP F 323 31.02 17.42 1.31
N GLN F 324 32.16 17.11 0.69
CA GLN F 324 32.17 16.58 -0.66
C GLN F 324 31.67 15.15 -0.68
N ALA F 325 32.00 14.38 0.37
CA ALA F 325 31.54 13.00 0.48
C ALA F 325 30.05 12.92 0.80
N GLU F 326 29.54 13.76 1.70
CA GLU F 326 28.10 13.78 1.92
C GLU F 326 27.38 14.07 0.62
N ASN F 327 27.92 14.97 -0.19
CA ASN F 327 27.23 15.38 -1.40
C ASN F 327 27.15 14.27 -2.45
N ARG F 328 27.96 13.21 -2.32
CA ARG F 328 27.77 12.03 -3.17
C ARG F 328 26.34 11.53 -3.09
N MET F 329 25.78 11.48 -1.88
CA MET F 329 24.45 10.89 -1.71
C MET F 329 23.37 11.79 -2.27
N HIS F 330 23.48 13.10 -2.03
CA HIS F 330 22.45 14.03 -2.49
C HIS F 330 22.38 14.11 -4.01
N THR F 331 23.53 14.03 -4.70
CA THR F 331 23.52 14.07 -6.16
C THR F 331 23.12 12.73 -6.76
N ILE F 332 23.46 11.61 -6.09
CA ILE F 332 22.98 10.30 -6.51
C ILE F 332 21.48 10.21 -6.30
N LYS F 333 20.98 10.81 -5.22
CA LYS F 333 19.53 10.81 -5.03
C LYS F 333 18.85 11.55 -6.15
N ALA F 334 19.43 12.67 -6.60
CA ALA F 334 18.84 13.48 -7.66
C ALA F 334 18.72 12.70 -8.96
N VAL F 335 19.77 11.98 -9.33
CA VAL F 335 19.76 11.19 -10.55
C VAL F 335 18.64 10.16 -10.53
N MET F 336 18.52 9.41 -9.42
CA MET F 336 17.54 8.33 -9.35
C MET F 336 16.11 8.86 -9.39
N VAL F 337 15.83 9.92 -8.64
CA VAL F 337 14.49 10.50 -8.68
C VAL F 337 14.19 11.01 -10.08
N ALA F 338 15.14 11.70 -10.72
CA ALA F 338 14.88 12.32 -12.01
C ALA F 338 14.64 11.28 -13.10
N THR F 339 15.33 10.14 -13.02
CA THR F 339 15.20 9.11 -14.04
C THR F 339 14.12 8.09 -13.74
N LEU F 340 13.66 7.96 -12.49
CA LEU F 340 12.67 6.94 -12.14
C LEU F 340 11.26 7.46 -11.93
N SER F 341 11.06 8.75 -11.66
CA SER F 341 9.69 9.25 -11.45
C SER F 341 9.39 10.53 -12.24
#